data_7ENQ
#
_entry.id   7ENQ
#
_cell.length_a   86.241
_cell.length_b   93.627
_cell.length_c   242.614
_cell.angle_alpha   90.000
_cell.angle_beta   90.000
_cell.angle_gamma   90.000
#
_symmetry.space_group_name_H-M   'P 21 21 21'
#
loop_
_entity.id
_entity.type
_entity.pdbx_description
1 polymer 'Nicotinamide phosphoribosyltransferase'
2 non-polymer 2-(2-~{tert}-butylphenoxy)-~{N}-(4-hydroxyphenyl)ethanamide
3 non-polymer 'PHOSPHATE ION'
4 water water
#
_entity_poly.entity_id   1
_entity_poly.type   'polypeptide(L)'
_entity_poly.pdbx_seq_one_letter_code
;MNPAAEAEFNILLATDSYKVTHYKQYPPNTSKVYSYFECREKKTENSKLRKVKYEETVFYGLQYILNKYLKGKVVTKEKI
QEAKDVYKEHFQDDVFNEKGWNYILEKYDGHLPIEIKAVPEGFVIPRGNVLFTVENTDPECYWLTNWIETILVQSWYPIT
VATNSREQKKILAKYLLETSGNLDGLEYKLHDFGYRGVSSQETAGIGASAHLVNFKGTDTVAGLALIKKYYGTKDPVPGY
SVPAAEHSTITAWGKDHEKDAFEHIVTQFSSVPVSVVSDSYDIYNACEKIWGEDLRHLIVSRSTQAPLIIRPDSGNPLDT
VLKVLEILGKKFPVTENSKGYKLLPPYLRVIQGDGVDINTLQEIVEGMKQKMWSIENIAFGSGGGLLQKLTRDLLNCSFK
CSYVVTNGLGINVFKDPVADPNKRSKKGRLSLHRTPAGNFVTLEEGKGDLEEYGQDLLHTVFKNGKVTKSYSFDEIRKNA
QLNIELEAAHHHHHHHH
;
_entity_poly.pdbx_strand_id   A,B,C,D
#
# COMPACT_ATOMS: atom_id res chain seq x y z
N GLU A 8 6.11 5.41 -6.52
CA GLU A 8 6.54 4.05 -6.20
C GLU A 8 7.35 3.44 -7.34
N PHE A 9 7.50 2.12 -7.29
CA PHE A 9 8.21 1.36 -8.30
C PHE A 9 7.23 0.95 -9.40
N ASN A 10 7.68 1.07 -10.65
CA ASN A 10 6.83 0.78 -11.81
C ASN A 10 7.57 -0.20 -12.71
N ILE A 11 7.11 -1.45 -12.71
CA ILE A 11 7.80 -2.51 -13.45
C ILE A 11 7.83 -2.23 -14.94
N LEU A 12 6.90 -1.41 -15.45
CA LEU A 12 6.94 -1.05 -16.86
C LEU A 12 8.09 -0.12 -17.19
N LEU A 13 8.74 0.47 -16.18
CA LEU A 13 9.96 1.26 -16.36
C LEU A 13 11.17 0.58 -15.73
N ALA A 14 11.14 -0.74 -15.60
CA ALA A 14 12.20 -1.49 -14.94
C ALA A 14 12.75 -2.58 -15.88
N THR A 15 13.17 -2.16 -17.07
CA THR A 15 13.77 -3.07 -18.04
C THR A 15 14.66 -2.26 -18.98
N ASP A 16 15.53 -2.97 -19.70
CA ASP A 16 16.37 -2.34 -20.71
C ASP A 16 15.50 -1.79 -21.83
N SER A 17 15.86 -0.59 -22.31
CA SER A 17 15.02 0.14 -23.26
C SER A 17 14.70 -0.70 -24.49
N TYR A 18 15.71 -1.37 -25.06
CA TYR A 18 15.46 -2.13 -26.28
C TYR A 18 14.46 -3.27 -26.06
N LYS A 19 14.29 -3.75 -24.83
CA LYS A 19 13.30 -4.79 -24.59
C LYS A 19 11.87 -4.29 -24.73
N VAL A 20 11.65 -2.97 -24.64
CA VAL A 20 10.32 -2.42 -24.82
C VAL A 20 9.81 -2.70 -26.22
N THR A 21 10.71 -2.80 -27.20
CA THR A 21 10.32 -2.98 -28.59
C THR A 21 10.33 -4.44 -29.03
N HIS A 22 10.55 -5.38 -28.10
CA HIS A 22 10.73 -6.78 -28.50
C HIS A 22 9.45 -7.46 -28.96
N TYR A 23 8.28 -6.95 -28.56
CA TYR A 23 7.03 -7.59 -28.96
C TYR A 23 6.77 -7.50 -30.46
N LYS A 24 7.54 -6.70 -31.19
CA LYS A 24 7.42 -6.57 -32.63
C LYS A 24 8.53 -7.30 -33.38
N GLN A 25 9.44 -7.97 -32.68
CA GLN A 25 10.63 -8.55 -33.30
C GLN A 25 10.57 -10.07 -33.43
N TYR A 26 9.59 -10.73 -32.85
CA TYR A 26 9.51 -12.18 -32.89
C TYR A 26 8.87 -12.66 -34.19
N PRO A 27 9.04 -13.94 -34.53
CA PRO A 27 8.36 -14.50 -35.70
C PRO A 27 6.86 -14.38 -35.55
N PRO A 28 6.10 -14.53 -36.65
CA PRO A 28 4.65 -14.42 -36.56
C PRO A 28 4.05 -15.58 -35.78
N ASN A 29 3.06 -15.26 -34.95
CA ASN A 29 2.33 -16.25 -34.16
C ASN A 29 3.26 -16.99 -33.20
N THR A 30 4.03 -16.22 -32.43
CA THR A 30 4.88 -16.75 -31.39
C THR A 30 4.12 -16.79 -30.07
N SER A 31 4.07 -17.98 -29.46
CA SER A 31 3.22 -18.22 -28.29
C SER A 31 3.99 -18.47 -27.01
N LYS A 32 5.29 -18.72 -27.07
CA LYS A 32 6.04 -19.10 -25.89
C LYS A 32 7.50 -18.73 -26.07
N VAL A 33 8.06 -18.09 -25.04
CA VAL A 33 9.48 -17.85 -24.93
C VAL A 33 9.93 -18.37 -23.58
N TYR A 34 10.97 -19.21 -23.59
CA TYR A 34 11.44 -19.92 -22.41
C TYR A 34 12.91 -19.62 -22.24
N SER A 35 13.31 -19.24 -21.02
CA SER A 35 14.66 -18.78 -20.77
C SER A 35 15.15 -19.31 -19.43
N TYR A 36 16.47 -19.30 -19.26
CA TYR A 36 17.09 -19.90 -18.09
C TYR A 36 18.31 -19.09 -17.67
N PHE A 37 18.69 -19.27 -16.41
CA PHE A 37 19.86 -18.63 -15.81
C PHE A 37 20.85 -19.69 -15.38
N GLU A 38 22.14 -19.41 -15.61
CA GLU A 38 23.20 -20.32 -15.19
C GLU A 38 24.47 -19.51 -14.91
N CYS A 39 25.41 -20.15 -14.22
CA CYS A 39 26.74 -19.60 -14.04
C CYS A 39 27.66 -20.43 -14.93
N ARG A 40 27.86 -19.97 -16.17
CA ARG A 40 28.64 -20.70 -17.15
C ARG A 40 30.03 -21.02 -16.65
N GLU A 41 30.62 -22.09 -17.20
CA GLU A 41 32.00 -22.45 -16.89
C GLU A 41 32.99 -21.41 -17.44
N LYS A 53 39.50 -20.26 -8.24
CA LYS A 53 38.49 -20.74 -9.17
C LYS A 53 37.22 -21.17 -8.44
N TYR A 54 36.09 -20.61 -8.85
CA TYR A 54 34.81 -20.84 -8.18
C TYR A 54 34.09 -21.96 -8.92
N GLU A 55 34.24 -23.18 -8.43
CA GLU A 55 33.68 -24.35 -9.12
C GLU A 55 32.21 -24.56 -8.79
N GLU A 56 31.76 -24.08 -7.64
CA GLU A 56 30.37 -24.26 -7.22
C GLU A 56 29.85 -22.94 -6.67
N THR A 57 28.55 -22.69 -6.89
CA THR A 57 27.93 -21.42 -6.55
C THR A 57 26.75 -21.64 -5.62
N VAL A 58 26.53 -20.67 -4.73
CA VAL A 58 25.40 -20.68 -3.82
C VAL A 58 24.25 -19.94 -4.49
N PHE A 59 23.10 -20.60 -4.63
CA PHE A 59 21.94 -19.94 -5.20
C PHE A 59 21.21 -19.20 -4.08
N TYR A 60 21.20 -17.87 -4.17
CA TYR A 60 20.55 -17.05 -3.16
C TYR A 60 20.13 -15.73 -3.77
N GLY A 61 18.97 -15.23 -3.36
CA GLY A 61 18.53 -13.88 -3.67
C GLY A 61 17.26 -13.79 -4.51
N LEU A 62 16.85 -14.89 -5.15
CA LEU A 62 15.69 -14.82 -6.03
C LEU A 62 14.42 -14.51 -5.25
N GLN A 63 14.27 -15.09 -4.06
CA GLN A 63 13.05 -14.89 -3.27
C GLN A 63 12.83 -13.42 -2.94
N TYR A 64 13.91 -12.69 -2.65
CA TYR A 64 13.79 -11.25 -2.43
C TYR A 64 13.23 -10.55 -3.66
N ILE A 65 13.74 -10.90 -4.84
CA ILE A 65 13.31 -10.26 -6.07
C ILE A 65 11.83 -10.57 -6.35
N LEU A 66 11.43 -11.84 -6.16
CA LEU A 66 10.04 -12.23 -6.43
C LEU A 66 9.06 -11.41 -5.60
N ASN A 67 9.34 -11.27 -4.30
CA ASN A 67 8.40 -10.58 -3.41
C ASN A 67 8.39 -9.08 -3.65
N LYS A 68 9.57 -8.47 -3.75
CA LYS A 68 9.63 -7.01 -3.78
C LYS A 68 9.18 -6.44 -5.13
N TYR A 69 9.44 -7.13 -6.24
CA TYR A 69 9.21 -6.55 -7.55
C TYR A 69 8.21 -7.30 -8.44
N LEU A 70 8.02 -8.60 -8.25
CA LEU A 70 7.26 -9.38 -9.22
C LEU A 70 5.88 -9.81 -8.75
N LYS A 71 5.66 -10.03 -7.45
CA LYS A 71 4.41 -10.62 -7.02
C LYS A 71 3.31 -9.57 -6.92
N GLY A 72 2.06 -10.05 -6.96
CA GLY A 72 0.92 -9.18 -6.75
C GLY A 72 0.55 -8.38 -7.98
N LYS A 73 -0.28 -7.37 -7.75
CA LYS A 73 -0.73 -6.46 -8.80
C LYS A 73 0.39 -5.46 -9.09
N VAL A 74 1.18 -5.74 -10.14
CA VAL A 74 2.28 -4.86 -10.51
C VAL A 74 1.95 -3.95 -11.69
N VAL A 75 0.83 -4.16 -12.37
CA VAL A 75 0.39 -3.32 -13.47
C VAL A 75 -0.85 -2.57 -13.05
N THR A 76 -0.87 -1.26 -13.30
CA THR A 76 -2.04 -0.42 -13.06
C THR A 76 -2.25 0.48 -14.27
N LYS A 77 -3.45 1.08 -14.33
CA LYS A 77 -3.78 1.97 -15.44
C LYS A 77 -2.90 3.22 -15.42
N GLU A 78 -2.54 3.69 -14.23
CA GLU A 78 -1.63 4.83 -14.12
C GLU A 78 -0.22 4.46 -14.55
N LYS A 79 0.26 3.28 -14.14
CA LYS A 79 1.60 2.85 -14.54
C LYS A 79 1.69 2.65 -16.04
N ILE A 80 0.61 2.22 -16.69
CA ILE A 80 0.63 2.09 -18.14
C ILE A 80 0.70 3.47 -18.79
N GLN A 81 -0.05 4.43 -18.26
CA GLN A 81 0.01 5.79 -18.79
C GLN A 81 1.35 6.43 -18.51
N GLU A 82 1.93 6.17 -17.33
CA GLU A 82 3.27 6.70 -17.02
C GLU A 82 4.30 6.17 -18.00
N ALA A 83 4.33 4.85 -18.21
CA ALA A 83 5.32 4.27 -19.11
C ALA A 83 5.13 4.75 -20.55
N LYS A 84 3.87 4.89 -20.98
CA LYS A 84 3.61 5.29 -22.36
C LYS A 84 4.15 6.70 -22.62
N ASP A 85 4.02 7.60 -21.65
CA ASP A 85 4.51 8.97 -21.86
C ASP A 85 6.03 9.00 -21.90
N VAL A 86 6.69 8.29 -20.99
CA VAL A 86 8.15 8.25 -20.97
C VAL A 86 8.69 7.68 -22.28
N TYR A 87 8.19 6.51 -22.69
CA TYR A 87 8.76 5.85 -23.86
C TYR A 87 8.48 6.63 -25.14
N LYS A 88 7.35 7.34 -25.22
CA LYS A 88 7.09 8.15 -26.41
C LYS A 88 8.18 9.19 -26.61
N GLU A 89 8.59 9.87 -25.53
CA GLU A 89 9.69 10.81 -25.63
C GLU A 89 11.03 10.09 -25.73
N HIS A 90 11.20 9.01 -24.97
CA HIS A 90 12.46 8.28 -24.96
C HIS A 90 12.84 7.80 -26.37
N PHE A 91 11.91 7.16 -27.06
CA PHE A 91 12.17 6.62 -28.39
C PHE A 91 11.88 7.61 -29.52
N GLN A 92 11.26 8.75 -29.23
CA GLN A 92 10.83 9.70 -30.26
C GLN A 92 9.91 9.01 -31.27
N ASP A 93 9.09 8.09 -30.78
CA ASP A 93 8.22 7.26 -31.61
C ASP A 93 7.31 6.47 -30.69
N ASP A 94 6.20 5.99 -31.25
CA ASP A 94 5.25 5.15 -30.52
C ASP A 94 5.64 3.69 -30.75
N VAL A 95 6.28 3.08 -29.74
CA VAL A 95 6.66 1.68 -29.82
C VAL A 95 6.37 1.00 -28.49
N PHE A 96 5.58 1.63 -27.64
CA PHE A 96 5.17 1.01 -26.39
C PHE A 96 3.97 0.11 -26.62
N ASN A 97 4.00 -1.08 -26.04
CA ASN A 97 2.96 -2.09 -26.24
C ASN A 97 1.83 -1.86 -25.23
N GLU A 98 1.15 -0.72 -25.41
CA GLU A 98 0.05 -0.37 -24.51
C GLU A 98 -1.05 -1.42 -24.53
N LYS A 99 -1.32 -2.01 -25.71
CA LYS A 99 -2.36 -3.02 -25.80
C LYS A 99 -2.03 -4.24 -24.94
N GLY A 100 -0.83 -4.79 -25.10
CA GLY A 100 -0.47 -5.99 -24.38
C GLY A 100 -0.40 -5.79 -22.88
N TRP A 101 -0.01 -4.60 -22.44
CA TRP A 101 0.00 -4.33 -21.01
C TRP A 101 -1.41 -4.12 -20.45
N ASN A 102 -2.30 -3.53 -21.24
CA ASN A 102 -3.71 -3.47 -20.85
C ASN A 102 -4.29 -4.88 -20.74
N TYR A 103 -3.90 -5.78 -21.64
CA TYR A 103 -4.38 -7.16 -21.58
C TYR A 103 -4.00 -7.82 -20.26
N ILE A 104 -2.79 -7.58 -19.78
CA ILE A 104 -2.38 -8.13 -18.49
C ILE A 104 -3.23 -7.54 -17.37
N LEU A 105 -3.47 -6.22 -17.44
CA LEU A 105 -4.24 -5.56 -16.40
C LEU A 105 -5.68 -6.05 -16.37
N GLU A 106 -6.31 -6.22 -17.55
CA GLU A 106 -7.71 -6.59 -17.60
C GLU A 106 -7.94 -8.07 -17.31
N LYS A 107 -7.11 -8.95 -17.89
CA LYS A 107 -7.31 -10.38 -17.76
C LYS A 107 -6.83 -10.94 -16.43
N TYR A 108 -5.76 -10.39 -15.87
CA TYR A 108 -5.14 -10.96 -14.67
C TYR A 108 -5.07 -9.97 -13.51
N ASP A 109 -5.82 -8.87 -13.58
CA ASP A 109 -5.80 -7.84 -12.55
C ASP A 109 -4.36 -7.40 -12.26
N GLY A 110 -3.58 -7.23 -13.33
CA GLY A 110 -2.23 -6.73 -13.19
C GLY A 110 -1.21 -7.70 -12.62
N HIS A 111 -1.52 -8.99 -12.58
CA HIS A 111 -0.57 -10.01 -12.16
C HIS A 111 0.16 -10.57 -13.38
N LEU A 112 1.44 -10.88 -13.20
CA LEU A 112 2.26 -11.31 -14.32
C LEU A 112 1.97 -12.77 -14.66
N PRO A 113 1.51 -13.08 -15.89
CA PRO A 113 1.31 -14.49 -16.29
C PRO A 113 2.64 -15.14 -16.64
N ILE A 114 3.36 -15.52 -15.60
CA ILE A 114 4.74 -15.99 -15.69
C ILE A 114 4.89 -17.16 -14.73
N GLU A 115 5.70 -18.15 -15.13
CA GLU A 115 6.08 -19.24 -14.24
C GLU A 115 7.59 -19.27 -14.08
N ILE A 116 8.06 -19.37 -12.84
CA ILE A 116 9.48 -19.45 -12.53
C ILE A 116 9.74 -20.70 -11.71
N LYS A 117 10.72 -21.49 -12.13
CA LYS A 117 11.17 -22.67 -11.41
C LYS A 117 12.63 -22.45 -10.99
N ALA A 118 12.98 -22.87 -9.78
CA ALA A 118 14.32 -22.57 -9.25
C ALA A 118 14.77 -23.66 -8.29
N VAL A 119 16.09 -23.88 -8.26
CA VAL A 119 16.69 -24.75 -7.24
C VAL A 119 16.43 -24.10 -5.89
N PRO A 120 16.37 -24.88 -4.80
CA PRO A 120 16.13 -24.26 -3.49
C PRO A 120 17.24 -23.30 -3.12
N GLU A 121 16.86 -22.23 -2.41
CA GLU A 121 17.83 -21.22 -2.02
C GLU A 121 18.84 -21.81 -1.03
N GLY A 122 20.10 -21.42 -1.19
CA GLY A 122 21.18 -21.97 -0.41
C GLY A 122 21.83 -23.21 -0.97
N PHE A 123 21.23 -23.82 -2.00
CA PHE A 123 21.81 -25.01 -2.60
C PHE A 123 23.15 -24.67 -3.26
N VAL A 124 24.12 -25.56 -3.10
CA VAL A 124 25.44 -25.39 -3.69
C VAL A 124 25.50 -26.22 -4.97
N ILE A 125 25.64 -25.57 -6.12
CA ILE A 125 25.52 -26.22 -7.42
C ILE A 125 26.78 -25.98 -8.25
N PRO A 126 27.36 -27.01 -8.85
CA PRO A 126 28.54 -26.80 -9.71
C PRO A 126 28.21 -25.90 -10.89
N ARG A 127 29.25 -25.24 -11.41
CA ARG A 127 29.09 -24.32 -12.52
C ARG A 127 28.53 -25.03 -13.75
N GLY A 128 27.89 -24.25 -14.61
CA GLY A 128 27.37 -24.79 -15.85
C GLY A 128 26.05 -25.53 -15.73
N ASN A 129 25.27 -25.25 -14.69
CA ASN A 129 24.00 -25.92 -14.47
C ASN A 129 22.87 -24.89 -14.36
N VAL A 130 21.68 -25.30 -14.78
CA VAL A 130 20.52 -24.42 -14.72
C VAL A 130 20.15 -24.16 -13.27
N LEU A 131 20.02 -22.88 -12.92
CA LEU A 131 19.58 -22.51 -11.58
C LEU A 131 18.12 -22.11 -11.54
N PHE A 132 17.62 -21.39 -12.55
CA PHE A 132 16.19 -21.17 -12.65
C PHE A 132 15.80 -20.93 -14.10
N THR A 133 14.50 -21.13 -14.38
CA THR A 133 13.92 -20.95 -15.71
C THR A 133 12.71 -20.03 -15.63
N VAL A 134 12.44 -19.33 -16.74
CA VAL A 134 11.33 -18.38 -16.83
C VAL A 134 10.59 -18.61 -18.13
N GLU A 135 9.26 -18.67 -18.06
CA GLU A 135 8.43 -18.83 -19.24
C GLU A 135 7.10 -18.12 -19.04
N ASN A 136 6.51 -17.70 -20.15
CA ASN A 136 5.18 -17.09 -20.11
C ASN A 136 4.11 -18.17 -20.07
N THR A 137 3.06 -17.93 -19.29
CA THR A 137 1.95 -18.85 -19.16
C THR A 137 0.75 -18.45 -20.02
N ASP A 138 0.79 -17.28 -20.64
CA ASP A 138 -0.26 -16.82 -21.53
C ASP A 138 0.37 -16.58 -22.89
N PRO A 139 -0.15 -17.19 -23.96
CA PRO A 139 0.51 -17.03 -25.26
C PRO A 139 0.52 -15.60 -25.77
N GLU A 140 -0.42 -14.76 -25.33
CA GLU A 140 -0.39 -13.36 -25.73
C GLU A 140 0.80 -12.62 -25.15
N CYS A 141 1.46 -13.17 -24.12
CA CYS A 141 2.53 -12.51 -23.41
C CYS A 141 3.89 -13.17 -23.67
N TYR A 142 4.08 -13.70 -24.88
CA TYR A 142 5.37 -14.29 -25.27
C TYR A 142 6.51 -13.32 -25.02
N TRP A 143 6.25 -12.02 -25.17
CA TRP A 143 7.24 -10.97 -25.01
C TRP A 143 7.61 -10.69 -23.56
N LEU A 144 6.80 -11.16 -22.60
CA LEU A 144 7.00 -10.89 -21.19
C LEU A 144 8.20 -11.61 -20.58
N THR A 145 8.60 -12.75 -21.14
CA THR A 145 9.75 -13.48 -20.59
C THR A 145 11.00 -12.62 -20.60
N ASN A 146 11.38 -12.12 -21.79
CA ASN A 146 12.59 -11.32 -21.88
C ASN A 146 12.40 -9.93 -21.31
N TRP A 147 11.16 -9.48 -21.12
CA TRP A 147 10.94 -8.20 -20.47
C TRP A 147 11.49 -8.21 -19.05
N ILE A 148 11.26 -9.29 -18.30
CA ILE A 148 11.63 -9.31 -16.89
C ILE A 148 13.03 -9.91 -16.72
N GLU A 149 13.73 -10.14 -17.83
CA GLU A 149 15.12 -10.58 -17.73
C GLU A 149 15.95 -9.61 -16.89
N THR A 150 15.79 -8.31 -17.13
CA THR A 150 16.63 -7.32 -16.46
C THR A 150 16.53 -7.45 -14.95
N ILE A 151 15.30 -7.58 -14.44
CA ILE A 151 15.11 -7.68 -12.99
C ILE A 151 15.63 -9.01 -12.47
N LEU A 152 15.40 -10.10 -13.22
CA LEU A 152 15.78 -11.42 -12.73
C LEU A 152 17.29 -11.62 -12.77
N VAL A 153 17.96 -11.14 -13.83
CA VAL A 153 19.38 -11.42 -13.96
C VAL A 153 20.19 -10.71 -12.88
N GLN A 154 19.61 -9.71 -12.19
CA GLN A 154 20.31 -9.08 -11.09
C GLN A 154 20.47 -10.01 -9.89
N SER A 155 19.90 -11.21 -9.93
CA SER A 155 20.23 -12.18 -8.89
C SER A 155 21.67 -12.66 -8.99
N TRP A 156 22.41 -12.31 -10.06
CA TRP A 156 23.83 -12.60 -10.10
C TRP A 156 24.56 -12.02 -8.90
N TYR A 157 24.12 -10.86 -8.41
CA TYR A 157 24.84 -10.21 -7.32
C TYR A 157 24.74 -10.99 -6.01
N PRO A 158 23.54 -11.26 -5.46
CA PRO A 158 23.51 -12.08 -4.23
C PRO A 158 24.13 -13.46 -4.42
N ILE A 159 24.03 -14.05 -5.61
CA ILE A 159 24.68 -15.33 -5.85
C ILE A 159 26.19 -15.17 -5.75
N THR A 160 26.74 -14.13 -6.41
CA THR A 160 28.18 -13.94 -6.41
C THR A 160 28.70 -13.57 -5.02
N VAL A 161 28.00 -12.68 -4.29
CA VAL A 161 28.41 -12.36 -2.93
C VAL A 161 28.38 -13.62 -2.06
N ALA A 162 27.24 -14.32 -2.05
CA ALA A 162 27.15 -15.51 -1.21
C ALA A 162 28.19 -16.55 -1.59
N THR A 163 28.53 -16.63 -2.87
CA THR A 163 29.52 -17.62 -3.31
C THR A 163 30.93 -17.19 -2.93
N ASN A 164 31.27 -15.92 -3.18
CA ASN A 164 32.61 -15.44 -2.84
C ASN A 164 32.82 -15.41 -1.33
N SER A 165 31.75 -15.15 -0.58
CA SER A 165 31.84 -15.18 0.88
C SER A 165 32.06 -16.59 1.38
N ARG A 166 31.41 -17.57 0.76
CA ARG A 166 31.58 -18.96 1.17
C ARG A 166 32.98 -19.48 0.82
N GLU A 167 33.56 -19.01 -0.29
CA GLU A 167 34.93 -19.41 -0.61
C GLU A 167 35.92 -18.88 0.41
N GLN A 168 35.71 -17.65 0.88
CA GLN A 168 36.56 -17.13 1.96
C GLN A 168 36.34 -17.91 3.25
N LYS A 169 35.16 -18.50 3.44
CA LYS A 169 34.94 -19.32 4.61
C LYS A 169 35.71 -20.65 4.50
N LYS A 170 35.97 -21.13 3.28
CA LYS A 170 36.82 -22.32 3.14
C LYS A 170 38.26 -22.00 3.50
N ILE A 171 38.77 -20.84 3.05
CA ILE A 171 40.13 -20.44 3.37
C ILE A 171 40.30 -20.27 4.87
N LEU A 172 39.32 -19.64 5.52
CA LEU A 172 39.41 -19.44 6.96
C LEU A 172 39.30 -20.76 7.71
N ALA A 173 38.33 -21.61 7.32
CA ALA A 173 38.16 -22.88 8.01
C ALA A 173 39.38 -23.77 7.87
N LYS A 174 40.02 -23.77 6.69
CA LYS A 174 41.19 -24.60 6.47
C LYS A 174 42.35 -24.17 7.37
N TYR A 175 42.61 -22.85 7.42
CA TYR A 175 43.74 -22.36 8.21
C TYR A 175 43.42 -22.28 9.70
N LEU A 176 42.16 -22.03 10.06
CA LEU A 176 41.78 -22.07 11.46
C LEU A 176 41.84 -23.48 12.04
N LEU A 177 41.82 -24.49 11.17
CA LEU A 177 41.82 -25.86 11.65
C LEU A 177 43.22 -26.42 11.83
N GLU A 178 44.18 -25.98 11.01
CA GLU A 178 45.54 -26.50 11.15
C GLU A 178 46.33 -25.73 12.20
N THR A 179 46.04 -24.44 12.38
CA THR A 179 46.75 -23.64 13.36
C THR A 179 46.08 -23.64 14.73
N SER A 180 44.92 -24.30 14.89
CA SER A 180 44.24 -24.36 16.18
C SER A 180 43.59 -25.71 16.49
N GLY A 181 43.11 -26.44 15.49
CA GLY A 181 42.49 -27.73 15.74
C GLY A 181 40.98 -27.73 15.90
N ASN A 182 40.32 -26.58 15.71
CA ASN A 182 38.88 -26.50 15.83
C ASN A 182 38.37 -25.35 14.97
N LEU A 183 37.05 -25.19 14.93
CA LEU A 183 36.38 -24.17 14.13
C LEU A 183 35.52 -23.24 14.98
N ASP A 184 35.87 -23.08 16.25
CA ASP A 184 35.14 -22.16 17.11
C ASP A 184 35.20 -20.74 16.57
N GLY A 185 34.06 -20.07 16.58
CA GLY A 185 33.98 -18.69 16.13
C GLY A 185 34.25 -18.47 14.66
N LEU A 186 34.22 -19.53 13.85
CA LEU A 186 34.45 -19.38 12.42
C LEU A 186 33.44 -18.41 11.80
N GLU A 187 32.18 -18.51 12.21
CA GLU A 187 31.14 -17.68 11.62
C GLU A 187 31.27 -16.20 11.98
N TYR A 188 32.25 -15.83 12.83
CA TYR A 188 32.52 -14.43 13.15
C TYR A 188 33.88 -13.96 12.67
N LYS A 189 34.57 -14.76 11.86
CA LYS A 189 35.94 -14.43 11.45
C LYS A 189 36.02 -13.50 10.25
N LEU A 190 34.93 -13.34 9.49
CA LEU A 190 34.90 -12.42 8.36
C LEU A 190 33.70 -11.51 8.57
N HIS A 191 33.97 -10.22 8.78
CA HIS A 191 32.95 -9.27 9.21
C HIS A 191 32.65 -8.30 8.08
N ASP A 192 31.37 -8.10 7.80
CA ASP A 192 30.90 -7.20 6.74
C ASP A 192 31.05 -5.76 7.22
N PHE A 193 31.99 -5.03 6.61
CA PHE A 193 32.20 -3.60 6.84
C PHE A 193 31.79 -2.76 5.64
N GLY A 194 31.02 -3.32 4.71
CA GLY A 194 30.87 -2.79 3.37
C GLY A 194 29.79 -1.75 3.12
N TYR A 195 29.07 -1.33 4.16
CA TYR A 195 27.94 -0.42 3.96
C TYR A 195 28.37 0.85 3.23
N ARG A 196 29.52 1.42 3.60
CA ARG A 196 29.98 2.65 2.97
C ARG A 196 30.47 2.40 1.54
N GLY A 197 31.07 1.25 1.29
CA GLY A 197 31.71 0.99 0.02
C GLY A 197 30.85 0.43 -1.09
N VAL A 198 29.54 0.31 -0.90
CA VAL A 198 28.65 -0.20 -1.95
C VAL A 198 27.96 0.98 -2.63
N SER A 199 27.32 0.69 -3.77
CA SER A 199 26.79 1.71 -4.67
C SER A 199 25.42 2.25 -4.28
N SER A 200 24.71 1.62 -3.34
CA SER A 200 23.37 2.07 -2.98
C SER A 200 22.91 1.36 -1.71
N GLN A 201 21.88 1.94 -1.08
CA GLN A 201 21.29 1.31 0.10
C GLN A 201 20.70 -0.06 -0.23
N GLU A 202 20.07 -0.20 -1.40
CA GLU A 202 19.49 -1.50 -1.74
C GLU A 202 20.57 -2.56 -1.94
N THR A 203 21.67 -2.21 -2.62
CA THR A 203 22.78 -3.12 -2.76
C THR A 203 23.34 -3.54 -1.41
N ALA A 204 23.48 -2.59 -0.48
CA ALA A 204 23.96 -2.92 0.85
C ALA A 204 23.10 -4.00 1.50
N GLY A 205 21.77 -3.84 1.43
CA GLY A 205 20.89 -4.83 2.03
C GLY A 205 21.03 -6.19 1.37
N ILE A 206 21.04 -6.23 0.04
CA ILE A 206 21.13 -7.50 -0.67
C ILE A 206 22.48 -8.17 -0.40
N GLY A 207 23.57 -7.42 -0.58
CA GLY A 207 24.89 -8.01 -0.40
C GLY A 207 25.15 -8.47 1.02
N ALA A 208 24.75 -7.67 2.01
CA ALA A 208 24.99 -8.03 3.40
C ALA A 208 24.23 -9.29 3.79
N SER A 209 23.01 -9.45 3.26
CA SER A 209 22.26 -10.68 3.54
C SER A 209 22.92 -11.88 2.88
N ALA A 210 23.46 -11.69 1.68
CA ALA A 210 24.18 -12.78 1.02
C ALA A 210 25.41 -13.19 1.83
N HIS A 211 26.08 -12.23 2.46
CA HIS A 211 27.21 -12.56 3.31
C HIS A 211 26.78 -13.37 4.52
N LEU A 212 25.65 -13.00 5.13
CA LEU A 212 25.14 -13.70 6.30
C LEU A 212 24.70 -15.13 6.02
N VAL A 213 24.68 -15.55 4.75
CA VAL A 213 24.43 -16.95 4.44
C VAL A 213 25.51 -17.84 5.04
N ASN A 214 26.73 -17.31 5.18
CA ASN A 214 27.86 -18.09 5.66
C ASN A 214 28.42 -17.64 7.00
N PHE A 215 28.22 -16.37 7.36
CA PHE A 215 28.77 -15.81 8.59
C PHE A 215 27.66 -15.14 9.37
N LYS A 216 27.99 -14.70 10.59
CA LYS A 216 27.03 -14.01 11.45
C LYS A 216 27.50 -12.65 11.92
N GLY A 217 28.67 -12.18 11.50
CA GLY A 217 29.17 -10.88 11.89
C GLY A 217 28.96 -9.87 10.78
N THR A 218 28.23 -8.80 11.10
CA THR A 218 28.02 -7.75 10.12
C THR A 218 27.83 -6.42 10.82
N ASP A 219 28.25 -5.35 10.15
CA ASP A 219 27.92 -4.00 10.53
C ASP A 219 26.99 -3.32 9.55
N THR A 220 26.58 -4.03 8.48
CA THR A 220 25.67 -3.48 7.50
C THR A 220 24.25 -3.82 7.96
N VAL A 221 23.62 -2.87 8.65
CA VAL A 221 22.35 -3.12 9.32
C VAL A 221 21.26 -3.41 8.30
N ALA A 222 21.35 -2.81 7.10
CA ALA A 222 20.35 -3.05 6.06
C ALA A 222 20.17 -4.54 5.79
N GLY A 223 21.23 -5.33 5.98
CA GLY A 223 21.12 -6.77 5.74
C GLY A 223 20.18 -7.45 6.73
N LEU A 224 20.20 -7.01 8.00
CA LEU A 224 19.28 -7.55 8.98
C LEU A 224 17.84 -7.25 8.60
N ALA A 225 17.57 -6.03 8.14
CA ALA A 225 16.21 -5.63 7.80
C ALA A 225 15.67 -6.43 6.61
N LEU A 226 16.50 -6.68 5.61
CA LEU A 226 16.05 -7.44 4.44
C LEU A 226 15.71 -8.88 4.81
N ILE A 227 16.48 -9.48 5.71
CA ILE A 227 16.27 -10.89 6.03
C ILE A 227 14.98 -11.08 6.81
N LYS A 228 14.70 -10.20 7.76
CA LYS A 228 13.48 -10.34 8.54
C LYS A 228 12.24 -10.11 7.69
N LYS A 229 12.32 -9.20 6.71
CA LYS A 229 11.15 -8.88 5.90
C LYS A 229 10.88 -9.94 4.83
N TYR A 230 11.93 -10.54 4.25
CA TYR A 230 11.77 -11.40 3.08
C TYR A 230 12.11 -12.87 3.33
N TYR A 231 12.78 -13.20 4.42
CA TYR A 231 13.17 -14.59 4.66
C TYR A 231 12.78 -15.06 6.04
N GLY A 232 13.26 -14.38 7.07
CA GLY A 232 12.87 -14.75 8.42
C GLY A 232 13.80 -15.80 9.02
N THR A 233 14.00 -15.69 10.33
CA THR A 233 14.89 -16.58 11.06
C THR A 233 14.29 -16.89 12.43
N LYS A 234 14.60 -18.08 12.95
CA LYS A 234 14.18 -18.42 14.30
C LYS A 234 15.01 -17.70 15.34
N ASP A 235 16.28 -17.38 15.02
CA ASP A 235 17.15 -16.68 15.95
C ASP A 235 16.60 -15.28 16.23
N PRO A 236 17.01 -14.67 17.34
CA PRO A 236 16.50 -13.32 17.65
C PRO A 236 16.88 -12.29 16.60
N VAL A 237 17.97 -12.50 15.88
CA VAL A 237 18.47 -11.56 14.87
C VAL A 237 19.43 -12.33 13.98
N PRO A 238 19.50 -12.02 12.68
CA PRO A 238 20.36 -12.82 11.78
C PRO A 238 21.85 -12.55 11.93
N GLY A 239 22.25 -11.38 12.42
CA GLY A 239 23.67 -11.07 12.54
C GLY A 239 23.95 -10.18 13.74
N TYR A 240 25.21 -10.21 14.18
CA TYR A 240 25.61 -9.56 15.42
C TYR A 240 26.83 -8.67 15.20
N SER A 241 27.03 -7.73 16.13
CA SER A 241 28.21 -6.87 16.09
C SER A 241 28.62 -6.53 17.52
N VAL A 242 29.66 -5.71 17.65
CA VAL A 242 30.17 -5.26 18.95
C VAL A 242 30.46 -3.77 18.88
N PRO A 243 30.48 -3.10 20.04
CA PRO A 243 30.87 -1.69 20.05
C PRO A 243 32.28 -1.48 19.49
N ALA A 244 32.47 -0.36 18.80
CA ALA A 244 33.75 -0.11 18.16
C ALA A 244 33.94 1.39 17.94
N ALA A 245 35.20 1.81 17.92
CA ALA A 245 35.53 3.21 17.68
C ALA A 245 35.98 3.42 16.25
N GLU A 246 35.68 4.60 15.72
CA GLU A 246 36.20 5.05 14.44
C GLU A 246 37.21 6.17 14.69
N HIS A 247 37.81 6.66 13.61
CA HIS A 247 38.81 7.72 13.76
C HIS A 247 38.21 8.98 14.35
N SER A 248 36.95 9.30 14.02
CA SER A 248 36.37 10.54 14.51
C SER A 248 36.16 10.53 16.01
N THR A 249 35.85 9.37 16.59
CA THR A 249 35.70 9.29 18.04
C THR A 249 37.04 9.29 18.77
N ILE A 250 38.13 8.98 18.08
CA ILE A 250 39.46 9.08 18.68
C ILE A 250 40.05 10.47 18.49
N THR A 251 40.10 10.93 17.24
CA THR A 251 40.75 12.19 16.91
C THR A 251 40.04 13.39 17.51
N ALA A 252 38.75 13.25 17.86
CA ALA A 252 38.01 14.33 18.49
C ALA A 252 38.61 14.75 19.82
N TRP A 253 39.34 13.86 20.49
CA TRP A 253 39.93 14.18 21.79
C TRP A 253 41.21 15.01 21.68
N GLY A 254 41.75 15.17 20.48
CA GLY A 254 43.00 15.87 20.31
C GLY A 254 44.17 14.92 20.16
N LYS A 255 45.15 15.32 19.34
CA LYS A 255 46.25 14.44 19.00
C LYS A 255 47.07 14.04 20.23
N ASP A 256 47.15 14.90 21.23
CA ASP A 256 47.89 14.61 22.45
C ASP A 256 47.08 13.81 23.47
N HIS A 257 45.80 13.56 23.20
CA HIS A 257 44.91 12.91 24.14
C HIS A 257 44.39 11.59 23.59
N GLU A 258 45.23 10.87 22.84
CA GLU A 258 44.83 9.57 22.33
C GLU A 258 44.66 8.56 23.45
N LYS A 259 45.51 8.66 24.48
CA LYS A 259 45.37 7.79 25.65
C LYS A 259 44.02 8.02 26.32
N ASP A 260 43.62 9.28 26.49
CA ASP A 260 42.33 9.58 27.11
C ASP A 260 41.19 9.00 26.29
N ALA A 261 41.24 9.16 24.96
CA ALA A 261 40.21 8.59 24.11
C ALA A 261 40.14 7.08 24.28
N PHE A 262 41.29 6.40 24.26
CA PHE A 262 41.31 4.96 24.46
C PHE A 262 40.74 4.60 25.83
N GLU A 263 41.09 5.37 26.87
CA GLU A 263 40.67 5.02 28.22
C GLU A 263 39.16 5.20 28.39
N HIS A 264 38.61 6.28 27.86
CA HIS A 264 37.18 6.51 27.97
C HIS A 264 36.37 5.42 27.28
N ILE A 265 36.90 4.87 26.18
CA ILE A 265 36.11 3.97 25.34
C ILE A 265 36.13 2.54 25.88
N VAL A 266 37.28 2.05 26.32
CA VAL A 266 37.31 0.71 26.89
C VAL A 266 36.59 0.64 28.24
N THR A 267 36.49 1.77 28.94
CA THR A 267 35.76 1.83 30.21
C THR A 267 34.25 1.91 29.99
N GLN A 268 33.82 2.61 28.93
CA GLN A 268 32.40 2.62 28.59
C GLN A 268 31.90 1.23 28.24
N PHE A 269 32.75 0.41 27.61
CA PHE A 269 32.37 -0.93 27.18
C PHE A 269 33.30 -1.96 27.81
N SER A 270 33.30 -2.05 29.13
CA SER A 270 34.24 -2.91 29.84
C SER A 270 33.75 -4.34 29.99
N SER A 271 32.46 -4.60 29.81
CA SER A 271 31.89 -5.92 29.98
C SER A 271 31.45 -6.55 28.67
N VAL A 272 31.65 -5.88 27.55
CA VAL A 272 31.36 -6.45 26.24
C VAL A 272 32.62 -6.33 25.38
N PRO A 273 32.71 -7.12 24.30
CA PRO A 273 33.82 -6.92 23.36
C PRO A 273 33.79 -5.50 22.82
N VAL A 274 34.97 -4.93 22.64
CA VAL A 274 35.10 -3.58 22.09
C VAL A 274 36.29 -3.55 21.15
N SER A 275 36.10 -2.89 20.00
CA SER A 275 37.15 -2.74 19.00
C SER A 275 37.55 -1.28 18.94
N VAL A 276 38.86 -1.03 18.93
CA VAL A 276 39.41 0.32 18.98
C VAL A 276 40.41 0.45 17.85
N VAL A 277 40.11 1.32 16.88
CA VAL A 277 41.07 1.58 15.80
C VAL A 277 42.24 2.34 16.40
N SER A 278 43.45 1.78 16.24
CA SER A 278 44.60 2.26 16.99
C SER A 278 45.68 2.87 16.10
N ASP A 279 45.35 3.22 14.85
CA ASP A 279 46.33 3.73 13.90
C ASP A 279 46.10 5.19 13.54
N SER A 280 45.40 5.95 14.40
CA SER A 280 45.11 7.35 14.08
C SER A 280 46.41 8.13 13.84
N TYR A 281 47.46 7.85 14.61
CA TYR A 281 48.71 8.57 14.50
C TYR A 281 49.88 7.62 14.33
N ASP A 282 49.99 6.61 15.20
CA ASP A 282 51.05 5.61 15.08
C ASP A 282 50.56 4.31 15.71
N ILE A 283 50.28 3.31 14.87
CA ILE A 283 49.72 2.06 15.36
C ILE A 283 50.72 1.33 16.25
N TYR A 284 52.01 1.41 15.92
CA TYR A 284 53.00 0.67 16.69
C TYR A 284 53.24 1.31 18.05
N ASN A 285 53.20 2.64 18.13
CA ASN A 285 53.28 3.29 19.43
C ASN A 285 52.05 3.00 20.28
N ALA A 286 50.86 3.03 19.66
CA ALA A 286 49.64 2.79 20.42
C ALA A 286 49.64 1.38 21.02
N CYS A 287 50.20 0.42 20.30
CA CYS A 287 50.25 -0.95 20.83
C CYS A 287 51.37 -1.12 21.84
N GLU A 288 52.49 -0.43 21.66
CA GLU A 288 53.64 -0.64 22.54
C GLU A 288 53.53 0.22 23.80
N LYS A 289 53.28 1.51 23.64
CA LYS A 289 53.25 2.42 24.77
C LYS A 289 51.86 2.53 25.41
N ILE A 290 50.83 2.80 24.61
CA ILE A 290 49.51 3.07 25.16
C ILE A 290 48.84 1.79 25.63
N TRP A 291 48.66 0.81 24.73
CA TRP A 291 48.03 -0.43 25.14
C TRP A 291 48.96 -1.26 26.02
N GLY A 292 50.24 -1.32 25.67
CA GLY A 292 51.17 -2.21 26.33
C GLY A 292 51.73 -1.74 27.65
N GLU A 293 51.49 -0.48 28.04
CA GLU A 293 52.00 0.04 29.30
C GLU A 293 50.95 0.90 30.01
N ASP A 294 50.71 2.12 29.48
CA ASP A 294 49.85 3.08 30.16
C ASP A 294 48.49 2.49 30.50
N LEU A 295 47.86 1.81 29.54
CA LEU A 295 46.52 1.26 29.74
C LEU A 295 46.53 -0.26 29.85
N ARG A 296 47.67 -0.86 30.19
CA ARG A 296 47.74 -2.31 30.28
C ARG A 296 46.84 -2.85 31.38
N HIS A 297 46.72 -2.12 32.49
CA HIS A 297 45.93 -2.62 33.61
C HIS A 297 44.45 -2.72 33.26
N LEU A 298 43.99 -1.91 32.30
CA LEU A 298 42.61 -1.95 31.87
C LEU A 298 42.33 -3.08 30.88
N ILE A 299 43.36 -3.72 30.34
CA ILE A 299 43.21 -4.80 29.37
C ILE A 299 43.28 -6.17 30.05
N VAL A 300 44.30 -6.37 30.88
CA VAL A 300 44.49 -7.66 31.54
C VAL A 300 43.36 -7.98 32.50
N SER A 301 42.54 -7.00 32.86
CA SER A 301 41.40 -7.21 33.74
C SER A 301 40.11 -7.55 33.00
N ARG A 302 40.13 -7.54 31.67
CA ARG A 302 38.92 -7.82 30.92
C ARG A 302 38.66 -9.32 30.85
N SER A 303 37.38 -9.69 30.76
CA SER A 303 37.00 -11.10 30.75
C SER A 303 37.22 -11.70 29.36
N THR A 304 37.14 -13.03 29.30
CA THR A 304 37.30 -13.73 28.03
C THR A 304 36.16 -13.43 27.07
N GLN A 305 34.95 -13.20 27.59
CA GLN A 305 33.81 -12.86 26.77
C GLN A 305 33.78 -11.38 26.38
N ALA A 306 34.73 -10.57 26.82
CA ALA A 306 34.74 -9.14 26.54
C ALA A 306 36.15 -8.66 26.21
N PRO A 307 36.78 -9.24 25.21
CA PRO A 307 38.16 -8.85 24.90
C PRO A 307 38.23 -7.48 24.24
N LEU A 308 39.42 -6.90 24.29
CA LEU A 308 39.73 -5.75 23.47
C LEU A 308 40.22 -6.25 22.11
N ILE A 309 39.69 -5.65 21.05
CA ILE A 309 40.07 -6.01 19.69
C ILE A 309 40.78 -4.81 19.09
N ILE A 310 42.08 -4.94 18.86
CA ILE A 310 42.87 -3.85 18.30
C ILE A 310 42.74 -3.87 16.80
N ARG A 311 42.47 -2.70 16.20
CA ARG A 311 42.21 -2.61 14.77
C ARG A 311 43.28 -1.74 14.11
N PRO A 312 44.25 -2.34 13.44
CA PRO A 312 45.07 -1.56 12.50
C PRO A 312 44.28 -1.26 11.25
N ASP A 313 44.61 -0.13 10.61
CA ASP A 313 43.82 0.30 9.46
C ASP A 313 44.66 0.98 8.39
N SER A 314 45.97 0.75 8.34
CA SER A 314 46.80 1.42 7.36
C SER A 314 48.09 0.62 7.16
N GLY A 315 48.84 1.03 6.14
CA GLY A 315 50.07 0.35 5.79
C GLY A 315 49.79 -0.95 5.07
N ASN A 316 50.84 -1.75 4.93
CA ASN A 316 50.69 -3.05 4.30
C ASN A 316 49.89 -3.96 5.23
N PRO A 317 48.83 -4.62 4.73
CA PRO A 317 47.99 -5.43 5.63
C PRO A 317 48.74 -6.54 6.35
N LEU A 318 49.57 -7.31 5.65
CA LEU A 318 50.25 -8.44 6.28
C LEU A 318 51.36 -7.95 7.21
N ASP A 319 52.19 -7.03 6.74
CA ASP A 319 53.32 -6.57 7.54
C ASP A 319 52.85 -5.89 8.82
N THR A 320 51.84 -5.02 8.71
CA THR A 320 51.33 -4.34 9.91
C THR A 320 50.75 -5.35 10.89
N VAL A 321 50.04 -6.36 10.41
CA VAL A 321 49.50 -7.39 11.28
C VAL A 321 50.63 -8.14 11.99
N LEU A 322 51.72 -8.44 11.27
CA LEU A 322 52.83 -9.16 11.87
C LEU A 322 53.55 -8.30 12.91
N LYS A 323 53.73 -7.00 12.62
CA LYS A 323 54.41 -6.13 13.56
C LYS A 323 53.54 -5.79 14.76
N VAL A 324 52.22 -5.75 14.59
CA VAL A 324 51.33 -5.53 15.72
C VAL A 324 51.34 -6.74 16.64
N LEU A 325 51.24 -7.95 16.07
CA LEU A 325 51.27 -9.16 16.88
C LEU A 325 52.60 -9.30 17.61
N GLU A 326 53.70 -8.92 16.94
CA GLU A 326 55.02 -9.00 17.57
C GLU A 326 55.09 -8.10 18.81
N ILE A 327 54.58 -6.87 18.70
CA ILE A 327 54.61 -5.95 19.83
C ILE A 327 53.72 -6.45 20.96
N LEU A 328 52.48 -6.85 20.64
CA LEU A 328 51.59 -7.39 21.66
C LEU A 328 52.16 -8.66 22.28
N GLY A 329 52.94 -9.43 21.52
CA GLY A 329 53.50 -10.65 22.05
C GLY A 329 54.52 -10.40 23.15
N LYS A 330 55.28 -9.32 23.02
CA LYS A 330 56.29 -8.94 24.00
C LYS A 330 55.78 -7.93 25.00
N LYS A 331 54.45 -7.80 25.12
CA LYS A 331 53.84 -7.01 26.18
C LYS A 331 52.72 -7.74 26.91
N PHE A 332 52.33 -8.92 26.45
CA PHE A 332 51.26 -9.70 27.04
C PHE A 332 51.65 -11.18 27.02
N PRO A 333 51.18 -11.96 27.99
CA PRO A 333 51.58 -13.37 28.05
C PRO A 333 51.08 -14.20 26.87
N VAL A 334 52.00 -14.63 26.03
CA VAL A 334 51.68 -15.48 24.89
C VAL A 334 51.79 -16.95 25.29
N THR A 335 50.85 -17.76 24.83
CA THR A 335 50.90 -19.20 25.00
C THR A 335 51.06 -19.88 23.64
N GLU A 336 51.36 -21.17 23.69
CA GLU A 336 51.54 -21.99 22.49
C GLU A 336 50.52 -23.12 22.53
N ASN A 337 49.75 -23.26 21.45
CA ASN A 337 48.53 -24.06 21.50
C ASN A 337 48.81 -25.52 21.16
N SER A 338 47.74 -26.29 20.92
CA SER A 338 47.79 -27.74 20.78
C SER A 338 48.55 -28.21 19.54
N LYS A 339 48.98 -27.30 18.67
CA LYS A 339 49.69 -27.69 17.46
C LYS A 339 50.94 -26.85 17.21
N GLY A 340 51.33 -25.99 18.13
CA GLY A 340 52.55 -25.24 18.02
C GLY A 340 52.43 -23.82 17.49
N TYR A 341 51.27 -23.20 17.59
CA TYR A 341 51.05 -21.85 17.08
C TYR A 341 50.73 -20.90 18.23
N LYS A 342 51.23 -19.67 18.12
CA LYS A 342 51.15 -18.70 19.21
C LYS A 342 49.74 -18.12 19.35
N LEU A 343 49.39 -17.77 20.59
CA LEU A 343 48.01 -17.42 20.93
C LEU A 343 48.00 -16.33 21.99
N LEU A 344 47.45 -15.16 21.65
CA LEU A 344 47.32 -14.06 22.59
C LEU A 344 46.44 -14.46 23.78
N PRO A 345 46.54 -13.75 24.90
CA PRO A 345 45.64 -14.03 26.01
C PRO A 345 44.21 -13.74 25.64
N PRO A 346 43.25 -14.45 26.25
CA PRO A 346 41.86 -14.39 25.76
C PRO A 346 41.18 -13.03 25.89
N TYR A 347 41.83 -12.02 26.43
CA TYR A 347 41.25 -10.69 26.55
C TYR A 347 41.78 -9.73 25.50
N LEU A 348 42.58 -10.21 24.55
CA LEU A 348 43.16 -9.35 23.52
C LEU A 348 43.05 -10.04 22.18
N ARG A 349 42.55 -9.30 21.18
CA ARG A 349 42.39 -9.82 19.83
C ARG A 349 42.68 -8.70 18.84
N VAL A 350 42.78 -9.08 17.56
CA VAL A 350 43.11 -8.16 16.47
C VAL A 350 42.13 -8.39 15.33
N ILE A 351 41.69 -7.30 14.69
CA ILE A 351 40.94 -7.38 13.44
C ILE A 351 41.63 -6.53 12.39
N GLN A 352 41.88 -7.12 11.23
CA GLN A 352 42.42 -6.40 10.07
C GLN A 352 41.26 -6.11 9.12
N GLY A 353 40.91 -4.84 8.99
CA GLY A 353 39.76 -4.46 8.20
C GLY A 353 40.05 -3.41 7.15
N ASP A 354 41.28 -3.41 6.65
CA ASP A 354 41.71 -2.49 5.60
C ASP A 354 42.29 -3.30 4.46
N GLY A 355 41.80 -3.05 3.25
CA GLY A 355 42.30 -3.74 2.08
C GLY A 355 42.19 -5.24 2.11
N VAL A 356 41.05 -5.76 2.57
CA VAL A 356 40.83 -7.21 2.66
C VAL A 356 39.86 -7.62 1.56
N ASP A 357 40.34 -8.45 0.63
CA ASP A 357 39.46 -9.23 -0.26
C ASP A 357 39.90 -10.69 -0.21
N ILE A 358 39.38 -11.53 -1.11
CA ILE A 358 39.67 -12.96 -0.99
C ILE A 358 41.15 -13.25 -1.25
N ASN A 359 41.81 -12.43 -2.09
CA ASN A 359 43.24 -12.63 -2.34
C ASN A 359 44.07 -12.22 -1.14
N THR A 360 43.90 -10.98 -0.67
CA THR A 360 44.68 -10.51 0.47
C THR A 360 44.39 -11.34 1.72
N LEU A 361 43.14 -11.76 1.91
CA LEU A 361 42.81 -12.64 3.03
C LEU A 361 43.67 -13.91 3.00
N GLN A 362 43.83 -14.51 1.83
CA GLN A 362 44.69 -15.68 1.69
C GLN A 362 46.13 -15.34 2.05
N GLU A 363 46.61 -14.16 1.63
CA GLU A 363 47.99 -13.77 1.95
C GLU A 363 48.17 -13.58 3.46
N ILE A 364 47.18 -13.00 4.14
CA ILE A 364 47.33 -12.72 5.56
C ILE A 364 47.43 -14.03 6.35
N VAL A 365 46.54 -14.98 6.09
CA VAL A 365 46.49 -16.19 6.88
C VAL A 365 47.71 -17.08 6.59
N GLU A 366 48.17 -17.11 5.35
CA GLU A 366 49.39 -17.85 5.04
C GLU A 366 50.61 -17.19 5.68
N GLY A 367 50.70 -15.86 5.57
CA GLY A 367 51.78 -15.14 6.23
C GLY A 367 51.79 -15.33 7.73
N MET A 368 50.61 -15.44 8.35
CA MET A 368 50.54 -15.68 9.79
C MET A 368 50.96 -17.11 10.12
N LYS A 369 50.47 -18.08 9.34
CA LYS A 369 50.87 -19.46 9.56
C LYS A 369 52.38 -19.63 9.40
N GLN A 370 52.96 -18.96 8.40
CA GLN A 370 54.39 -19.02 8.18
C GLN A 370 55.17 -18.49 9.38
N LYS A 371 54.61 -17.51 10.09
CA LYS A 371 55.22 -16.95 11.29
C LYS A 371 54.70 -17.60 12.57
N MET A 372 54.01 -18.75 12.45
CA MET A 372 53.56 -19.58 13.57
C MET A 372 52.53 -18.89 14.47
N TRP A 373 51.84 -17.86 13.97
CA TRP A 373 50.73 -17.28 14.70
C TRP A 373 49.44 -18.03 14.37
N SER A 374 48.61 -18.24 15.39
CA SER A 374 47.34 -18.92 15.19
C SER A 374 46.30 -17.97 14.59
N ILE A 375 45.37 -18.55 13.83
CA ILE A 375 44.27 -17.76 13.27
C ILE A 375 43.26 -17.34 14.34
N GLU A 376 43.34 -17.93 15.53
CA GLU A 376 42.43 -17.54 16.62
C GLU A 376 42.65 -16.10 17.03
N ASN A 377 43.85 -15.55 16.81
CA ASN A 377 44.17 -14.20 17.26
C ASN A 377 43.50 -13.13 16.41
N ILE A 378 43.03 -13.46 15.22
CA ILE A 378 42.69 -12.46 14.21
C ILE A 378 41.30 -12.73 13.65
N ALA A 379 40.60 -11.64 13.33
CA ALA A 379 39.42 -11.64 12.49
C ALA A 379 39.63 -10.65 11.37
N PHE A 380 38.77 -10.70 10.36
CA PHE A 380 38.95 -9.86 9.18
C PHE A 380 37.69 -9.04 8.93
N GLY A 381 37.90 -7.81 8.48
CA GLY A 381 36.82 -6.95 8.04
C GLY A 381 36.96 -6.63 6.58
N SER A 382 35.92 -6.88 5.80
CA SER A 382 35.95 -6.62 4.37
C SER A 382 34.79 -5.71 3.99
N GLY A 383 35.09 -4.69 3.19
CA GLY A 383 34.08 -3.75 2.76
C GLY A 383 33.82 -3.80 1.27
N GLY A 384 34.46 -2.92 0.50
CA GLY A 384 34.28 -2.91 -0.94
C GLY A 384 34.69 -4.21 -1.60
N GLY A 385 35.62 -4.95 -0.99
CA GLY A 385 36.05 -6.21 -1.58
C GLY A 385 35.04 -7.34 -1.41
N LEU A 386 34.23 -7.28 -0.35
CA LEU A 386 33.24 -8.32 -0.07
C LEU A 386 31.91 -8.09 -0.77
N LEU A 387 31.55 -6.83 -0.99
CA LEU A 387 30.21 -6.51 -1.49
C LEU A 387 30.19 -5.65 -2.74
N GLN A 388 31.29 -5.01 -3.13
CA GLN A 388 31.27 -4.09 -4.25
C GLN A 388 32.13 -4.56 -5.43
N LYS A 389 33.41 -4.88 -5.20
CA LYS A 389 34.30 -5.30 -6.27
C LYS A 389 33.95 -6.71 -6.74
N LEU A 390 32.81 -6.83 -7.41
CA LEU A 390 32.32 -8.09 -7.96
C LEU A 390 31.53 -7.78 -9.21
N THR A 391 31.67 -8.61 -10.23
CA THR A 391 30.99 -8.41 -11.49
C THR A 391 30.28 -9.69 -11.92
N ARG A 392 29.31 -9.51 -12.83
CA ARG A 392 28.58 -10.63 -13.41
C ARG A 392 29.50 -11.64 -14.10
N ASP A 393 30.71 -11.24 -14.44
CA ASP A 393 31.66 -12.12 -15.14
C ASP A 393 32.48 -12.99 -14.21
N LEU A 394 32.40 -12.78 -12.89
CA LEU A 394 33.18 -13.62 -11.97
C LEU A 394 32.71 -15.07 -12.02
N LEU A 395 31.40 -15.28 -12.09
CA LEU A 395 30.82 -16.61 -12.25
C LEU A 395 30.22 -16.81 -13.63
N ASN A 396 30.39 -15.84 -14.53
CA ASN A 396 29.79 -15.85 -15.86
C ASN A 396 28.29 -16.12 -15.76
N CYS A 397 27.62 -15.37 -14.90
CA CYS A 397 26.17 -15.45 -14.78
C CYS A 397 25.52 -15.04 -16.08
N SER A 398 24.66 -15.91 -16.61
CA SER A 398 24.14 -15.74 -17.96
C SER A 398 22.67 -16.07 -18.01
N PHE A 399 21.91 -15.27 -18.74
CA PHE A 399 20.47 -15.45 -18.94
C PHE A 399 20.23 -15.60 -20.44
N LYS A 400 19.77 -16.78 -20.85
CA LYS A 400 19.63 -17.10 -22.26
C LYS A 400 18.24 -17.62 -22.55
N CYS A 401 17.78 -17.40 -23.78
CA CYS A 401 16.57 -18.03 -24.26
C CYS A 401 16.94 -19.35 -24.92
N SER A 402 16.24 -20.42 -24.55
CA SER A 402 16.58 -21.75 -25.04
C SER A 402 15.44 -22.47 -25.76
N TYR A 403 14.21 -21.99 -25.65
CA TYR A 403 13.07 -22.68 -26.24
C TYR A 403 11.99 -21.67 -26.57
N VAL A 404 11.58 -21.63 -27.84
CA VAL A 404 10.46 -20.81 -28.29
C VAL A 404 9.50 -21.71 -29.05
N VAL A 405 8.24 -21.27 -29.13
CA VAL A 405 7.20 -21.97 -29.88
C VAL A 405 6.64 -20.97 -30.88
N THR A 406 6.85 -21.23 -32.17
CA THR A 406 6.33 -20.41 -33.24
C THR A 406 5.48 -21.29 -34.14
N ASN A 407 4.30 -20.79 -34.52
CA ASN A 407 3.38 -21.53 -35.39
C ASN A 407 3.03 -22.88 -34.81
N GLY A 408 2.95 -22.97 -33.47
CA GLY A 408 2.68 -24.24 -32.84
C GLY A 408 3.81 -25.24 -32.91
N LEU A 409 5.02 -24.77 -33.20
CA LEU A 409 6.17 -25.63 -33.42
C LEU A 409 7.30 -25.16 -32.52
N GLY A 410 7.71 -26.02 -31.58
CA GLY A 410 8.74 -25.66 -30.62
C GLY A 410 10.12 -26.02 -31.13
N ILE A 411 11.02 -25.05 -31.10
CA ILE A 411 12.40 -25.25 -31.52
C ILE A 411 13.33 -24.93 -30.36
N ASN A 412 14.43 -25.68 -30.29
CA ASN A 412 15.49 -25.40 -29.34
C ASN A 412 16.38 -24.30 -29.91
N VAL A 413 16.41 -23.14 -29.25
CA VAL A 413 17.18 -22.01 -29.73
C VAL A 413 18.42 -21.85 -28.85
N PHE A 414 19.43 -21.17 -29.42
CA PHE A 414 20.70 -21.00 -28.76
C PHE A 414 21.52 -19.99 -29.54
N LYS A 415 22.46 -19.36 -28.85
CA LYS A 415 23.48 -18.57 -29.52
C LYS A 415 24.79 -19.35 -29.53
N ASP A 416 25.56 -19.19 -30.60
CA ASP A 416 26.83 -19.89 -30.76
C ASP A 416 27.77 -19.02 -31.56
N PRO A 417 28.38 -18.02 -30.94
CA PRO A 417 29.32 -17.15 -31.66
C PRO A 417 30.53 -17.93 -32.14
N VAL A 418 31.03 -17.56 -33.32
CA VAL A 418 32.18 -18.25 -33.89
C VAL A 418 33.46 -17.85 -33.17
N ALA A 419 33.53 -16.61 -32.69
CA ALA A 419 34.74 -16.07 -32.07
C ALA A 419 34.76 -16.24 -30.57
N ASP A 420 33.80 -16.96 -29.98
CA ASP A 420 33.80 -17.23 -28.55
C ASP A 420 32.90 -18.41 -28.23
N PRO A 421 33.44 -19.64 -28.21
CA PRO A 421 32.61 -20.80 -27.82
C PRO A 421 32.19 -20.80 -26.36
N ASN A 422 32.72 -19.89 -25.54
CA ASN A 422 32.34 -19.85 -24.12
C ASN A 422 31.01 -19.14 -23.89
N LYS A 423 30.54 -18.34 -24.86
CA LYS A 423 29.23 -17.69 -24.76
C LYS A 423 28.11 -18.55 -25.32
N ARG A 424 28.31 -19.86 -25.41
CA ARG A 424 27.29 -20.78 -25.89
C ARG A 424 26.24 -21.00 -24.81
N SER A 425 25.12 -21.59 -25.21
CA SER A 425 23.98 -21.77 -24.31
C SER A 425 23.32 -23.12 -24.55
N LYS A 426 22.53 -23.55 -23.56
CA LYS A 426 21.85 -24.83 -23.63
C LYS A 426 20.60 -24.71 -24.52
N LYS A 427 20.00 -25.87 -24.81
CA LYS A 427 18.95 -25.98 -25.82
C LYS A 427 17.69 -26.59 -25.22
N GLY A 428 16.55 -25.98 -25.50
CA GLY A 428 15.27 -26.57 -25.17
C GLY A 428 14.90 -26.43 -23.71
N ARG A 429 13.88 -27.18 -23.33
CA ARG A 429 13.43 -27.22 -21.94
C ARG A 429 14.46 -27.95 -21.09
N LEU A 430 14.72 -27.41 -19.90
CA LEU A 430 15.83 -27.87 -19.07
C LEU A 430 15.30 -28.46 -17.77
N SER A 431 16.14 -29.26 -17.13
CA SER A 431 15.87 -29.79 -15.80
C SER A 431 17.20 -30.08 -15.12
N LEU A 432 17.22 -29.94 -13.80
CA LEU A 432 18.40 -30.19 -13.00
C LEU A 432 18.21 -31.49 -12.23
N HIS A 433 19.16 -32.40 -12.38
CA HIS A 433 19.04 -33.71 -11.77
C HIS A 433 20.34 -34.07 -11.04
N ARG A 434 20.23 -35.05 -10.17
CA ARG A 434 21.35 -35.56 -9.39
C ARG A 434 21.50 -37.05 -9.69
N THR A 435 22.70 -37.45 -10.10
CA THR A 435 22.97 -38.86 -10.36
C THR A 435 23.03 -39.61 -9.03
N PRO A 436 22.91 -40.95 -9.08
CA PRO A 436 23.10 -41.73 -7.85
C PRO A 436 24.46 -41.52 -7.21
N ALA A 437 25.49 -41.20 -8.01
CA ALA A 437 26.80 -40.88 -7.44
C ALA A 437 26.79 -39.53 -6.72
N GLY A 438 25.91 -38.61 -7.11
CA GLY A 438 25.77 -37.32 -6.46
C GLY A 438 26.08 -36.12 -7.33
N ASN A 439 26.83 -36.29 -8.42
CA ASN A 439 27.15 -35.14 -9.26
C ASN A 439 25.89 -34.58 -9.91
N PHE A 440 25.95 -33.29 -10.25
CA PHE A 440 24.82 -32.61 -10.85
C PHE A 440 24.93 -32.65 -12.37
N VAL A 441 23.77 -32.71 -13.02
CA VAL A 441 23.73 -32.72 -14.48
C VAL A 441 22.46 -32.00 -14.92
N THR A 442 22.61 -31.12 -15.92
CA THR A 442 21.49 -30.41 -16.51
C THR A 442 21.08 -31.14 -17.78
N LEU A 443 19.84 -31.61 -17.81
CA LEU A 443 19.29 -32.27 -19.00
C LEU A 443 18.68 -31.23 -19.92
N GLU A 444 19.04 -31.29 -21.19
CA GLU A 444 18.54 -30.36 -22.18
C GLU A 444 17.46 -31.03 -23.05
N GLU A 445 16.87 -30.23 -23.93
CA GLU A 445 15.96 -30.70 -24.99
C GLU A 445 14.82 -31.55 -24.42
N GLY A 446 14.38 -31.19 -23.23
CA GLY A 446 13.25 -31.84 -22.59
C GLY A 446 13.51 -33.24 -22.10
N LYS A 447 14.74 -33.75 -22.23
CA LYS A 447 15.02 -35.14 -21.85
C LYS A 447 14.76 -35.42 -20.38
N GLY A 448 14.46 -34.41 -19.57
CA GLY A 448 14.11 -34.65 -18.18
C GLY A 448 12.79 -35.35 -17.99
N ASP A 449 11.94 -35.39 -19.01
CA ASP A 449 10.67 -36.09 -18.90
C ASP A 449 10.85 -37.61 -18.84
N LEU A 450 11.97 -38.11 -19.34
CA LEU A 450 12.29 -39.52 -19.30
C LEU A 450 12.94 -39.94 -17.98
N GLU A 451 12.89 -39.08 -16.96
CA GLU A 451 13.41 -39.37 -15.63
C GLU A 451 14.88 -39.79 -15.63
N GLY A 454 16.42 -39.71 -10.59
CA GLY A 454 15.63 -39.11 -9.55
C GLY A 454 14.47 -38.30 -10.09
N GLN A 455 14.49 -36.99 -9.84
CA GLN A 455 13.49 -36.09 -10.39
C GLN A 455 14.08 -34.68 -10.44
N ASP A 456 13.27 -33.74 -10.90
CA ASP A 456 13.75 -32.38 -11.16
C ASP A 456 13.92 -31.61 -9.86
N LEU A 457 15.09 -31.00 -9.69
CA LEU A 457 15.36 -30.17 -8.51
C LEU A 457 14.84 -28.75 -8.65
N LEU A 458 14.39 -28.37 -9.85
CA LEU A 458 13.81 -27.04 -10.09
C LEU A 458 12.35 -27.07 -9.68
N HIS A 459 12.04 -26.50 -8.52
CA HIS A 459 10.67 -26.39 -8.05
C HIS A 459 10.08 -25.04 -8.47
N THR A 460 8.76 -25.01 -8.63
CA THR A 460 8.07 -23.78 -9.01
C THR A 460 8.06 -22.82 -7.81
N VAL A 461 8.61 -21.62 -7.99
CA VAL A 461 8.61 -20.63 -6.93
C VAL A 461 7.72 -19.43 -7.26
N PHE A 462 7.32 -19.25 -8.51
CA PHE A 462 6.47 -18.14 -8.90
C PHE A 462 5.56 -18.59 -10.03
N LYS A 463 4.27 -18.26 -9.93
CA LYS A 463 3.32 -18.60 -10.98
C LYS A 463 2.18 -17.61 -10.96
N ASN A 464 2.01 -16.88 -12.07
CA ASN A 464 0.82 -16.04 -12.29
C ASN A 464 0.61 -15.03 -11.17
N GLY A 465 1.71 -14.42 -10.70
CA GLY A 465 1.61 -13.34 -9.74
C GLY A 465 1.75 -13.73 -8.29
N LYS A 466 1.87 -15.01 -7.97
CA LYS A 466 1.99 -15.47 -6.60
C LYS A 466 3.30 -16.23 -6.40
N VAL A 467 3.91 -16.04 -5.24
CA VAL A 467 5.07 -16.84 -4.84
C VAL A 467 4.56 -18.16 -4.29
N THR A 468 4.96 -19.26 -4.93
CA THR A 468 4.38 -20.56 -4.59
C THR A 468 5.23 -21.38 -3.64
N LYS A 469 6.50 -21.04 -3.45
CA LYS A 469 7.39 -21.79 -2.57
C LYS A 469 8.40 -20.82 -1.96
N SER A 470 8.52 -20.84 -0.64
CA SER A 470 9.42 -19.95 0.07
C SER A 470 10.35 -20.76 0.95
N TYR A 471 11.48 -20.15 1.30
CA TYR A 471 12.47 -20.75 2.18
C TYR A 471 12.83 -19.76 3.28
N SER A 472 13.01 -20.25 4.50
CA SER A 472 13.50 -19.39 5.56
C SER A 472 15.01 -19.26 5.49
N PHE A 473 15.53 -18.25 6.20
CA PHE A 473 16.97 -18.03 6.18
C PHE A 473 17.72 -19.14 6.91
N ASP A 474 17.07 -19.80 7.88
CA ASP A 474 17.66 -20.96 8.52
C ASP A 474 17.80 -22.13 7.54
N GLU A 475 16.76 -22.37 6.73
CA GLU A 475 16.87 -23.39 5.70
C GLU A 475 17.97 -23.07 4.70
N ILE A 476 18.16 -21.79 4.40
CA ILE A 476 19.19 -21.40 3.43
C ILE A 476 20.58 -21.62 4.01
N ARG A 477 20.78 -21.26 5.27
CA ARG A 477 22.07 -21.47 5.91
C ARG A 477 22.40 -22.95 6.01
N LYS A 478 21.39 -23.80 6.23
CA LYS A 478 21.63 -25.24 6.31
C LYS A 478 22.12 -25.80 4.98
N ASN A 479 21.49 -25.38 3.88
CA ASN A 479 21.88 -25.90 2.56
C ASN A 479 23.27 -25.43 2.14
N ALA A 480 23.66 -24.24 2.56
CA ALA A 480 24.92 -23.65 2.12
C ALA A 480 26.09 -24.01 3.04
N GLN A 481 25.91 -24.94 3.97
CA GLN A 481 26.98 -25.31 4.89
C GLN A 481 28.14 -25.96 4.15
N LEU A 482 29.31 -25.90 4.78
CA LEU A 482 30.47 -26.60 4.25
C LEU A 482 30.44 -28.07 4.66
N ASN A 483 31.33 -28.85 4.07
CA ASN A 483 31.39 -30.29 4.36
C ASN A 483 32.26 -30.59 5.59
N PHE B 9 12.03 2.50 4.36
CA PHE B 9 13.36 2.96 4.74
C PHE B 9 13.38 3.62 6.13
N ASN B 10 14.36 3.24 6.94
CA ASN B 10 14.47 3.71 8.32
C ASN B 10 15.88 4.24 8.55
N ILE B 11 16.00 5.56 8.69
CA ILE B 11 17.32 6.20 8.83
C ILE B 11 18.05 5.69 10.07
N LEU B 12 17.31 5.35 11.13
CA LEU B 12 17.93 4.81 12.33
C LEU B 12 18.50 3.41 12.12
N LEU B 13 18.13 2.73 11.04
CA LEU B 13 18.71 1.44 10.67
C LEU B 13 19.64 1.54 9.47
N ALA B 14 19.96 2.75 9.02
CA ALA B 14 20.74 2.93 7.80
C ALA B 14 22.14 3.46 8.11
N THR B 15 22.85 2.81 9.02
CA THR B 15 24.20 3.23 9.33
C THR B 15 25.00 2.00 9.73
N ASP B 16 26.33 2.14 9.69
CA ASP B 16 27.20 1.09 10.22
C ASP B 16 26.86 0.84 11.68
N SER B 17 26.94 -0.43 12.09
CA SER B 17 26.49 -0.83 13.41
C SER B 17 27.26 -0.09 14.51
N TYR B 18 28.58 0.00 14.40
CA TYR B 18 29.35 0.60 15.49
C TYR B 18 29.04 2.08 15.68
N LYS B 19 28.50 2.76 14.67
CA LYS B 19 28.08 4.14 14.84
C LYS B 19 26.92 4.30 15.81
N VAL B 20 26.21 3.21 16.14
CA VAL B 20 25.17 3.29 17.16
C VAL B 20 25.76 3.57 18.53
N THR B 21 27.02 3.18 18.76
CA THR B 21 27.64 3.31 20.07
C THR B 21 28.54 4.53 20.19
N HIS B 22 28.56 5.42 19.20
CA HIS B 22 29.54 6.50 19.19
C HIS B 22 29.12 7.72 20.02
N TYR B 23 27.83 7.88 20.30
CA TYR B 23 27.41 9.00 21.15
C TYR B 23 27.98 8.90 22.55
N LYS B 24 28.50 7.73 22.95
CA LYS B 24 29.13 7.52 24.24
C LYS B 24 30.65 7.52 24.15
N GLN B 25 31.22 7.87 23.00
CA GLN B 25 32.66 7.85 22.81
C GLN B 25 33.27 9.23 22.57
N TYR B 26 32.50 10.19 22.10
CA TYR B 26 33.01 11.53 21.89
C TYR B 26 33.37 12.17 23.24
N PRO B 27 34.27 13.14 23.25
CA PRO B 27 34.63 13.79 24.51
C PRO B 27 33.42 14.48 25.12
N PRO B 28 33.28 14.43 26.45
CA PRO B 28 32.12 15.07 27.07
C PRO B 28 32.04 16.54 26.73
N ASN B 29 30.80 17.05 26.68
CA ASN B 29 30.53 18.44 26.35
C ASN B 29 30.96 18.80 24.94
N THR B 30 30.87 17.84 24.02
CA THR B 30 31.08 18.12 22.59
C THR B 30 29.78 18.66 22.02
N SER B 31 29.81 19.92 21.59
CA SER B 31 28.60 20.58 21.10
C SER B 31 28.52 20.64 19.58
N LYS B 32 29.63 20.35 18.88
CA LYS B 32 29.63 20.41 17.43
C LYS B 32 30.60 19.36 16.89
N VAL B 33 30.13 18.58 15.93
CA VAL B 33 30.97 17.68 15.15
C VAL B 33 30.84 18.13 13.70
N TYR B 34 31.98 18.48 13.09
CA TYR B 34 32.02 19.07 11.76
C TYR B 34 32.84 18.14 10.87
N SER B 35 32.24 17.64 9.80
CA SER B 35 32.89 16.65 8.96
C SER B 35 32.75 17.04 7.50
N TYR B 36 33.63 16.48 6.68
CA TYR B 36 33.76 16.86 5.28
C TYR B 36 34.03 15.63 4.43
N PHE B 37 33.67 15.77 3.15
CA PHE B 37 33.87 14.75 2.13
C PHE B 37 34.85 15.28 1.10
N GLU B 38 35.80 14.45 0.72
CA GLU B 38 36.73 14.77 -0.36
C GLU B 38 37.08 13.51 -1.13
N CYS B 39 37.61 13.72 -2.34
CA CYS B 39 38.28 12.67 -3.12
C CYS B 39 39.78 12.89 -2.94
N ARG B 40 40.35 12.22 -1.95
CA ARG B 40 41.76 12.39 -1.58
C ARG B 40 42.68 12.20 -2.79
N GLU B 41 43.77 12.96 -2.81
CA GLU B 41 44.75 12.87 -3.89
C GLU B 41 45.45 11.51 -3.96
N LYS B 53 45.76 10.44 -14.11
CA LYS B 53 44.40 9.96 -14.39
C LYS B 53 43.45 10.28 -13.23
N TYR B 54 42.24 10.73 -13.58
CA TYR B 54 41.23 11.14 -12.59
C TYR B 54 41.73 12.30 -11.74
N GLU B 55 42.26 13.32 -12.41
CA GLU B 55 42.74 14.50 -11.70
C GLU B 55 41.61 15.41 -11.25
N GLU B 56 40.45 15.34 -11.90
CA GLU B 56 39.30 16.16 -11.58
C GLU B 56 38.06 15.29 -11.51
N THR B 57 37.18 15.62 -10.57
CA THR B 57 35.97 14.83 -10.33
C THR B 57 34.73 15.68 -10.61
N VAL B 58 33.68 15.01 -11.09
CA VAL B 58 32.37 15.63 -11.24
C VAL B 58 31.60 15.37 -9.95
N PHE B 59 31.20 16.43 -9.27
CA PHE B 59 30.43 16.29 -8.03
C PHE B 59 28.96 16.15 -8.40
N TYR B 60 28.41 14.96 -8.23
CA TYR B 60 27.01 14.71 -8.54
C TYR B 60 26.51 13.57 -7.66
N GLY B 61 25.26 13.69 -7.21
CA GLY B 61 24.60 12.62 -6.49
C GLY B 61 24.16 12.94 -5.08
N LEU B 62 24.63 14.04 -4.48
CA LEU B 62 24.26 14.33 -3.10
C LEU B 62 22.78 14.66 -2.96
N GLN B 63 22.23 15.39 -3.92
CA GLN B 63 20.84 15.83 -3.83
C GLN B 63 19.87 14.65 -3.86
N TYR B 64 20.18 13.61 -4.63
CA TYR B 64 19.39 12.38 -4.59
C TYR B 64 19.29 11.87 -3.15
N ILE B 65 20.42 11.77 -2.46
CA ILE B 65 20.42 11.27 -1.08
C ILE B 65 19.62 12.20 -0.17
N LEU B 66 19.80 13.51 -0.34
CA LEU B 66 19.09 14.45 0.53
C LEU B 66 17.58 14.31 0.36
N ASN B 67 17.10 14.33 -0.88
CA ASN B 67 15.66 14.28 -1.13
C ASN B 67 15.05 12.94 -0.74
N LYS B 68 15.76 11.85 -0.99
CA LYS B 68 15.16 10.54 -0.82
C LYS B 68 15.26 10.03 0.61
N TYR B 69 16.32 10.36 1.34
CA TYR B 69 16.57 9.73 2.63
C TYR B 69 16.62 10.69 3.81
N LEU B 70 17.01 11.94 3.62
CA LEU B 70 17.32 12.82 4.75
C LEU B 70 16.27 13.89 5.02
N LYS B 71 15.50 14.32 4.03
CA LYS B 71 14.68 15.50 4.22
C LYS B 71 13.34 15.15 4.86
N GLY B 72 12.76 16.14 5.52
CA GLY B 72 11.45 16.00 6.13
C GLY B 72 11.49 15.19 7.41
N LYS B 73 10.31 14.72 7.80
CA LYS B 73 10.16 13.91 9.02
C LYS B 73 10.68 12.51 8.73
N VAL B 74 11.93 12.25 9.12
CA VAL B 74 12.55 10.95 8.93
C VAL B 74 12.66 10.17 10.23
N VAL B 75 12.28 10.77 11.36
CA VAL B 75 12.24 10.08 12.64
C VAL B 75 10.78 10.00 13.08
N THR B 76 10.33 8.79 13.39
CA THR B 76 8.99 8.55 13.92
C THR B 76 9.08 7.61 15.10
N LYS B 77 8.01 7.58 15.90
CA LYS B 77 7.96 6.65 17.03
C LYS B 77 8.12 5.22 16.54
N GLU B 78 7.51 4.89 15.40
CA GLU B 78 7.61 3.54 14.86
C GLU B 78 9.05 3.20 14.49
N LYS B 79 9.74 4.11 13.78
CA LYS B 79 11.12 3.83 13.38
C LYS B 79 12.06 3.75 14.58
N ILE B 80 11.77 4.49 15.65
CA ILE B 80 12.61 4.41 16.84
C ILE B 80 12.44 3.06 17.52
N GLN B 81 11.20 2.60 17.66
CA GLN B 81 10.95 1.30 18.27
C GLN B 81 11.54 0.17 17.44
N GLU B 82 11.38 0.25 16.12
CA GLU B 82 11.95 -0.78 15.23
C GLU B 82 13.46 -0.87 15.41
N ALA B 83 14.14 0.28 15.45
CA ALA B 83 15.60 0.29 15.60
C ALA B 83 16.01 -0.21 16.98
N LYS B 84 15.28 0.17 18.03
CA LYS B 84 15.65 -0.22 19.39
C LYS B 84 15.62 -1.73 19.57
N ASP B 85 14.58 -2.39 19.04
CA ASP B 85 14.50 -3.85 19.20
C ASP B 85 15.53 -4.56 18.34
N VAL B 86 15.84 -4.03 17.16
CA VAL B 86 16.89 -4.62 16.33
C VAL B 86 18.23 -4.56 17.03
N TYR B 87 18.60 -3.38 17.54
CA TYR B 87 19.94 -3.20 18.10
C TYR B 87 20.10 -3.92 19.43
N LYS B 88 19.00 -4.10 20.17
CA LYS B 88 19.05 -4.89 21.40
C LYS B 88 19.59 -6.30 21.14
N GLU B 89 19.07 -6.97 20.10
CA GLU B 89 19.55 -8.30 19.78
C GLU B 89 20.85 -8.26 18.99
N HIS B 90 21.05 -7.22 18.18
CA HIS B 90 22.26 -7.13 17.37
C HIS B 90 23.51 -7.01 18.24
N PHE B 91 23.45 -6.19 19.28
CA PHE B 91 24.57 -6.00 20.19
C PHE B 91 24.51 -6.88 21.44
N GLN B 92 23.43 -7.64 21.64
CA GLN B 92 23.24 -8.44 22.86
C GLN B 92 23.35 -7.56 24.11
N ASP B 93 22.94 -6.31 23.98
CA ASP B 93 23.05 -5.30 25.02
C ASP B 93 22.28 -4.07 24.53
N ASP B 94 21.91 -3.21 25.48
CA ASP B 94 21.15 -2.00 25.15
C ASP B 94 22.11 -0.82 25.13
N VAL B 95 22.52 -0.42 23.93
CA VAL B 95 23.38 0.73 23.75
C VAL B 95 22.74 1.81 22.88
N PHE B 96 21.64 1.51 22.20
CA PHE B 96 20.98 2.46 21.32
C PHE B 96 20.61 3.73 22.08
N ASN B 97 20.87 4.88 21.45
CA ASN B 97 20.60 6.20 22.05
C ASN B 97 19.15 6.61 21.76
N GLU B 98 18.23 5.91 22.44
CA GLU B 98 16.82 6.17 22.18
C GLU B 98 16.39 7.54 22.71
N LYS B 99 17.01 8.02 23.78
CA LYS B 99 16.72 9.38 24.26
C LYS B 99 17.12 10.42 23.25
N GLY B 100 18.31 10.28 22.66
CA GLY B 100 18.77 11.24 21.67
C GLY B 100 17.88 11.28 20.44
N TRP B 101 17.38 10.11 20.01
CA TRP B 101 16.48 10.10 18.87
C TRP B 101 15.09 10.60 19.26
N ASN B 102 14.65 10.33 20.49
CA ASN B 102 13.37 10.88 20.94
C ASN B 102 13.41 12.41 20.94
N TYR B 103 14.52 12.98 21.40
CA TYR B 103 14.67 14.44 21.41
C TYR B 103 14.43 15.03 20.03
N ILE B 104 14.98 14.40 18.99
CA ILE B 104 14.78 14.89 17.63
C ILE B 104 13.32 14.79 17.23
N LEU B 105 12.67 13.67 17.57
CA LEU B 105 11.26 13.52 17.28
C LEU B 105 10.42 14.57 18.01
N GLU B 106 10.72 14.82 19.29
CA GLU B 106 9.92 15.75 20.09
C GLU B 106 10.20 17.20 19.71
N LYS B 107 11.49 17.58 19.66
CA LYS B 107 11.84 18.99 19.48
C LYS B 107 11.65 19.44 18.03
N TYR B 108 12.14 18.66 17.07
CA TYR B 108 12.14 19.10 15.67
C TYR B 108 11.13 18.33 14.81
N ASP B 109 10.18 17.63 15.44
CA ASP B 109 9.15 16.88 14.72
C ASP B 109 9.79 15.89 13.75
N GLY B 110 10.85 15.22 14.19
CA GLY B 110 11.50 14.22 13.36
C GLY B 110 12.32 14.75 12.22
N HIS B 111 12.58 16.07 12.18
CA HIS B 111 13.46 16.67 11.18
C HIS B 111 14.89 16.67 11.70
N LEU B 112 15.82 16.32 10.81
CA LEU B 112 17.23 16.20 11.24
C LEU B 112 17.84 17.57 11.46
N PRO B 113 18.36 17.88 12.66
CA PRO B 113 19.09 19.15 12.90
C PRO B 113 20.52 19.09 12.38
N ILE B 114 20.66 19.27 11.07
CA ILE B 114 21.92 19.12 10.37
C ILE B 114 22.02 20.25 9.34
N GLU B 115 23.21 20.78 9.14
CA GLU B 115 23.47 21.68 8.03
C GLU B 115 24.52 21.07 7.11
N ILE B 116 24.23 21.08 5.82
CA ILE B 116 25.12 20.54 4.80
C ILE B 116 25.38 21.63 3.79
N LYS B 117 26.65 21.97 3.60
CA LYS B 117 27.08 22.89 2.56
C LYS B 117 27.87 22.10 1.53
N ALA B 118 27.62 22.37 0.25
CA ALA B 118 28.18 21.59 -0.83
C ALA B 118 28.45 22.48 -2.03
N VAL B 119 29.44 22.10 -2.83
CA VAL B 119 29.68 22.76 -4.11
C VAL B 119 28.52 22.44 -5.03
N PRO B 120 28.17 23.31 -5.97
CA PRO B 120 27.06 23.01 -6.90
C PRO B 120 27.33 21.71 -7.65
N GLU B 121 26.28 20.89 -7.77
CA GLU B 121 26.43 19.62 -8.45
C GLU B 121 26.70 19.85 -9.94
N GLY B 122 27.53 18.99 -10.51
CA GLY B 122 28.03 19.18 -11.85
C GLY B 122 29.36 19.90 -11.92
N PHE B 123 29.77 20.57 -10.84
CA PHE B 123 31.06 21.24 -10.81
C PHE B 123 32.20 20.24 -11.01
N VAL B 124 33.19 20.61 -11.80
CA VAL B 124 34.36 19.79 -12.06
C VAL B 124 35.49 20.31 -11.18
N ILE B 125 35.87 19.52 -10.17
CA ILE B 125 36.77 19.95 -9.11
C ILE B 125 37.99 19.05 -9.10
N PRO B 126 39.21 19.59 -9.04
CA PRO B 126 40.40 18.75 -8.88
C PRO B 126 40.35 17.96 -7.58
N ARG B 127 41.07 16.83 -7.59
CA ARG B 127 41.18 15.99 -6.41
C ARG B 127 41.75 16.77 -5.22
N GLY B 128 41.44 16.28 -4.02
CA GLY B 128 42.01 16.86 -2.82
C GLY B 128 41.31 18.10 -2.32
N ASN B 129 40.09 18.38 -2.80
CA ASN B 129 39.33 19.56 -2.38
C ASN B 129 38.07 19.13 -1.62
N VAL B 130 37.67 19.98 -0.68
CA VAL B 130 36.42 19.74 0.02
C VAL B 130 35.27 19.83 -0.98
N LEU B 131 34.40 18.82 -0.96
CA LEU B 131 33.22 18.81 -1.81
C LEU B 131 31.95 19.15 -1.04
N PHE B 132 31.77 18.60 0.16
CA PHE B 132 30.70 19.07 1.02
C PHE B 132 31.09 18.86 2.47
N THR B 133 30.42 19.62 3.35
CA THR B 133 30.64 19.56 4.79
C THR B 133 29.31 19.30 5.49
N VAL B 134 29.38 18.66 6.66
CA VAL B 134 28.20 18.30 7.44
C VAL B 134 28.47 18.66 8.90
N GLU B 135 27.51 19.33 9.54
CA GLU B 135 27.62 19.66 10.95
C GLU B 135 26.22 19.67 11.58
N ASN B 136 26.17 19.37 12.87
CA ASN B 136 24.92 19.40 13.61
C ASN B 136 24.60 20.83 14.03
N THR B 137 23.33 21.22 13.90
CA THR B 137 22.89 22.56 14.27
C THR B 137 22.40 22.66 15.71
N ASP B 138 22.20 21.53 16.38
CA ASP B 138 21.77 21.51 17.78
C ASP B 138 22.86 20.84 18.61
N PRO B 139 23.36 21.50 19.67
CA PRO B 139 24.45 20.91 20.46
C PRO B 139 24.12 19.54 21.04
N GLU B 140 22.84 19.25 21.29
CA GLU B 140 22.47 17.95 21.81
C GLU B 140 22.67 16.83 20.79
N CYS B 141 22.76 17.18 19.50
CA CYS B 141 22.84 16.21 18.41
C CYS B 141 24.24 16.13 17.80
N TYR B 142 25.27 16.30 18.63
CA TYR B 142 26.65 16.21 18.15
C TYR B 142 26.91 14.88 17.46
N TRP B 143 26.28 13.81 17.95
CA TRP B 143 26.52 12.47 17.45
C TRP B 143 25.89 12.26 16.08
N LEU B 144 25.01 13.16 15.65
CA LEU B 144 24.24 12.93 14.43
C LEU B 144 25.08 13.15 13.18
N THR B 145 26.10 14.02 13.27
CA THR B 145 26.90 14.36 12.10
C THR B 145 27.52 13.12 11.46
N ASN B 146 28.17 12.29 12.25
CA ASN B 146 28.80 11.09 11.68
C ASN B 146 27.90 9.86 11.72
N TRP B 147 26.70 9.97 12.31
CA TRP B 147 25.72 8.91 12.15
C TRP B 147 25.34 8.73 10.69
N ILE B 148 25.15 9.85 9.99
CA ILE B 148 24.71 9.83 8.60
C ILE B 148 25.90 9.82 7.66
N GLU B 149 27.10 9.53 8.17
CA GLU B 149 28.26 9.38 7.29
C GLU B 149 28.04 8.28 6.27
N THR B 150 27.52 7.14 6.72
CA THR B 150 27.38 5.97 5.85
C THR B 150 26.48 6.25 4.66
N ILE B 151 25.36 6.95 4.89
CA ILE B 151 24.45 7.21 3.78
C ILE B 151 25.04 8.27 2.85
N LEU B 152 25.75 9.25 3.40
CA LEU B 152 26.31 10.33 2.59
C LEU B 152 27.53 9.88 1.79
N VAL B 153 28.37 9.02 2.36
CA VAL B 153 29.59 8.60 1.69
C VAL B 153 29.29 7.77 0.44
N GLN B 154 28.10 7.15 0.38
CA GLN B 154 27.70 6.41 -0.82
C GLN B 154 27.60 7.30 -2.04
N SER B 155 27.68 8.63 -1.88
CA SER B 155 27.77 9.48 -3.06
C SER B 155 29.07 9.26 -3.83
N TRP B 156 30.02 8.49 -3.28
CA TRP B 156 31.19 8.09 -4.04
C TRP B 156 30.79 7.47 -5.36
N TYR B 157 29.70 6.70 -5.37
CA TYR B 157 29.32 5.96 -6.57
C TYR B 157 28.90 6.90 -7.70
N PRO B 158 27.88 7.75 -7.54
CA PRO B 158 27.54 8.67 -8.64
C PRO B 158 28.68 9.62 -8.99
N ILE B 159 29.49 10.04 -8.02
CA ILE B 159 30.65 10.86 -8.32
C ILE B 159 31.60 10.11 -9.24
N THR B 160 31.90 8.85 -8.92
CA THR B 160 32.86 8.08 -9.70
C THR B 160 32.31 7.77 -11.08
N VAL B 161 31.03 7.42 -11.18
CA VAL B 161 30.45 7.12 -12.48
C VAL B 161 30.46 8.36 -13.36
N ALA B 162 30.05 9.50 -12.80
CA ALA B 162 30.03 10.75 -13.57
C ALA B 162 31.44 11.16 -14.00
N THR B 163 32.41 10.97 -13.11
CA THR B 163 33.80 11.30 -13.43
C THR B 163 34.35 10.36 -14.49
N ASN B 164 34.18 9.06 -14.31
CA ASN B 164 34.67 8.11 -15.29
C ASN B 164 33.97 8.30 -16.64
N SER B 165 32.66 8.52 -16.62
CA SER B 165 31.93 8.81 -17.84
C SER B 165 32.49 10.04 -18.55
N ARG B 166 32.78 11.11 -17.80
CA ARG B 166 33.28 12.34 -18.40
C ARG B 166 34.71 12.19 -18.92
N GLU B 167 35.55 11.40 -18.24
CA GLU B 167 36.88 11.14 -18.77
C GLU B 167 36.80 10.40 -20.11
N GLN B 168 35.83 9.50 -20.26
CA GLN B 168 35.63 8.86 -21.55
C GLN B 168 35.15 9.85 -22.60
N LYS B 169 34.37 10.85 -22.17
CA LYS B 169 33.88 11.86 -23.09
C LYS B 169 35.03 12.68 -23.67
N LYS B 170 36.06 12.94 -22.84
CA LYS B 170 37.25 13.65 -23.33
C LYS B 170 37.92 12.86 -24.44
N ILE B 171 38.13 11.56 -24.22
CA ILE B 171 38.75 10.70 -25.23
C ILE B 171 37.93 10.72 -26.51
N LEU B 172 36.62 10.51 -26.40
CA LEU B 172 35.76 10.51 -27.58
C LEU B 172 35.79 11.86 -28.29
N ALA B 173 35.80 12.95 -27.51
CA ALA B 173 35.81 14.27 -28.12
C ALA B 173 37.14 14.59 -28.79
N LYS B 174 38.25 14.14 -28.20
CA LYS B 174 39.56 14.40 -28.78
C LYS B 174 39.71 13.71 -30.13
N TYR B 175 39.22 12.48 -30.25
CA TYR B 175 39.37 11.73 -31.49
C TYR B 175 38.26 11.99 -32.49
N LEU B 176 37.05 12.33 -32.04
CA LEU B 176 36.01 12.69 -32.98
C LEU B 176 36.34 14.01 -33.69
N LEU B 177 37.12 14.86 -33.04
CA LEU B 177 37.50 16.12 -33.65
C LEU B 177 38.64 15.93 -34.64
N GLU B 178 39.61 15.08 -34.30
CA GLU B 178 40.73 14.82 -35.19
C GLU B 178 40.32 14.08 -36.47
N THR B 179 39.18 13.39 -36.45
CA THR B 179 38.78 12.55 -37.57
C THR B 179 37.57 13.08 -38.34
N SER B 180 36.84 14.05 -37.79
CA SER B 180 35.68 14.60 -38.49
C SER B 180 35.60 16.12 -38.48
N GLY B 181 36.31 16.83 -37.59
CA GLY B 181 36.28 18.27 -37.57
C GLY B 181 35.22 18.89 -36.70
N ASN B 182 34.21 18.12 -36.26
CA ASN B 182 33.16 18.62 -35.41
C ASN B 182 32.92 17.64 -34.27
N LEU B 183 31.98 17.99 -33.39
CA LEU B 183 31.61 17.15 -32.25
C LEU B 183 30.12 16.81 -32.31
N ASP B 184 29.55 16.81 -33.51
CA ASP B 184 28.13 16.50 -33.65
C ASP B 184 27.87 15.07 -33.21
N GLY B 185 26.84 14.90 -32.38
CA GLY B 185 26.50 13.60 -31.85
C GLY B 185 27.42 13.08 -30.77
N LEU B 186 28.29 13.93 -30.21
CA LEU B 186 29.19 13.47 -29.16
C LEU B 186 28.41 12.90 -27.98
N GLU B 187 27.31 13.55 -27.60
CA GLU B 187 26.55 13.10 -26.44
C GLU B 187 25.78 11.80 -26.69
N TYR B 188 25.89 11.21 -27.89
CA TYR B 188 25.28 9.92 -28.18
C TYR B 188 26.31 8.85 -28.53
N LYS B 189 27.61 9.09 -28.30
CA LYS B 189 28.66 8.17 -28.68
C LYS B 189 28.97 7.12 -27.62
N LEU B 190 28.65 7.38 -26.35
CA LEU B 190 28.82 6.40 -25.28
C LEU B 190 27.45 6.11 -24.69
N HIS B 191 26.91 4.94 -24.99
CA HIS B 191 25.56 4.55 -24.60
C HIS B 191 25.60 3.59 -23.43
N ASP B 192 24.71 3.80 -22.47
CA ASP B 192 24.70 3.04 -21.23
C ASP B 192 23.82 1.80 -21.39
N PHE B 193 24.46 0.61 -21.31
CA PHE B 193 23.77 -0.67 -21.31
C PHE B 193 23.99 -1.43 -19.99
N GLY B 194 24.14 -0.71 -18.88
CA GLY B 194 24.55 -1.32 -17.65
C GLY B 194 23.45 -1.86 -16.74
N TYR B 195 22.20 -1.86 -17.19
CA TYR B 195 21.09 -2.17 -16.30
C TYR B 195 21.21 -3.59 -15.74
N ARG B 196 21.51 -4.57 -16.59
CA ARG B 196 21.55 -5.96 -16.15
C ARG B 196 22.81 -6.29 -15.36
N GLY B 197 23.90 -5.56 -15.56
CA GLY B 197 25.18 -5.89 -14.95
C GLY B 197 25.47 -5.30 -13.60
N VAL B 198 24.56 -4.53 -13.02
CA VAL B 198 24.80 -3.93 -11.72
C VAL B 198 24.08 -4.73 -10.64
N SER B 199 24.21 -4.29 -9.40
CA SER B 199 23.91 -5.12 -8.24
C SER B 199 22.50 -4.95 -7.69
N SER B 200 21.76 -3.93 -8.11
CA SER B 200 20.39 -3.72 -7.62
C SER B 200 19.70 -2.70 -8.50
N GLN B 201 18.38 -2.58 -8.33
CA GLN B 201 17.60 -1.63 -9.10
C GLN B 201 17.98 -0.19 -8.76
N GLU B 202 18.19 0.10 -7.49
CA GLU B 202 18.56 1.46 -7.09
C GLU B 202 19.94 1.83 -7.64
N THR B 203 20.90 0.92 -7.53
CA THR B 203 22.22 1.17 -8.11
C THR B 203 22.11 1.46 -9.60
N ALA B 204 21.25 0.73 -10.32
CA ALA B 204 21.07 0.98 -11.74
C ALA B 204 20.57 2.40 -11.99
N GLY B 205 19.58 2.85 -11.21
CA GLY B 205 19.07 4.20 -11.40
C GLY B 205 20.11 5.26 -11.09
N ILE B 206 20.76 5.15 -9.93
CA ILE B 206 21.83 6.07 -9.56
C ILE B 206 22.91 6.11 -10.64
N GLY B 207 23.40 4.93 -11.04
CA GLY B 207 24.50 4.88 -11.99
C GLY B 207 24.14 5.44 -13.35
N ALA B 208 22.94 5.12 -13.84
CA ALA B 208 22.55 5.63 -15.16
C ALA B 208 22.37 7.14 -15.14
N SER B 209 21.90 7.70 -14.04
CA SER B 209 21.74 9.16 -13.99
C SER B 209 23.11 9.85 -14.01
N ALA B 210 24.10 9.26 -13.34
CA ALA B 210 25.46 9.81 -13.41
C ALA B 210 26.01 9.78 -14.82
N HIS B 211 25.75 8.70 -15.57
CA HIS B 211 26.14 8.68 -16.98
C HIS B 211 25.47 9.83 -17.73
N LEU B 212 24.18 10.05 -17.49
CA LEU B 212 23.43 11.07 -18.20
C LEU B 212 23.88 12.49 -17.88
N VAL B 213 24.75 12.67 -16.87
CA VAL B 213 25.34 13.99 -16.66
C VAL B 213 26.14 14.43 -17.88
N ASN B 214 26.76 13.48 -18.60
CA ASN B 214 27.62 13.80 -19.73
C ASN B 214 27.07 13.38 -21.07
N PHE B 215 26.14 12.43 -21.11
CA PHE B 215 25.62 11.88 -22.35
C PHE B 215 24.10 11.83 -22.27
N LYS B 216 23.47 11.52 -23.39
CA LYS B 216 22.02 11.49 -23.45
C LYS B 216 21.46 10.14 -23.85
N GLY B 217 22.31 9.16 -24.15
CA GLY B 217 21.86 7.85 -24.60
C GLY B 217 21.98 6.83 -23.49
N THR B 218 20.87 6.13 -23.23
CA THR B 218 20.85 5.13 -22.17
C THR B 218 19.74 4.14 -22.46
N ASP B 219 19.95 2.89 -22.04
CA ASP B 219 18.91 1.87 -22.03
C ASP B 219 18.46 1.54 -20.62
N THR B 220 19.08 2.13 -19.61
CA THR B 220 18.74 1.87 -18.22
C THR B 220 17.61 2.82 -17.84
N VAL B 221 16.37 2.36 -18.06
CA VAL B 221 15.20 3.22 -17.88
C VAL B 221 15.11 3.73 -16.45
N ALA B 222 15.60 2.94 -15.49
CA ALA B 222 15.57 3.38 -14.09
C ALA B 222 16.26 4.72 -13.89
N GLY B 223 17.25 5.04 -14.73
CA GLY B 223 17.89 6.34 -14.61
C GLY B 223 16.98 7.48 -15.02
N LEU B 224 16.13 7.25 -16.02
CA LEU B 224 15.16 8.25 -16.44
C LEU B 224 14.23 8.63 -15.29
N ALA B 225 13.69 7.62 -14.60
CA ALA B 225 12.77 7.89 -13.49
C ALA B 225 13.48 8.52 -12.30
N LEU B 226 14.74 8.15 -12.05
CA LEU B 226 15.44 8.74 -10.90
C LEU B 226 15.66 10.23 -11.11
N ILE B 227 16.05 10.62 -12.33
CA ILE B 227 16.28 12.05 -12.61
C ILE B 227 14.97 12.82 -12.48
N LYS B 228 13.89 12.29 -13.06
CA LYS B 228 12.62 12.99 -13.07
C LYS B 228 12.08 13.21 -11.65
N LYS B 229 12.31 12.26 -10.75
CA LYS B 229 11.77 12.35 -9.40
C LYS B 229 12.63 13.20 -8.46
N TYR B 230 13.95 13.21 -8.65
CA TYR B 230 14.82 13.85 -7.66
C TYR B 230 15.62 15.04 -8.17
N TYR B 231 15.67 15.27 -9.47
CA TYR B 231 16.32 16.46 -10.00
C TYR B 231 15.43 17.26 -10.93
N GLY B 232 14.72 16.59 -11.83
CA GLY B 232 13.87 17.29 -12.77
C GLY B 232 14.66 17.82 -13.95
N THR B 233 13.99 17.98 -15.08
CA THR B 233 14.60 18.56 -16.27
C THR B 233 13.54 19.36 -17.00
N LYS B 234 13.99 20.31 -17.80
CA LYS B 234 13.09 21.03 -18.68
C LYS B 234 12.86 20.31 -20.00
N ASP B 235 13.68 19.31 -20.31
CA ASP B 235 13.47 18.48 -21.48
C ASP B 235 12.38 17.45 -21.20
N PRO B 236 11.70 16.96 -22.24
CA PRO B 236 10.65 15.95 -21.99
C PRO B 236 11.16 14.68 -21.32
N VAL B 237 12.39 14.27 -21.60
CA VAL B 237 12.95 13.06 -21.00
C VAL B 237 14.46 13.24 -20.86
N PRO B 238 15.07 12.79 -19.76
CA PRO B 238 16.52 12.99 -19.58
C PRO B 238 17.39 12.15 -20.50
N GLY B 239 16.88 11.06 -21.07
CA GLY B 239 17.69 10.20 -21.91
C GLY B 239 16.89 9.61 -23.06
N TYR B 240 17.62 9.16 -24.08
CA TYR B 240 17.01 8.67 -25.30
C TYR B 240 17.63 7.34 -25.69
N SER B 241 16.92 6.59 -26.52
CA SER B 241 17.42 5.33 -27.04
C SER B 241 16.67 5.00 -28.32
N VAL B 242 17.02 3.86 -28.93
CA VAL B 242 16.44 3.46 -30.21
C VAL B 242 16.01 1.99 -30.10
N PRO B 243 15.09 1.55 -30.95
CA PRO B 243 14.76 0.13 -31.00
C PRO B 243 15.96 -0.71 -31.38
N ALA B 244 16.05 -1.90 -30.78
CA ALA B 244 17.21 -2.75 -31.02
C ALA B 244 16.86 -4.20 -30.75
N ALA B 245 17.58 -5.09 -31.42
CA ALA B 245 17.39 -6.53 -31.28
C ALA B 245 18.49 -7.11 -30.40
N GLU B 246 18.13 -8.11 -29.60
CA GLU B 246 19.08 -8.90 -28.84
C GLU B 246 19.19 -10.29 -29.47
N HIS B 247 20.01 -11.14 -28.87
CA HIS B 247 20.22 -12.47 -29.44
C HIS B 247 18.95 -13.30 -29.40
N SER B 248 18.11 -13.11 -28.39
CA SER B 248 16.92 -13.93 -28.25
C SER B 248 15.89 -13.65 -29.34
N THR B 249 15.79 -12.40 -29.81
CA THR B 249 14.83 -12.10 -30.86
C THR B 249 15.32 -12.51 -32.25
N ILE B 250 16.63 -12.67 -32.43
CA ILE B 250 17.18 -13.18 -33.68
C ILE B 250 17.16 -14.69 -33.72
N THR B 251 17.65 -15.35 -32.68
CA THR B 251 17.69 -16.80 -32.67
C THR B 251 16.30 -17.42 -32.64
N ALA B 252 15.28 -16.70 -32.17
CA ALA B 252 13.93 -17.23 -32.12
C ALA B 252 13.38 -17.56 -33.50
N TRP B 253 13.99 -17.03 -34.55
CA TRP B 253 13.61 -17.37 -35.92
C TRP B 253 14.25 -18.66 -36.41
N GLY B 254 15.20 -19.22 -35.66
CA GLY B 254 15.99 -20.34 -36.12
C GLY B 254 17.26 -19.90 -36.83
N LYS B 255 18.24 -20.81 -36.87
CA LYS B 255 19.52 -20.47 -37.48
C LYS B 255 19.39 -20.29 -38.98
N ASP B 256 18.55 -21.10 -39.62
CA ASP B 256 18.34 -21.02 -41.06
C ASP B 256 17.49 -19.81 -41.47
N HIS B 257 17.04 -19.00 -40.52
CA HIS B 257 16.16 -17.87 -40.84
C HIS B 257 16.68 -16.56 -40.24
N GLU B 258 18.00 -16.45 -40.09
CA GLU B 258 18.57 -15.18 -39.65
C GLU B 258 18.25 -14.06 -40.63
N LYS B 259 18.16 -14.39 -41.92
CA LYS B 259 17.81 -13.39 -42.93
C LYS B 259 16.39 -12.86 -42.70
N ASP B 260 15.46 -13.76 -42.41
CA ASP B 260 14.06 -13.34 -42.21
C ASP B 260 13.93 -12.44 -41.00
N ALA B 261 14.70 -12.73 -39.94
CA ALA B 261 14.66 -11.88 -38.75
C ALA B 261 15.15 -10.48 -39.07
N PHE B 262 16.28 -10.38 -39.78
CA PHE B 262 16.86 -9.08 -40.08
C PHE B 262 15.89 -8.22 -40.89
N GLU B 263 15.27 -8.80 -41.91
CA GLU B 263 14.35 -8.02 -42.74
C GLU B 263 13.10 -7.61 -41.97
N HIS B 264 12.60 -8.50 -41.11
CA HIS B 264 11.40 -8.17 -40.34
C HIS B 264 11.66 -7.01 -39.40
N ILE B 265 12.81 -7.01 -38.71
CA ILE B 265 13.08 -5.99 -37.71
C ILE B 265 13.36 -4.64 -38.38
N VAL B 266 14.18 -4.65 -39.44
CA VAL B 266 14.52 -3.41 -40.13
C VAL B 266 13.27 -2.73 -40.69
N THR B 267 12.31 -3.54 -41.14
CA THR B 267 11.07 -3.00 -41.69
C THR B 267 10.14 -2.47 -40.59
N GLN B 268 10.11 -3.13 -39.44
CA GLN B 268 9.27 -2.66 -38.34
C GLN B 268 9.71 -1.32 -37.79
N PHE B 269 10.98 -0.94 -38.00
CA PHE B 269 11.54 0.30 -37.46
C PHE B 269 12.34 0.99 -38.58
N SER B 270 11.60 1.60 -39.51
CA SER B 270 12.24 2.29 -40.64
C SER B 270 12.29 3.80 -40.49
N SER B 271 11.47 4.38 -39.61
CA SER B 271 11.48 5.83 -39.42
C SER B 271 12.36 6.27 -38.25
N VAL B 272 12.91 5.32 -37.48
CA VAL B 272 13.81 5.62 -36.37
C VAL B 272 15.05 4.74 -36.53
N PRO B 273 16.16 5.12 -35.91
CA PRO B 273 17.34 4.24 -35.92
C PRO B 273 17.02 2.91 -35.28
N VAL B 274 17.64 1.84 -35.79
CA VAL B 274 17.49 0.52 -35.22
C VAL B 274 18.86 -0.15 -35.18
N SER B 275 19.12 -0.88 -34.09
CA SER B 275 20.35 -1.63 -33.92
C SER B 275 20.04 -3.12 -34.00
N VAL B 276 20.84 -3.85 -34.78
CA VAL B 276 20.61 -5.28 -34.99
C VAL B 276 21.91 -6.02 -34.68
N VAL B 277 21.85 -6.90 -33.68
CA VAL B 277 23.02 -7.68 -33.30
C VAL B 277 23.28 -8.75 -34.38
N SER B 278 24.55 -8.93 -34.73
CA SER B 278 24.90 -9.71 -35.90
C SER B 278 25.81 -10.89 -35.61
N ASP B 279 26.21 -11.13 -34.36
CA ASP B 279 27.12 -12.22 -34.02
C ASP B 279 26.39 -13.40 -33.39
N SER B 280 25.12 -13.60 -33.71
CA SER B 280 24.38 -14.73 -33.17
C SER B 280 24.98 -16.05 -33.67
N TYR B 281 25.35 -16.11 -34.94
CA TYR B 281 25.88 -17.32 -35.55
C TYR B 281 27.25 -17.09 -36.16
N ASP B 282 27.37 -16.17 -37.12
CA ASP B 282 28.65 -15.87 -37.77
C ASP B 282 28.62 -14.41 -38.19
N ILE B 283 29.40 -13.58 -37.49
CA ILE B 283 29.32 -12.14 -37.68
C ILE B 283 30.01 -11.71 -38.99
N TYR B 284 31.16 -12.30 -39.31
CA TYR B 284 31.81 -12.00 -40.58
C TYR B 284 31.02 -12.55 -41.76
N ASN B 285 30.18 -13.55 -41.53
CA ASN B 285 29.15 -13.91 -42.49
C ASN B 285 27.95 -12.97 -42.42
N ALA B 286 27.80 -12.24 -41.32
CA ALA B 286 26.64 -11.37 -41.18
C ALA B 286 26.78 -10.07 -41.95
N CYS B 287 27.99 -9.51 -42.02
CA CYS B 287 28.17 -8.24 -42.71
C CYS B 287 28.41 -8.41 -44.21
N GLU B 288 29.24 -9.39 -44.59
CA GLU B 288 29.57 -9.57 -45.99
C GLU B 288 28.42 -10.19 -46.77
N LYS B 289 27.68 -11.12 -46.14
CA LYS B 289 26.72 -11.92 -46.88
C LYS B 289 25.29 -11.38 -46.78
N ILE B 290 24.71 -11.41 -45.59
CA ILE B 290 23.28 -11.11 -45.46
C ILE B 290 23.02 -9.62 -45.57
N TRP B 291 23.77 -8.80 -44.83
CA TRP B 291 23.60 -7.35 -44.96
C TRP B 291 24.13 -6.87 -46.31
N GLY B 292 25.36 -7.29 -46.66
CA GLY B 292 26.07 -6.72 -47.80
C GLY B 292 25.56 -7.15 -49.16
N GLU B 293 24.61 -8.09 -49.22
CA GLU B 293 24.12 -8.55 -50.51
C GLU B 293 22.63 -8.87 -50.49
N ASP B 294 22.21 -9.75 -49.56
CA ASP B 294 20.83 -10.23 -49.57
C ASP B 294 19.85 -9.12 -49.24
N LEU B 295 20.11 -8.37 -48.16
CA LEU B 295 19.25 -7.27 -47.74
C LEU B 295 19.86 -5.91 -48.03
N ARG B 296 20.80 -5.84 -48.98
CA ARG B 296 21.48 -4.59 -49.30
C ARG B 296 20.49 -3.51 -49.69
N HIS B 297 19.41 -3.89 -50.36
CA HIS B 297 18.47 -2.91 -50.91
C HIS B 297 17.61 -2.24 -49.84
N LEU B 298 17.58 -2.78 -48.62
CA LEU B 298 16.78 -2.20 -47.54
C LEU B 298 17.60 -1.33 -46.60
N ILE B 299 18.90 -1.19 -46.84
CA ILE B 299 19.79 -0.43 -45.97
C ILE B 299 20.13 0.93 -46.55
N VAL B 300 20.47 0.98 -47.84
CA VAL B 300 20.78 2.24 -48.51
C VAL B 300 19.57 3.15 -48.65
N SER B 301 18.37 2.61 -48.43
CA SER B 301 17.12 3.31 -48.71
C SER B 301 16.50 3.97 -47.49
N ARG B 302 17.28 4.15 -46.42
CA ARG B 302 16.78 4.75 -45.19
C ARG B 302 17.41 6.12 -44.98
N SER B 303 16.70 6.98 -44.26
CA SER B 303 17.21 8.32 -44.00
C SER B 303 18.46 8.24 -43.14
N THR B 304 19.24 9.33 -43.16
CA THR B 304 20.42 9.40 -42.32
C THR B 304 20.06 9.65 -40.86
N GLN B 305 18.82 10.07 -40.59
CA GLN B 305 18.33 10.24 -39.23
C GLN B 305 17.84 8.92 -38.65
N ALA B 306 17.73 7.87 -39.46
CA ALA B 306 17.22 6.57 -39.01
C ALA B 306 18.04 5.46 -39.68
N PRO B 307 19.30 5.34 -39.32
CA PRO B 307 20.18 4.38 -39.98
C PRO B 307 20.14 3.00 -39.34
N LEU B 308 20.77 2.05 -40.01
CA LEU B 308 20.99 0.72 -39.46
C LEU B 308 22.29 0.71 -38.67
N ILE B 309 22.23 0.24 -37.43
CA ILE B 309 23.38 0.20 -36.54
C ILE B 309 23.76 -1.26 -36.36
N ILE B 310 24.95 -1.62 -36.82
CA ILE B 310 25.45 -2.99 -36.72
C ILE B 310 26.17 -3.14 -35.39
N ARG B 311 25.83 -4.20 -34.66
CA ARG B 311 26.43 -4.47 -33.36
C ARG B 311 27.15 -5.81 -33.33
N PRO B 312 28.48 -5.84 -33.32
CA PRO B 312 29.19 -7.04 -32.88
C PRO B 312 29.36 -7.06 -31.38
N ASP B 313 29.20 -8.25 -30.78
CA ASP B 313 29.30 -8.38 -29.33
C ASP B 313 30.09 -9.62 -28.92
N SER B 314 31.17 -9.91 -29.66
CA SER B 314 32.06 -11.00 -29.29
C SER B 314 33.39 -10.77 -29.99
N GLY B 315 34.40 -11.52 -29.57
CA GLY B 315 35.74 -11.36 -30.09
C GLY B 315 36.45 -10.17 -29.47
N ASN B 316 37.69 -9.96 -29.91
CA ASN B 316 38.45 -8.82 -29.44
C ASN B 316 37.79 -7.54 -29.92
N PRO B 317 37.51 -6.58 -29.04
CA PRO B 317 36.73 -5.40 -29.45
C PRO B 317 37.35 -4.64 -30.63
N LEU B 318 38.62 -4.26 -30.53
CA LEU B 318 39.22 -3.43 -31.58
C LEU B 318 39.37 -4.21 -32.88
N ASP B 319 39.81 -5.46 -32.80
CA ASP B 319 39.98 -6.25 -34.01
C ASP B 319 38.65 -6.56 -34.67
N THR B 320 37.60 -6.78 -33.89
CA THR B 320 36.30 -7.12 -34.46
C THR B 320 35.69 -5.92 -35.19
N VAL B 321 35.74 -4.74 -34.57
CA VAL B 321 35.14 -3.57 -35.21
C VAL B 321 35.91 -3.17 -36.46
N LEU B 322 37.23 -3.35 -36.45
CA LEU B 322 38.03 -3.06 -37.64
C LEU B 322 37.65 -3.99 -38.79
N LYS B 323 37.57 -5.30 -38.50
CA LYS B 323 37.18 -6.25 -39.53
C LYS B 323 35.72 -6.10 -39.95
N VAL B 324 34.89 -5.50 -39.10
CA VAL B 324 33.51 -5.22 -39.50
C VAL B 324 33.46 -4.03 -40.44
N LEU B 325 34.21 -2.96 -40.13
CA LEU B 325 34.23 -1.79 -41.00
C LEU B 325 34.79 -2.12 -42.37
N GLU B 326 35.88 -2.90 -42.42
CA GLU B 326 36.51 -3.22 -43.69
C GLU B 326 35.58 -4.07 -44.56
N ILE B 327 34.98 -5.11 -43.98
CA ILE B 327 34.05 -5.94 -44.71
C ILE B 327 32.88 -5.11 -45.23
N LEU B 328 32.40 -4.17 -44.41
CA LEU B 328 31.29 -3.33 -44.83
C LEU B 328 31.69 -2.38 -45.96
N GLY B 329 32.95 -1.96 -45.98
CA GLY B 329 33.42 -1.12 -47.08
C GLY B 329 33.46 -1.85 -48.41
N LYS B 330 33.78 -3.15 -48.39
CA LYS B 330 33.78 -3.94 -49.61
C LYS B 330 32.38 -4.09 -50.22
N LYS B 331 31.34 -3.62 -49.53
CA LYS B 331 29.98 -3.79 -50.00
C LYS B 331 29.16 -2.50 -50.07
N PHE B 332 29.66 -1.39 -49.54
CA PHE B 332 28.91 -0.14 -49.50
C PHE B 332 29.84 1.03 -49.84
N PRO B 333 29.30 2.10 -50.42
CA PRO B 333 30.15 3.24 -50.82
C PRO B 333 30.74 3.99 -49.63
N VAL B 334 32.05 3.86 -49.44
CA VAL B 334 32.77 4.53 -48.36
C VAL B 334 33.48 5.74 -48.94
N THR B 335 33.18 6.93 -48.41
CA THR B 335 33.81 8.16 -48.83
C THR B 335 34.87 8.60 -47.81
N GLU B 336 35.87 9.32 -48.30
CA GLU B 336 36.85 9.94 -47.43
C GLU B 336 36.34 11.30 -46.97
N ASN B 337 36.36 11.52 -45.66
CA ASN B 337 35.89 12.80 -45.15
C ASN B 337 36.94 13.88 -45.36
N SER B 338 36.56 15.12 -45.02
CA SER B 338 37.40 16.28 -45.27
C SER B 338 38.71 16.23 -44.51
N LYS B 339 38.88 15.30 -43.57
CA LYS B 339 40.10 15.18 -42.78
C LYS B 339 41.02 14.08 -43.28
N GLY B 340 40.57 13.25 -44.22
CA GLY B 340 41.35 12.14 -44.70
C GLY B 340 41.01 10.80 -44.08
N TYR B 341 39.81 10.64 -43.52
CA TYR B 341 39.41 9.43 -42.83
C TYR B 341 38.18 8.84 -43.50
N LYS B 342 38.13 7.51 -43.56
CA LYS B 342 37.01 6.82 -44.20
C LYS B 342 35.73 7.01 -43.41
N LEU B 343 34.62 7.16 -44.13
CA LEU B 343 33.32 7.43 -43.50
C LEU B 343 32.25 6.64 -44.23
N LEU B 344 31.52 5.81 -43.49
CA LEU B 344 30.45 5.02 -44.06
C LEU B 344 29.31 5.92 -44.52
N PRO B 345 28.45 5.43 -45.42
CA PRO B 345 27.26 6.18 -45.79
C PRO B 345 26.36 6.36 -44.58
N PRO B 346 25.80 7.56 -44.39
CA PRO B 346 25.14 7.88 -43.11
C PRO B 346 23.91 7.04 -42.79
N TYR B 347 23.49 6.14 -43.69
CA TYR B 347 22.45 5.17 -43.37
C TYR B 347 23.01 3.92 -42.70
N LEU B 348 24.22 3.99 -42.16
CA LEU B 348 24.93 2.79 -41.70
C LEU B 348 25.89 3.19 -40.60
N ARG B 349 25.73 2.58 -39.42
CA ARG B 349 26.57 2.88 -38.26
C ARG B 349 26.96 1.60 -37.56
N VAL B 350 27.95 1.71 -36.67
CA VAL B 350 28.46 0.58 -35.90
C VAL B 350 28.46 0.96 -34.43
N ILE B 351 28.07 0.01 -33.57
CA ILE B 351 28.13 0.18 -32.13
C ILE B 351 28.88 -1.01 -31.53
N GLN B 352 29.90 -0.72 -30.72
CA GLN B 352 30.69 -1.73 -30.03
C GLN B 352 30.37 -1.61 -28.54
N GLY B 353 29.56 -2.53 -28.03
CA GLY B 353 29.14 -2.48 -26.64
C GLY B 353 29.50 -3.71 -25.83
N ASP B 354 30.53 -4.42 -26.25
CA ASP B 354 30.99 -5.63 -25.58
C ASP B 354 32.36 -5.37 -24.97
N GLY B 355 32.44 -5.43 -23.65
CA GLY B 355 33.70 -5.28 -22.95
C GLY B 355 34.37 -3.94 -23.17
N VAL B 356 33.62 -2.85 -23.02
CA VAL B 356 34.14 -1.50 -23.21
C VAL B 356 34.28 -0.85 -21.86
N ASP B 357 35.50 -0.40 -21.55
CA ASP B 357 35.74 0.42 -20.38
C ASP B 357 36.61 1.60 -20.79
N ILE B 358 37.11 2.37 -19.82
CA ILE B 358 37.88 3.55 -20.16
C ILE B 358 39.17 3.18 -20.88
N ASN B 359 39.73 2.00 -20.59
CA ASN B 359 40.99 1.60 -21.20
C ASN B 359 40.78 1.05 -22.60
N THR B 360 39.85 0.12 -22.78
CA THR B 360 39.63 -0.46 -24.10
C THR B 360 39.07 0.59 -25.07
N LEU B 361 38.41 1.63 -24.56
CA LEU B 361 37.87 2.67 -25.42
C LEU B 361 38.99 3.45 -26.10
N GLN B 362 40.01 3.85 -25.33
CA GLN B 362 41.10 4.65 -25.87
C GLN B 362 41.85 3.89 -26.97
N GLU B 363 42.18 2.62 -26.71
CA GLU B 363 42.94 1.88 -27.71
C GLU B 363 42.11 1.54 -28.94
N ILE B 364 40.78 1.60 -28.85
CA ILE B 364 39.94 1.39 -30.03
C ILE B 364 39.91 2.63 -30.90
N VAL B 365 39.69 3.80 -30.30
CA VAL B 365 39.48 5.02 -31.08
C VAL B 365 40.74 5.42 -31.82
N GLU B 366 41.90 5.38 -31.15
CA GLU B 366 43.13 5.61 -31.88
C GLU B 366 43.49 4.41 -32.76
N GLY B 367 43.12 3.21 -32.32
CA GLY B 367 43.23 2.05 -33.19
C GLY B 367 42.46 2.21 -34.48
N MET B 368 41.39 3.02 -34.45
CA MET B 368 40.71 3.39 -35.67
C MET B 368 41.36 4.59 -36.34
N LYS B 369 41.97 5.48 -35.55
CA LYS B 369 42.59 6.67 -36.11
C LYS B 369 43.92 6.35 -36.79
N GLN B 370 44.74 5.50 -36.16
CA GLN B 370 45.99 5.10 -36.81
C GLN B 370 45.73 4.21 -38.01
N LYS B 371 44.61 3.50 -38.01
CA LYS B 371 44.13 2.80 -39.20
C LYS B 371 43.20 3.67 -40.03
N MET B 372 43.12 4.96 -39.72
CA MET B 372 42.55 6.00 -40.58
C MET B 372 41.03 5.93 -40.69
N TRP B 373 40.34 5.27 -39.76
CA TRP B 373 38.88 5.24 -39.75
C TRP B 373 38.35 6.39 -38.91
N SER B 374 37.27 7.00 -39.38
CA SER B 374 36.66 8.12 -38.69
C SER B 374 35.82 7.64 -37.51
N ILE B 375 36.01 8.29 -36.35
CA ILE B 375 35.19 7.99 -35.18
C ILE B 375 33.71 8.33 -35.40
N GLU B 376 33.40 9.10 -36.44
CA GLU B 376 32.01 9.29 -36.84
C GLU B 376 31.30 7.96 -37.08
N ASN B 377 32.05 6.94 -37.53
CA ASN B 377 31.42 5.66 -37.89
C ASN B 377 30.93 4.90 -36.66
N ILE B 378 31.55 5.10 -35.51
CA ILE B 378 31.43 4.18 -34.38
C ILE B 378 30.74 4.86 -33.21
N ALA B 379 29.96 4.07 -32.48
CA ALA B 379 29.47 4.41 -31.15
C ALA B 379 29.82 3.27 -30.20
N PHE B 380 29.79 3.56 -28.90
CA PHE B 380 30.23 2.60 -27.91
C PHE B 380 29.16 2.37 -26.85
N GLY B 381 29.08 1.14 -26.37
CA GLY B 381 28.19 0.79 -25.27
C GLY B 381 28.99 0.23 -24.11
N SER B 382 28.56 0.53 -22.89
CA SER B 382 29.28 0.08 -21.71
C SER B 382 28.29 -0.44 -20.69
N GLY B 383 28.55 -1.63 -20.17
CA GLY B 383 27.68 -2.28 -19.20
C GLY B 383 28.22 -2.21 -17.78
N GLY B 384 28.68 -3.35 -17.27
CA GLY B 384 29.24 -3.38 -15.92
C GLY B 384 30.51 -2.58 -15.76
N GLY B 385 31.27 -2.40 -16.85
CA GLY B 385 32.45 -1.56 -16.80
C GLY B 385 32.14 -0.10 -16.55
N LEU B 386 30.94 0.34 -16.94
CA LEU B 386 30.54 1.73 -16.74
C LEU B 386 29.94 1.96 -15.36
N LEU B 387 29.24 0.96 -14.81
CA LEU B 387 28.46 1.17 -13.61
C LEU B 387 28.77 0.21 -12.46
N GLN B 388 29.63 -0.80 -12.66
CA GLN B 388 29.76 -1.79 -11.59
C GLN B 388 31.21 -2.05 -11.18
N LYS B 389 32.14 -2.08 -12.13
CA LYS B 389 33.56 -2.28 -11.83
C LYS B 389 34.19 -0.96 -11.40
N LEU B 390 33.68 -0.44 -10.29
CA LEU B 390 34.15 0.82 -9.69
C LEU B 390 34.04 0.68 -8.18
N THR B 391 35.04 1.19 -7.47
CA THR B 391 35.08 1.10 -6.02
C THR B 391 35.31 2.47 -5.42
N ARG B 392 35.13 2.55 -4.10
CA ARG B 392 35.27 3.83 -3.40
C ARG B 392 36.69 4.35 -3.41
N ASP B 393 37.70 3.49 -3.51
CA ASP B 393 39.08 3.91 -3.46
C ASP B 393 39.65 4.28 -4.82
N LEU B 394 38.85 4.23 -5.88
CA LEU B 394 39.33 4.68 -7.18
C LEU B 394 39.62 6.18 -7.16
N LEU B 395 38.71 6.97 -6.60
CA LEU B 395 38.97 8.39 -6.37
C LEU B 395 39.31 8.70 -4.92
N ASN B 396 39.41 7.68 -4.06
CA ASN B 396 39.70 7.85 -2.63
C ASN B 396 38.66 8.75 -1.97
N CYS B 397 37.39 8.41 -2.17
CA CYS B 397 36.30 9.16 -1.57
C CYS B 397 36.25 8.89 -0.07
N SER B 398 36.34 9.94 0.73
CA SER B 398 36.48 9.79 2.18
C SER B 398 35.70 10.87 2.92
N PHE B 399 35.20 10.48 4.09
CA PHE B 399 34.40 11.32 4.95
C PHE B 399 35.08 11.37 6.31
N LYS B 400 35.51 12.55 6.74
CA LYS B 400 36.36 12.67 7.92
C LYS B 400 35.93 13.86 8.77
N CYS B 401 36.09 13.72 10.08
CA CYS B 401 35.85 14.83 11.00
C CYS B 401 37.08 15.70 11.08
N SER B 402 36.90 17.01 10.87
CA SER B 402 38.00 17.96 10.86
C SER B 402 37.89 19.06 11.92
N TYR B 403 36.74 19.21 12.57
CA TYR B 403 36.53 20.30 13.51
C TYR B 403 35.48 19.87 14.53
N VAL B 404 35.79 20.09 15.81
CA VAL B 404 34.86 19.83 16.90
C VAL B 404 34.87 21.02 17.85
N VAL B 405 33.75 21.24 18.53
CA VAL B 405 33.64 22.23 19.60
C VAL B 405 33.34 21.47 20.88
N THR B 406 34.22 21.60 21.87
CA THR B 406 34.10 20.91 23.15
C THR B 406 34.28 21.93 24.27
N ASN B 407 33.24 22.09 25.09
CA ASN B 407 33.25 23.02 26.22
C ASN B 407 33.54 24.45 25.75
N GLY B 408 32.93 24.86 24.65
CA GLY B 408 33.10 26.20 24.11
C GLY B 408 34.39 26.43 23.34
N LEU B 409 35.29 25.45 23.30
CA LEU B 409 36.56 25.59 22.61
C LEU B 409 36.52 24.85 21.27
N GLY B 410 36.72 25.58 20.18
CA GLY B 410 36.86 24.95 18.88
C GLY B 410 38.25 24.35 18.72
N ILE B 411 38.28 23.14 18.17
CA ILE B 411 39.51 22.37 18.03
C ILE B 411 39.59 21.84 16.61
N ASN B 412 40.74 22.00 15.96
CA ASN B 412 40.99 21.41 14.65
C ASN B 412 41.46 19.96 14.81
N VAL B 413 40.82 19.05 14.07
CA VAL B 413 40.93 17.61 14.29
C VAL B 413 41.29 16.93 12.97
N PHE B 414 42.07 15.85 13.05
CA PHE B 414 42.50 15.13 11.86
C PHE B 414 43.21 13.84 12.26
N LYS B 415 43.34 12.95 11.28
CA LYS B 415 44.11 11.71 11.40
C LYS B 415 45.41 11.86 10.60
N ASP B 416 46.43 11.11 11.02
CA ASP B 416 47.76 11.18 10.39
C ASP B 416 48.49 9.87 10.64
N PRO B 417 48.07 8.80 9.95
CA PRO B 417 48.68 7.48 10.19
C PRO B 417 50.14 7.46 9.77
N VAL B 418 50.94 6.73 10.54
CA VAL B 418 52.39 6.75 10.35
C VAL B 418 52.76 6.03 9.06
N ALA B 419 52.09 4.93 8.75
CA ALA B 419 52.44 4.11 7.59
C ALA B 419 51.77 4.58 6.31
N ASP B 420 51.08 5.72 6.33
CA ASP B 420 50.41 6.18 5.10
C ASP B 420 50.09 7.67 5.17
N PRO B 421 51.00 8.54 4.72
CA PRO B 421 50.68 9.97 4.68
C PRO B 421 49.56 10.32 3.72
N ASN B 422 49.22 9.43 2.77
CA ASN B 422 48.11 9.69 1.88
C ASN B 422 46.76 9.67 2.59
N LYS B 423 46.67 9.07 3.76
CA LYS B 423 45.44 9.05 4.55
C LYS B 423 45.34 10.23 5.51
N ARG B 424 46.22 11.23 5.39
CA ARG B 424 46.12 12.44 6.20
C ARG B 424 44.89 13.24 5.80
N SER B 425 44.17 13.74 6.80
CA SER B 425 42.92 14.46 6.57
C SER B 425 43.07 15.93 6.91
N LYS B 426 42.15 16.74 6.39
CA LYS B 426 42.25 18.18 6.54
C LYS B 426 41.89 18.60 7.97
N LYS B 427 42.25 19.84 8.31
CA LYS B 427 42.12 20.36 9.67
C LYS B 427 41.18 21.54 9.71
N GLY B 428 40.32 21.58 10.74
CA GLY B 428 39.52 22.75 11.00
C GLY B 428 38.37 22.95 10.03
N ARG B 429 37.75 24.12 10.16
CA ARG B 429 36.66 24.49 9.27
C ARG B 429 37.21 24.76 7.87
N LEU B 430 36.46 24.33 6.87
CA LEU B 430 36.95 24.29 5.50
C LEU B 430 36.13 25.22 4.62
N SER B 431 36.70 25.53 3.46
CA SER B 431 35.98 26.32 2.47
C SER B 431 36.67 26.12 1.12
N LEU B 432 35.88 26.25 0.06
CA LEU B 432 36.39 26.14 -1.30
C LEU B 432 36.31 27.51 -1.96
N HIS B 433 37.37 27.88 -2.68
CA HIS B 433 37.43 29.21 -3.26
C HIS B 433 37.90 29.15 -4.71
N ARG B 434 37.41 30.09 -5.50
CA ARG B 434 37.93 30.31 -6.84
C ARG B 434 39.19 31.16 -6.73
N THR B 435 40.27 30.70 -7.36
CA THR B 435 41.53 31.41 -7.34
C THR B 435 41.56 32.47 -8.43
N PRO B 436 42.41 33.50 -8.29
CA PRO B 436 42.51 34.52 -9.35
C PRO B 436 42.87 33.94 -10.72
N ALA B 437 43.60 32.83 -10.77
CA ALA B 437 43.90 32.17 -12.03
C ALA B 437 42.74 31.34 -12.55
N GLY B 438 41.64 31.22 -11.79
CA GLY B 438 40.47 30.50 -12.25
C GLY B 438 40.40 29.04 -11.84
N ASN B 439 41.32 28.58 -11.00
CA ASN B 439 41.30 27.21 -10.51
C ASN B 439 40.57 27.17 -9.16
N PHE B 440 40.75 26.09 -8.41
CA PHE B 440 40.13 25.91 -7.10
C PHE B 440 41.19 25.67 -6.04
N VAL B 441 40.89 26.09 -4.81
CA VAL B 441 41.74 25.78 -3.67
C VAL B 441 40.84 25.61 -2.44
N THR B 442 41.25 24.70 -1.55
CA THR B 442 40.55 24.45 -0.30
C THR B 442 41.35 25.06 0.83
N LEU B 443 40.71 25.95 1.60
CA LEU B 443 41.35 26.56 2.75
C LEU B 443 40.94 25.84 4.02
N GLU B 444 41.88 25.71 4.94
CA GLU B 444 41.68 25.01 6.20
C GLU B 444 41.70 25.98 7.36
N GLU B 445 41.39 25.46 8.55
CA GLU B 445 41.55 26.18 9.81
C GLU B 445 40.80 27.51 9.81
N GLY B 446 39.66 27.58 9.11
CA GLY B 446 38.84 28.77 9.11
C GLY B 446 39.38 29.94 8.33
N LYS B 447 40.54 29.81 7.67
CA LYS B 447 41.13 30.91 6.93
C LYS B 447 40.21 31.43 5.83
N GLY B 448 39.22 30.65 5.41
CA GLY B 448 38.24 31.14 4.46
C GLY B 448 37.46 32.34 4.96
N ASP B 449 37.36 32.52 6.29
CA ASP B 449 36.66 33.69 6.82
C ASP B 449 37.36 34.98 6.43
N LEU B 450 38.66 34.93 6.16
CA LEU B 450 39.38 36.09 5.68
C LEU B 450 38.96 36.46 4.26
N GLU B 451 38.50 35.48 3.48
CA GLU B 451 38.06 35.68 2.10
C GLU B 451 39.15 36.35 1.26
N GLU B 452 40.41 35.97 1.50
CA GLU B 452 41.52 36.46 0.70
C GLU B 452 41.27 36.23 -0.79
N TYR B 453 40.77 35.05 -1.15
CA TYR B 453 40.36 34.82 -2.52
C TYR B 453 38.88 35.20 -2.63
N GLY B 454 38.02 34.26 -3.01
CA GLY B 454 36.61 34.56 -3.20
C GLY B 454 35.78 34.36 -1.97
N GLN B 455 34.47 34.49 -2.16
CA GLN B 455 33.53 33.92 -1.20
C GLN B 455 33.64 32.40 -1.20
N ASP B 456 33.20 31.79 -0.11
CA ASP B 456 33.08 30.34 -0.06
C ASP B 456 32.18 29.87 -1.20
N LEU B 457 32.63 28.83 -1.92
CA LEU B 457 31.82 28.24 -2.97
C LEU B 457 30.85 27.19 -2.46
N LEU B 458 30.99 26.78 -1.19
CA LEU B 458 30.04 25.85 -0.58
C LEU B 458 28.75 26.58 -0.26
N HIS B 459 27.64 26.13 -0.85
CA HIS B 459 26.32 26.67 -0.53
C HIS B 459 25.57 25.69 0.36
N THR B 460 24.79 26.23 1.30
CA THR B 460 23.94 25.39 2.13
C THR B 460 22.89 24.72 1.25
N VAL B 461 22.86 23.39 1.26
CA VAL B 461 21.86 22.64 0.52
C VAL B 461 20.87 21.93 1.43
N PHE B 462 21.19 21.76 2.71
CA PHE B 462 20.33 21.08 3.66
C PHE B 462 20.44 21.76 5.01
N LYS B 463 19.31 22.06 5.64
CA LYS B 463 19.33 22.66 6.97
C LYS B 463 18.04 22.31 7.68
N ASN B 464 18.17 21.58 8.80
CA ASN B 464 17.04 21.26 9.68
C ASN B 464 15.90 20.58 8.92
N GLY B 465 16.25 19.52 8.19
CA GLY B 465 15.26 18.72 7.50
C GLY B 465 14.76 19.30 6.19
N LYS B 466 15.25 20.46 5.76
CA LYS B 466 14.77 21.10 4.56
C LYS B 466 15.89 21.20 3.52
N VAL B 467 15.55 20.97 2.26
CA VAL B 467 16.48 21.15 1.15
C VAL B 467 16.39 22.63 0.75
N THR B 468 17.41 23.40 1.11
CA THR B 468 17.39 24.84 0.94
C THR B 468 17.90 25.30 -0.42
N LYS B 469 18.72 24.49 -1.09
CA LYS B 469 19.22 24.83 -2.42
C LYS B 469 19.13 23.59 -3.28
N SER B 470 18.39 23.68 -4.38
CA SER B 470 18.15 22.55 -5.26
C SER B 470 18.70 22.87 -6.64
N TYR B 471 19.12 21.83 -7.35
CA TYR B 471 19.70 21.97 -8.68
C TYR B 471 18.89 21.16 -9.68
N SER B 472 18.61 21.79 -10.82
CA SER B 472 18.03 21.08 -11.94
C SER B 472 19.10 20.21 -12.62
N PHE B 473 18.65 19.12 -13.23
CA PHE B 473 19.59 18.32 -14.00
C PHE B 473 20.16 19.09 -15.17
N ASP B 474 19.41 20.09 -15.67
CA ASP B 474 19.92 20.94 -16.74
C ASP B 474 21.09 21.80 -16.26
N GLU B 475 21.03 22.25 -15.00
CA GLU B 475 22.15 23.00 -14.45
C GLU B 475 23.36 22.09 -14.23
N ILE B 476 23.12 20.85 -13.81
CA ILE B 476 24.23 19.93 -13.56
C ILE B 476 24.94 19.60 -14.87
N ARG B 477 24.18 19.33 -15.93
CA ARG B 477 24.80 19.08 -17.23
C ARG B 477 25.59 20.29 -17.71
N LYS B 478 25.09 21.51 -17.45
CA LYS B 478 25.82 22.69 -17.86
C LYS B 478 27.15 22.82 -17.11
N ASN B 479 27.14 22.56 -15.81
CA ASN B 479 28.37 22.68 -15.02
C ASN B 479 29.41 21.64 -15.40
N ALA B 480 29.00 20.49 -15.93
CA ALA B 480 29.90 19.39 -16.22
C ALA B 480 30.37 19.36 -17.68
N GLN B 481 30.05 20.38 -18.47
CA GLN B 481 30.44 20.33 -19.88
C GLN B 481 31.96 20.37 -20.03
N LEU B 482 32.43 19.90 -21.19
CA LEU B 482 33.85 19.87 -21.45
C LEU B 482 34.38 21.29 -21.67
N ASN B 483 35.71 21.42 -21.51
CA ASN B 483 36.52 22.66 -21.49
C ASN B 483 36.77 23.09 -20.06
N PHE C 9 -37.37 0.55 23.55
CA PHE C 9 -35.93 0.83 23.58
C PHE C 9 -35.41 0.82 25.01
N ASN C 10 -34.26 0.18 25.23
CA ASN C 10 -33.66 0.03 26.55
C ASN C 10 -32.20 0.45 26.46
N ILE C 11 -31.88 1.61 27.06
CA ILE C 11 -30.52 2.14 27.02
C ILE C 11 -29.51 1.19 27.65
N LEU C 12 -29.96 0.29 28.53
CA LEU C 12 -29.04 -0.65 29.14
C LEU C 12 -28.64 -1.76 28.19
N LEU C 13 -29.38 -1.95 27.09
CA LEU C 13 -29.07 -2.94 26.07
C LEU C 13 -28.64 -2.28 24.76
N ALA C 14 -28.23 -1.02 24.79
CA ALA C 14 -27.89 -0.26 23.60
C ALA C 14 -26.44 0.18 23.64
N THR C 15 -25.57 -0.71 24.07
CA THR C 15 -24.13 -0.46 24.09
C THR C 15 -23.43 -1.71 23.59
N ASP C 16 -22.16 -1.57 23.21
CA ASP C 16 -21.34 -2.73 22.90
C ASP C 16 -21.27 -3.65 24.11
N SER C 17 -21.40 -4.95 23.87
CA SER C 17 -21.44 -5.92 24.97
C SER C 17 -20.25 -5.75 25.91
N TYR C 18 -19.05 -5.60 25.36
CA TYR C 18 -17.89 -5.53 26.24
C TYR C 18 -17.90 -4.27 27.12
N LYS C 19 -18.69 -3.25 26.77
CA LYS C 19 -18.78 -2.09 27.65
C LYS C 19 -19.50 -2.40 28.96
N VAL C 20 -20.23 -3.52 29.02
CA VAL C 20 -20.94 -3.91 30.24
C VAL C 20 -19.96 -4.14 31.39
N THR C 21 -18.73 -4.54 31.08
CA THR C 21 -17.77 -4.90 32.11
C THR C 21 -16.77 -3.80 32.45
N HIS C 22 -16.87 -2.64 31.80
CA HIS C 22 -15.82 -1.63 31.95
C HIS C 22 -15.84 -0.95 33.31
N TYR C 23 -16.96 -0.96 34.02
CA TYR C 23 -17.00 -0.30 35.33
C TYR C 23 -16.04 -0.93 36.32
N LYS C 24 -15.56 -2.15 36.05
CA LYS C 24 -14.59 -2.84 36.91
C LYS C 24 -13.17 -2.72 36.42
N GLN C 25 -12.94 -2.08 35.27
CA GLN C 25 -11.61 -2.01 34.68
C GLN C 25 -10.94 -0.65 34.83
N TYR C 26 -11.70 0.40 35.12
CA TYR C 26 -11.11 1.72 35.37
C TYR C 26 -10.27 1.68 36.65
N PRO C 27 -9.33 2.60 36.80
CA PRO C 27 -8.53 2.65 38.04
C PRO C 27 -9.42 2.87 39.25
N PRO C 28 -9.15 2.21 40.37
CA PRO C 28 -9.95 2.47 41.58
C PRO C 28 -9.95 3.94 41.94
N ASN C 29 -11.07 4.38 42.53
CA ASN C 29 -11.27 5.76 42.96
C ASN C 29 -11.22 6.73 41.77
N THR C 30 -11.73 6.28 40.63
CA THR C 30 -11.91 7.15 39.48
C THR C 30 -13.25 7.85 39.60
N SER C 31 -13.23 9.19 39.59
CA SER C 31 -14.44 9.96 39.81
C SER C 31 -14.98 10.64 38.56
N LYS C 32 -14.15 10.84 37.54
CA LYS C 32 -14.60 11.53 36.34
C LYS C 32 -13.95 10.90 35.11
N VAL C 33 -14.76 10.69 34.08
CA VAL C 33 -14.28 10.25 32.77
C VAL C 33 -14.81 11.22 31.73
N TYR C 34 -13.91 11.78 30.92
CA TYR C 34 -14.20 12.84 29.98
C TYR C 34 -13.74 12.40 28.60
N SER C 35 -14.65 12.40 27.64
CA SER C 35 -14.37 11.88 26.31
C SER C 35 -14.86 12.87 25.26
N TYR C 36 -14.34 12.74 24.04
CA TYR C 36 -14.65 13.66 22.97
C TYR C 36 -14.80 12.92 21.65
N PHE C 37 -15.39 13.61 20.68
CA PHE C 37 -15.66 13.08 19.35
C PHE C 37 -15.03 14.00 18.31
N GLU C 38 -14.34 13.42 17.34
CA GLU C 38 -13.74 14.17 16.25
C GLU C 38 -13.78 13.36 14.96
N CYS C 39 -13.63 14.04 13.84
CA CYS C 39 -13.38 13.41 12.55
C CYS C 39 -11.88 13.56 12.28
N ARG C 40 -11.11 12.55 12.70
CA ARG C 40 -9.66 12.64 12.67
C ARG C 40 -9.12 12.89 11.27
N GLU C 41 -8.03 13.65 11.21
CA GLU C 41 -7.31 13.85 9.96
C GLU C 41 -6.72 12.54 9.44
N LYS C 53 -11.81 13.63 -0.97
CA LYS C 53 -11.07 14.53 -0.09
C LYS C 53 -12.02 15.42 0.72
N TYR C 54 -12.25 15.05 1.97
CA TYR C 54 -13.26 15.67 2.83
C TYR C 54 -12.53 16.43 3.94
N GLU C 55 -12.15 17.68 3.65
CA GLU C 55 -11.34 18.46 4.58
C GLU C 55 -12.17 19.13 5.67
N GLU C 56 -13.48 19.26 5.48
CA GLU C 56 -14.36 19.87 6.45
C GLU C 56 -15.64 19.05 6.55
N THR C 57 -16.23 19.01 7.73
CA THR C 57 -17.40 18.19 7.99
C THR C 57 -18.55 19.05 8.51
N VAL C 58 -19.77 18.68 8.14
CA VAL C 58 -20.98 19.29 8.67
C VAL C 58 -21.37 18.53 9.93
N PHE C 59 -21.46 19.24 11.06
CA PHE C 59 -21.90 18.60 12.30
C PHE C 59 -23.43 18.62 12.34
N TYR C 60 -24.04 17.44 12.22
CA TYR C 60 -25.49 17.30 12.25
C TYR C 60 -25.90 15.93 12.76
N GLY C 61 -26.96 15.88 13.56
CA GLY C 61 -27.60 14.63 13.95
C GLY C 61 -27.61 14.35 15.44
N LEU C 62 -26.81 15.07 16.24
CA LEU C 62 -26.75 14.78 17.67
C LEU C 62 -28.07 15.09 18.37
N GLN C 63 -28.75 16.17 17.95
CA GLN C 63 -30.02 16.54 18.57
C GLN C 63 -31.07 15.45 18.43
N TYR C 64 -31.06 14.73 17.31
CA TYR C 64 -31.94 13.58 17.16
C TYR C 64 -31.64 12.52 18.21
N ILE C 65 -30.35 12.20 18.41
CA ILE C 65 -29.97 11.16 19.34
C ILE C 65 -30.30 11.57 20.78
N LEU C 66 -30.00 12.81 21.15
CA LEU C 66 -30.25 13.26 22.51
C LEU C 66 -31.72 13.14 22.88
N ASN C 67 -32.62 13.53 21.97
CA ASN C 67 -34.03 13.55 22.29
C ASN C 67 -34.65 12.16 22.24
N LYS C 68 -34.32 11.37 21.23
CA LYS C 68 -34.95 10.07 21.08
C LYS C 68 -34.46 9.05 22.09
N TYR C 69 -33.18 9.09 22.46
CA TYR C 69 -32.60 8.02 23.26
C TYR C 69 -32.06 8.44 24.62
N LEU C 70 -31.64 9.69 24.80
CA LEU C 70 -30.89 10.05 25.99
C LEU C 70 -31.66 10.87 27.01
N LYS C 71 -32.65 11.67 26.60
CA LYS C 71 -33.27 12.61 27.53
C LYS C 71 -34.34 11.92 28.38
N GLY C 72 -34.59 12.52 29.54
CA GLY C 72 -35.68 12.09 30.40
C GLY C 72 -35.33 10.85 31.21
N LYS C 73 -36.39 10.19 31.69
CA LYS C 73 -36.26 8.98 32.50
C LYS C 73 -36.00 7.81 31.54
N VAL C 74 -34.74 7.41 31.43
CA VAL C 74 -34.36 6.34 30.51
C VAL C 74 -34.00 5.06 31.24
N VAL C 75 -34.05 5.06 32.57
CA VAL C 75 -33.78 3.88 33.39
C VAL C 75 -35.03 3.60 34.22
N THR C 76 -35.58 2.39 34.07
CA THR C 76 -36.62 1.87 34.94
C THR C 76 -36.14 0.55 35.54
N LYS C 77 -36.79 0.11 36.62
CA LYS C 77 -36.36 -1.14 37.22
C LYS C 77 -36.71 -2.34 36.34
N GLU C 78 -37.70 -2.23 35.47
CA GLU C 78 -37.95 -3.31 34.51
C GLU C 78 -36.83 -3.39 33.48
N LYS C 79 -36.32 -2.25 33.01
CA LYS C 79 -35.19 -2.27 32.08
C LYS C 79 -33.93 -2.81 32.75
N ILE C 80 -33.76 -2.55 34.05
CA ILE C 80 -32.63 -3.12 34.79
C ILE C 80 -32.74 -4.65 34.82
N GLN C 81 -33.93 -5.15 35.14
CA GLN C 81 -34.11 -6.60 35.24
C GLN C 81 -34.01 -7.27 33.87
N GLU C 82 -34.52 -6.59 32.82
CA GLU C 82 -34.40 -7.14 31.48
C GLU C 82 -32.94 -7.26 31.07
N ALA C 83 -32.14 -6.22 31.34
CA ALA C 83 -30.72 -6.26 31.01
C ALA C 83 -29.97 -7.27 31.86
N LYS C 84 -30.26 -7.32 33.16
CA LYS C 84 -29.63 -8.30 34.04
C LYS C 84 -29.80 -9.72 33.50
N ASP C 85 -31.00 -10.04 33.02
CA ASP C 85 -31.26 -11.40 32.52
C ASP C 85 -30.57 -11.66 31.20
N VAL C 86 -30.59 -10.69 30.28
CA VAL C 86 -29.97 -10.89 28.97
C VAL C 86 -28.48 -11.13 29.12
N TYR C 87 -27.81 -10.30 29.93
CA TYR C 87 -26.36 -10.40 30.03
C TYR C 87 -25.92 -11.66 30.76
N LYS C 88 -26.72 -12.14 31.73
CA LYS C 88 -26.39 -13.38 32.40
C LYS C 88 -26.23 -14.52 31.42
N GLU C 89 -27.12 -14.61 30.43
CA GLU C 89 -27.00 -15.63 29.41
C GLU C 89 -25.97 -15.24 28.35
N HIS C 90 -25.92 -13.94 28.01
CA HIS C 90 -25.03 -13.48 26.95
C HIS C 90 -23.57 -13.71 27.31
N PHE C 91 -23.20 -13.47 28.57
CA PHE C 91 -21.84 -13.66 29.05
C PHE C 91 -21.62 -15.00 29.73
N GLN C 92 -22.68 -15.74 30.04
CA GLN C 92 -22.58 -16.97 30.84
C GLN C 92 -21.91 -16.70 32.18
N ASP C 93 -22.21 -15.53 32.75
CA ASP C 93 -21.57 -15.03 33.97
C ASP C 93 -22.35 -13.82 34.46
N ASP C 94 -22.16 -13.50 35.73
CA ASP C 94 -22.85 -12.38 36.37
C ASP C 94 -21.87 -11.20 36.39
N VAL C 95 -22.09 -10.24 35.51
CA VAL C 95 -21.11 -9.18 35.31
C VAL C 95 -21.80 -7.83 35.20
N PHE C 96 -23.13 -7.82 35.11
CA PHE C 96 -23.87 -6.59 34.90
C PHE C 96 -23.85 -5.70 36.15
N ASN C 97 -23.62 -4.40 35.95
CA ASN C 97 -23.52 -3.44 37.06
C ASN C 97 -24.92 -3.01 37.50
N GLU C 98 -25.62 -3.96 38.14
CA GLU C 98 -26.97 -3.68 38.63
C GLU C 98 -26.99 -2.58 39.68
N LYS C 99 -26.01 -2.59 40.59
CA LYS C 99 -25.93 -1.55 41.62
C LYS C 99 -25.75 -0.17 41.00
N GLY C 100 -24.90 -0.07 39.96
CA GLY C 100 -24.63 1.23 39.37
C GLY C 100 -25.83 1.81 38.67
N TRP C 101 -26.57 0.98 37.93
CA TRP C 101 -27.77 1.47 37.25
C TRP C 101 -28.89 1.77 38.23
N ASN C 102 -29.00 0.99 39.31
CA ASN C 102 -30.03 1.29 40.30
C ASN C 102 -29.74 2.57 41.04
N TYR C 103 -28.46 2.92 41.19
CA TYR C 103 -28.11 4.19 41.80
C TYR C 103 -28.63 5.35 40.98
N ILE C 104 -28.48 5.29 39.66
CA ILE C 104 -29.02 6.32 38.79
C ILE C 104 -30.54 6.40 38.92
N LEU C 105 -31.19 5.23 38.97
CA LEU C 105 -32.64 5.18 39.12
C LEU C 105 -33.09 5.80 40.44
N GLU C 106 -32.43 5.46 41.55
CA GLU C 106 -32.86 5.92 42.86
C GLU C 106 -32.51 7.39 43.08
N LYS C 107 -31.31 7.81 42.70
CA LYS C 107 -30.83 9.15 43.00
C LYS C 107 -31.36 10.18 42.01
N TYR C 108 -31.56 9.80 40.74
CA TYR C 108 -31.87 10.76 39.69
C TYR C 108 -33.15 10.42 38.94
N ASP C 109 -33.95 9.49 39.45
CA ASP C 109 -35.17 9.05 38.79
C ASP C 109 -34.89 8.59 37.37
N GLY C 110 -33.76 7.92 37.17
CA GLY C 110 -33.44 7.40 35.85
C GLY C 110 -33.00 8.43 34.83
N HIS C 111 -32.66 9.64 35.26
CA HIS C 111 -32.09 10.66 34.37
C HIS C 111 -30.57 10.53 34.37
N LEU C 112 -29.98 10.54 33.18
CA LEU C 112 -28.55 10.30 33.05
C LEU C 112 -27.73 11.46 33.62
N PRO C 113 -26.86 11.23 34.59
CA PRO C 113 -25.96 12.28 35.09
C PRO C 113 -24.73 12.45 34.21
N ILE C 114 -24.94 13.10 33.06
CA ILE C 114 -23.86 13.42 32.13
C ILE C 114 -24.10 14.81 31.56
N GLU C 115 -23.02 15.45 31.13
CA GLU C 115 -23.09 16.71 30.42
C GLU C 115 -22.43 16.54 29.07
N ILE C 116 -23.09 17.04 28.02
CA ILE C 116 -22.55 16.98 26.66
C ILE C 116 -22.46 18.41 26.14
N LYS C 117 -21.28 18.77 25.63
CA LYS C 117 -21.04 20.05 24.99
C LYS C 117 -20.71 19.80 23.53
N ALA C 118 -21.26 20.63 22.63
CA ALA C 118 -21.15 20.38 21.19
C ALA C 118 -21.15 21.69 20.42
N VAL C 119 -20.54 21.66 19.23
CA VAL C 119 -20.62 22.77 18.28
C VAL C 119 -22.06 22.86 17.78
N PRO C 120 -22.52 24.04 17.37
CA PRO C 120 -23.90 24.15 16.88
C PRO C 120 -24.09 23.30 15.63
N GLU C 121 -25.28 22.71 15.51
CA GLU C 121 -25.57 21.88 14.35
C GLU C 121 -25.56 22.74 13.09
N GLY C 122 -25.10 22.13 12.00
CA GLY C 122 -24.89 22.84 10.76
C GLY C 122 -23.52 23.47 10.60
N PHE C 123 -22.81 23.72 11.69
CA PHE C 123 -21.47 24.30 11.57
C PHE C 123 -20.57 23.41 10.73
N VAL C 124 -19.70 24.03 9.96
CA VAL C 124 -18.77 23.33 9.08
C VAL C 124 -17.37 23.49 9.67
N ILE C 125 -16.78 22.38 10.11
CA ILE C 125 -15.56 22.38 10.91
C ILE C 125 -14.51 21.55 10.20
N PRO C 126 -13.28 22.04 10.04
CA PRO C 126 -12.23 21.21 9.43
C PRO C 126 -11.97 19.94 10.23
N ARG C 127 -11.41 18.95 9.54
CA ARG C 127 -11.06 17.67 10.14
C ARG C 127 -10.11 17.86 11.33
N GLY C 128 -10.13 16.88 12.23
CA GLY C 128 -9.22 16.89 13.36
C GLY C 128 -9.55 17.89 14.46
N ASN C 129 -10.81 18.29 14.59
CA ASN C 129 -11.21 19.21 15.64
C ASN C 129 -12.28 18.56 16.53
N VAL C 130 -12.28 18.92 17.81
CA VAL C 130 -13.30 18.42 18.72
C VAL C 130 -14.66 18.94 18.29
N LEU C 131 -15.63 18.04 18.20
CA LEU C 131 -17.00 18.40 17.84
C LEU C 131 -17.97 18.27 19.01
N PHE C 132 -17.78 17.30 19.90
CA PHE C 132 -18.54 17.30 21.14
C PHE C 132 -17.78 16.49 22.19
N THR C 133 -18.11 16.79 23.46
CA THR C 133 -17.48 16.17 24.61
C THR C 133 -18.52 15.63 25.56
N VAL C 134 -18.14 14.61 26.32
CA VAL C 134 -19.03 13.90 27.23
C VAL C 134 -18.30 13.72 28.55
N GLU C 135 -19.01 13.92 29.65
CA GLU C 135 -18.44 13.66 30.96
C GLU C 135 -19.58 13.41 31.94
N ASN C 136 -19.28 12.65 32.98
CA ASN C 136 -20.27 12.39 34.02
C ASN C 136 -20.30 13.55 35.01
N THR C 137 -21.48 13.82 35.56
CA THR C 137 -21.63 14.85 36.58
C THR C 137 -21.66 14.29 37.99
N ASP C 138 -21.86 12.99 38.16
CA ASP C 138 -21.83 12.33 39.46
C ASP C 138 -20.63 11.40 39.54
N PRO C 139 -19.77 11.53 40.54
CA PRO C 139 -18.56 10.67 40.59
C PRO C 139 -18.84 9.19 40.67
N GLU C 140 -20.02 8.76 41.15
CA GLU C 140 -20.34 7.34 41.16
C GLU C 140 -20.58 6.79 39.76
N CYS C 141 -20.82 7.66 38.79
CA CYS C 141 -21.17 7.26 37.44
C CYS C 141 -20.05 7.53 36.44
N TYR C 142 -18.79 7.40 36.89
CA TYR C 142 -17.62 7.53 36.01
C TYR C 142 -17.72 6.62 34.80
N TRP C 143 -18.37 5.47 34.96
CA TRP C 143 -18.48 4.46 33.91
C TRP C 143 -19.53 4.80 32.87
N LEU C 144 -20.36 5.81 33.10
CA LEU C 144 -21.47 6.08 32.21
C LEU C 144 -21.01 6.85 30.97
N THR C 145 -19.92 7.60 31.07
CA THR C 145 -19.40 8.34 29.93
C THR C 145 -19.19 7.44 28.72
N ASN C 146 -18.45 6.36 28.89
CA ASN C 146 -18.14 5.50 27.76
C ASN C 146 -19.20 4.44 27.49
N TRP C 147 -20.12 4.20 28.44
CA TRP C 147 -21.27 3.36 28.15
C TRP C 147 -22.07 3.89 26.95
N ILE C 148 -22.28 5.20 26.88
CA ILE C 148 -23.12 5.76 25.83
C ILE C 148 -22.28 6.12 24.60
N GLU C 149 -21.00 5.75 24.60
CA GLU C 149 -20.17 5.93 23.41
C GLU C 149 -20.86 5.35 22.17
N THR C 150 -21.40 4.12 22.29
CA THR C 150 -21.92 3.42 21.12
C THR C 150 -23.08 4.18 20.48
N ILE C 151 -23.97 4.73 21.31
CA ILE C 151 -25.11 5.45 20.75
C ILE C 151 -24.67 6.80 20.18
N LEU C 152 -23.77 7.52 20.86
CA LEU C 152 -23.35 8.83 20.36
C LEU C 152 -22.50 8.71 19.08
N VAL C 153 -21.66 7.67 18.98
CA VAL C 153 -20.77 7.53 17.83
C VAL C 153 -21.56 7.34 16.53
N GLN C 154 -22.78 6.79 16.62
CA GLN C 154 -23.62 6.64 15.45
C GLN C 154 -23.98 7.98 14.81
N SER C 155 -23.68 9.10 15.48
CA SER C 155 -23.80 10.38 14.80
C SER C 155 -22.83 10.52 13.64
N TRP C 156 -21.89 9.58 13.50
CA TRP C 156 -21.03 9.57 12.31
C TRP C 156 -21.86 9.54 11.04
N TYR C 157 -23.04 8.90 11.08
CA TYR C 157 -23.80 8.72 9.84
C TYR C 157 -24.47 10.00 9.39
N PRO C 158 -25.32 10.66 10.19
CA PRO C 158 -25.83 11.96 9.73
C PRO C 158 -24.73 12.95 9.42
N ILE C 159 -23.63 12.95 10.19
CA ILE C 159 -22.49 13.82 9.88
C ILE C 159 -21.97 13.52 8.48
N THR C 160 -21.68 12.24 8.20
CA THR C 160 -21.09 11.87 6.92
C THR C 160 -22.05 12.09 5.76
N VAL C 161 -23.34 11.81 5.95
CA VAL C 161 -24.31 12.04 4.88
C VAL C 161 -24.39 13.52 4.54
N ALA C 162 -24.52 14.36 5.56
CA ALA C 162 -24.62 15.80 5.31
C ALA C 162 -23.34 16.33 4.68
N THR C 163 -22.19 15.81 5.11
CA THR C 163 -20.92 16.26 4.56
C THR C 163 -20.76 15.84 3.10
N ASN C 164 -21.08 14.58 2.79
CA ASN C 164 -20.92 14.09 1.43
C ASN C 164 -21.94 14.74 0.49
N SER C 165 -23.13 15.04 1.00
CA SER C 165 -24.13 15.75 0.21
C SER C 165 -23.73 17.19 -0.03
N ARG C 166 -23.12 17.83 0.97
CA ARG C 166 -22.63 19.19 0.78
C ARG C 166 -21.50 19.21 -0.24
N GLU C 167 -20.59 18.23 -0.20
CA GLU C 167 -19.50 18.20 -1.16
C GLU C 167 -20.01 18.02 -2.59
N GLN C 168 -21.11 17.30 -2.78
CA GLN C 168 -21.71 17.24 -4.11
C GLN C 168 -22.37 18.56 -4.49
N LYS C 169 -22.88 19.29 -3.50
CA LYS C 169 -23.46 20.59 -3.77
C LYS C 169 -22.40 21.58 -4.26
N LYS C 170 -21.17 21.47 -3.73
CA LYS C 170 -20.10 22.36 -4.20
C LYS C 170 -19.80 22.08 -5.66
N ILE C 171 -19.79 20.82 -6.06
CA ILE C 171 -19.53 20.46 -7.44
C ILE C 171 -20.63 21.00 -8.35
N LEU C 172 -21.88 20.82 -7.93
CA LEU C 172 -23.00 21.31 -8.74
C LEU C 172 -22.99 22.83 -8.83
N ALA C 173 -22.67 23.50 -7.72
CA ALA C 173 -22.66 24.95 -7.72
C ALA C 173 -21.55 25.49 -8.61
N LYS C 174 -20.37 24.86 -8.59
CA LYS C 174 -19.28 25.29 -9.45
C LYS C 174 -19.66 25.17 -10.92
N TYR C 175 -20.18 24.00 -11.32
CA TYR C 175 -20.48 23.79 -12.73
C TYR C 175 -21.74 24.54 -13.17
N LEU C 176 -22.74 24.66 -12.31
CA LEU C 176 -23.90 25.47 -12.66
C LEU C 176 -23.51 26.93 -12.85
N LEU C 177 -22.64 27.44 -11.98
CA LEU C 177 -22.20 28.83 -12.11
C LEU C 177 -21.38 29.04 -13.37
N GLU C 178 -20.48 28.10 -13.68
CA GLU C 178 -19.62 28.24 -14.86
C GLU C 178 -20.40 28.08 -16.17
N THR C 179 -21.45 27.27 -16.20
CA THR C 179 -22.15 27.05 -17.46
C THR C 179 -23.37 27.93 -17.64
N SER C 180 -23.84 28.60 -16.59
CA SER C 180 -25.10 29.34 -16.70
C SER C 180 -25.01 30.76 -16.13
N GLY C 181 -24.13 30.96 -15.14
CA GLY C 181 -23.95 32.27 -14.55
C GLY C 181 -24.76 32.54 -13.31
N ASN C 182 -25.53 31.58 -12.82
CA ASN C 182 -26.31 31.77 -11.61
C ASN C 182 -26.48 30.41 -10.93
N LEU C 183 -27.14 30.42 -9.77
CA LEU C 183 -27.39 29.21 -9.00
C LEU C 183 -28.88 28.89 -8.87
N ASP C 184 -29.70 29.39 -9.80
CA ASP C 184 -31.13 29.12 -9.72
C ASP C 184 -31.42 27.63 -9.76
N GLY C 185 -32.20 27.15 -8.79
CA GLY C 185 -32.59 25.76 -8.74
C GLY C 185 -31.54 24.81 -8.21
N LEU C 186 -30.46 25.33 -7.63
CA LEU C 186 -29.39 24.48 -7.12
C LEU C 186 -29.90 23.54 -6.02
N GLU C 187 -30.80 24.04 -5.18
CA GLU C 187 -31.35 23.22 -4.09
C GLU C 187 -32.10 21.99 -4.61
N TYR C 188 -32.46 21.94 -5.89
CA TYR C 188 -33.19 20.80 -6.44
C TYR C 188 -32.37 20.01 -7.44
N LYS C 189 -31.06 20.22 -7.50
CA LYS C 189 -30.22 19.55 -8.49
C LYS C 189 -29.75 18.17 -8.05
N LEU C 190 -29.87 17.82 -6.76
CA LEU C 190 -29.51 16.49 -6.29
C LEU C 190 -30.66 15.95 -5.46
N HIS C 191 -31.36 14.95 -6.00
CA HIS C 191 -32.59 14.44 -5.43
C HIS C 191 -32.34 13.10 -4.74
N ASP C 192 -32.86 12.95 -3.53
CA ASP C 192 -32.67 11.75 -2.73
C ASP C 192 -33.66 10.67 -3.18
N PHE C 193 -33.13 9.55 -3.70
CA PHE C 193 -33.92 8.38 -4.06
C PHE C 193 -33.49 7.16 -3.27
N GLY C 194 -32.93 7.36 -2.08
CA GLY C 194 -32.30 6.28 -1.35
C GLY C 194 -33.16 5.47 -0.40
N TYR C 195 -34.47 5.74 -0.33
CA TYR C 195 -35.31 5.06 0.65
C TYR C 195 -35.15 3.55 0.56
N ARG C 196 -35.17 3.01 -0.65
CA ARG C 196 -35.17 1.56 -0.80
C ARG C 196 -33.78 0.96 -0.66
N GLY C 197 -32.73 1.76 -0.79
CA GLY C 197 -31.37 1.28 -0.74
C GLY C 197 -30.65 1.45 0.58
N VAL C 198 -31.33 1.88 1.64
CA VAL C 198 -30.73 1.95 2.95
C VAL C 198 -31.10 0.71 3.75
N SER C 199 -30.45 0.53 4.89
CA SER C 199 -30.53 -0.72 5.64
C SER C 199 -31.77 -0.81 6.52
N SER C 200 -32.46 0.30 6.78
CA SER C 200 -33.60 0.22 7.69
C SER C 200 -34.46 1.46 7.54
N GLN C 201 -35.65 1.39 8.12
CA GLN C 201 -36.56 2.54 8.13
C GLN C 201 -35.96 3.72 8.90
N GLU C 202 -35.36 3.45 10.07
CA GLU C 202 -34.79 4.52 10.86
C GLU C 202 -33.61 5.18 10.14
N THR C 203 -32.73 4.37 9.54
CA THR C 203 -31.63 4.91 8.74
C THR C 203 -32.15 5.80 7.63
N ALA C 204 -33.27 5.42 7.00
CA ALA C 204 -33.84 6.23 5.94
C ALA C 204 -34.21 7.62 6.45
N GLY C 205 -34.86 7.69 7.61
CA GLY C 205 -35.20 8.99 8.16
C GLY C 205 -33.98 9.81 8.52
N ILE C 206 -32.98 9.19 9.14
CA ILE C 206 -31.80 9.92 9.56
C ILE C 206 -31.04 10.46 8.35
N GLY C 207 -30.78 9.60 7.37
CA GLY C 207 -29.98 10.01 6.22
C GLY C 207 -30.69 10.99 5.32
N ALA C 208 -31.99 10.79 5.08
CA ALA C 208 -32.74 11.74 4.26
C ALA C 208 -32.71 13.13 4.87
N SER C 209 -32.83 13.22 6.20
CA SER C 209 -32.82 14.53 6.84
C SER C 209 -31.45 15.18 6.74
N ALA C 210 -30.38 14.39 6.78
CA ALA C 210 -29.06 14.94 6.62
C ALA C 210 -28.86 15.49 5.22
N HIS C 211 -29.45 14.85 4.21
CA HIS C 211 -29.39 15.39 2.85
C HIS C 211 -30.14 16.71 2.75
N LEU C 212 -31.27 16.83 3.45
CA LEU C 212 -32.07 18.06 3.39
C LEU C 212 -31.37 19.24 4.04
N VAL C 213 -30.29 19.01 4.80
CA VAL C 213 -29.45 20.11 5.26
C VAL C 213 -28.96 20.94 4.08
N ASN C 214 -28.74 20.32 2.92
CA ASN C 214 -28.14 20.99 1.77
C ASN C 214 -29.07 21.15 0.58
N PHE C 215 -30.05 20.27 0.42
CA PHE C 215 -30.94 20.28 -0.73
C PHE C 215 -32.38 20.29 -0.26
N LYS C 216 -33.31 20.43 -1.21
CA LYS C 216 -34.73 20.44 -0.89
C LYS C 216 -35.51 19.37 -1.61
N GLY C 217 -34.89 18.60 -2.50
CA GLY C 217 -35.57 17.57 -3.23
C GLY C 217 -35.32 16.21 -2.61
N THR C 218 -36.41 15.54 -2.23
CA THR C 218 -36.28 14.19 -1.68
C THR C 218 -37.52 13.37 -2.02
N ASP C 219 -37.30 12.07 -2.21
CA ASP C 219 -38.37 11.10 -2.27
C ASP C 219 -38.43 10.23 -1.03
N THR C 220 -37.53 10.45 -0.06
CA THR C 220 -37.53 9.66 1.18
C THR C 220 -38.37 10.40 2.21
N VAL C 221 -39.69 10.18 2.15
CA VAL C 221 -40.59 10.99 2.95
C VAL C 221 -40.36 10.76 4.45
N ALA C 222 -39.69 9.66 4.82
CA ALA C 222 -39.34 9.45 6.22
C ALA C 222 -38.50 10.59 6.79
N GLY C 223 -37.70 11.25 5.95
CA GLY C 223 -36.90 12.36 6.44
C GLY C 223 -37.73 13.54 6.89
N LEU C 224 -38.94 13.70 6.32
CA LEU C 224 -39.77 14.85 6.68
C LEU C 224 -40.31 14.73 8.09
N ALA C 225 -40.75 13.53 8.48
CA ALA C 225 -41.27 13.32 9.82
C ALA C 225 -40.20 13.57 10.88
N LEU C 226 -38.96 13.12 10.63
CA LEU C 226 -37.91 13.28 11.61
C LEU C 226 -37.62 14.76 11.85
N ILE C 227 -37.49 15.54 10.78
CA ILE C 227 -37.23 16.96 10.91
C ILE C 227 -38.36 17.65 11.67
N LYS C 228 -39.61 17.32 11.32
CA LYS C 228 -40.75 17.93 11.99
C LYS C 228 -40.76 17.60 13.48
N LYS C 229 -40.33 16.40 13.85
CA LYS C 229 -40.41 16.01 15.26
C LYS C 229 -39.23 16.55 16.07
N TYR C 230 -38.01 16.52 15.52
CA TYR C 230 -36.83 16.80 16.32
C TYR C 230 -36.16 18.13 16.01
N TYR C 231 -36.49 18.78 14.90
CA TYR C 231 -35.80 20.01 14.54
C TYR C 231 -36.77 21.15 14.26
N GLY C 232 -37.66 20.96 13.28
CA GLY C 232 -38.63 21.99 12.94
C GLY C 232 -38.14 23.00 11.93
N THR C 233 -39.01 23.40 11.01
CA THR C 233 -38.69 24.41 10.01
C THR C 233 -39.84 25.42 9.91
N LYS C 234 -39.50 26.64 9.50
CA LYS C 234 -40.51 27.66 9.24
C LYS C 234 -41.35 27.30 8.03
N ASP C 235 -40.74 26.67 7.03
CA ASP C 235 -41.47 26.26 5.84
C ASP C 235 -42.48 25.17 6.20
N PRO C 236 -43.53 25.01 5.40
CA PRO C 236 -44.52 23.96 5.71
C PRO C 236 -43.96 22.55 5.63
N VAL C 237 -42.84 22.35 4.94
CA VAL C 237 -42.22 21.04 4.83
C VAL C 237 -40.77 21.26 4.41
N PRO C 238 -39.82 20.44 4.87
CA PRO C 238 -38.41 20.68 4.51
C PRO C 238 -38.00 20.21 3.14
N GLY C 239 -38.75 19.30 2.51
CA GLY C 239 -38.36 18.75 1.23
C GLY C 239 -39.58 18.52 0.36
N TYR C 240 -39.34 18.55 -0.95
CA TYR C 240 -40.40 18.51 -1.95
C TYR C 240 -40.07 17.47 -3.02
N SER C 241 -41.09 17.10 -3.79
CA SER C 241 -40.93 16.15 -4.89
C SER C 241 -41.97 16.46 -5.95
N VAL C 242 -41.93 15.69 -7.04
CA VAL C 242 -42.83 15.88 -8.17
C VAL C 242 -43.38 14.52 -8.58
N PRO C 243 -44.51 14.50 -9.29
CA PRO C 243 -45.01 13.23 -9.82
C PRO C 243 -43.99 12.61 -10.76
N ALA C 244 -43.89 11.28 -10.71
CA ALA C 244 -42.91 10.60 -11.52
C ALA C 244 -43.35 9.17 -11.74
N ALA C 245 -43.02 8.63 -12.91
CA ALA C 245 -43.27 7.25 -13.24
C ALA C 245 -42.11 6.36 -12.79
N GLU C 246 -42.42 5.09 -12.58
CA GLU C 246 -41.43 4.05 -12.40
C GLU C 246 -41.61 3.03 -13.53
N HIS C 247 -40.72 2.06 -13.58
CA HIS C 247 -40.81 1.07 -14.65
C HIS C 247 -42.13 0.31 -14.62
N SER C 248 -42.71 0.12 -13.43
CA SER C 248 -43.93 -0.69 -13.35
C SER C 248 -45.12 0.01 -14.01
N THR C 249 -45.24 1.32 -13.84
CA THR C 249 -46.35 2.05 -14.44
C THR C 249 -46.17 2.26 -15.94
N ILE C 250 -44.98 2.02 -16.47
CA ILE C 250 -44.78 2.04 -17.92
C ILE C 250 -45.01 0.67 -18.52
N THR C 251 -44.32 -0.32 -17.99
CA THR C 251 -44.38 -1.67 -18.54
C THR C 251 -45.73 -2.34 -18.32
N ALA C 252 -46.56 -1.82 -17.41
CA ALA C 252 -47.89 -2.41 -17.20
C ALA C 252 -48.79 -2.22 -18.41
N TRP C 253 -48.45 -1.28 -19.30
CA TRP C 253 -49.22 -1.06 -20.52
C TRP C 253 -48.91 -2.07 -21.61
N GLY C 254 -47.83 -2.82 -21.47
CA GLY C 254 -47.40 -3.76 -22.49
C GLY C 254 -46.27 -3.20 -23.33
N LYS C 255 -45.38 -4.10 -23.79
CA LYS C 255 -44.18 -3.68 -24.51
C LYS C 255 -44.51 -2.89 -25.76
N ASP C 256 -45.64 -3.18 -26.42
CA ASP C 256 -46.00 -2.48 -27.64
C ASP C 256 -46.74 -1.16 -27.39
N HIS C 257 -47.06 -0.84 -26.14
CA HIS C 257 -47.86 0.35 -25.84
C HIS C 257 -47.13 1.32 -24.93
N GLU C 258 -45.80 1.39 -25.08
CA GLU C 258 -45.01 2.34 -24.28
C GLU C 258 -45.46 3.76 -24.55
N LYS C 259 -45.69 4.10 -25.82
CA LYS C 259 -46.17 5.44 -26.17
C LYS C 259 -47.50 5.75 -25.47
N ASP C 260 -48.41 4.78 -25.41
CA ASP C 260 -49.67 5.01 -24.71
C ASP C 260 -49.43 5.30 -23.23
N ALA C 261 -48.48 4.59 -22.62
CA ALA C 261 -48.13 4.87 -21.23
C ALA C 261 -47.62 6.29 -21.07
N PHE C 262 -46.70 6.71 -21.96
CA PHE C 262 -46.17 8.07 -21.91
C PHE C 262 -47.29 9.09 -22.08
N GLU C 263 -48.16 8.90 -23.06
CA GLU C 263 -49.19 9.89 -23.33
C GLU C 263 -50.14 10.02 -22.14
N HIS C 264 -50.53 8.90 -21.53
CA HIS C 264 -51.44 8.95 -20.39
C HIS C 264 -50.82 9.68 -19.20
N ILE C 265 -49.54 9.45 -18.96
CA ILE C 265 -48.93 10.01 -17.75
C ILE C 265 -48.72 11.52 -17.88
N VAL C 266 -48.23 11.99 -19.03
CA VAL C 266 -48.02 13.43 -19.17
C VAL C 266 -49.36 14.17 -19.30
N THR C 267 -50.40 13.48 -19.76
CA THR C 267 -51.74 14.09 -19.79
C THR C 267 -52.34 14.16 -18.39
N GLN C 268 -52.21 13.08 -17.62
CA GLN C 268 -52.64 13.12 -16.22
C GLN C 268 -51.97 14.24 -15.45
N PHE C 269 -50.69 14.49 -15.71
CA PHE C 269 -49.94 15.52 -14.99
C PHE C 269 -49.49 16.61 -15.93
N SER C 270 -50.45 17.31 -16.53
CA SER C 270 -50.17 18.24 -17.60
C SER C 270 -49.81 19.64 -17.13
N SER C 271 -50.09 19.98 -15.87
CA SER C 271 -49.84 21.31 -15.36
C SER C 271 -48.83 21.33 -14.21
N VAL C 272 -48.19 20.19 -13.91
CA VAL C 272 -47.10 20.15 -12.94
C VAL C 272 -45.91 19.47 -13.61
N PRO C 273 -44.71 19.65 -13.06
CA PRO C 273 -43.56 18.88 -13.57
C PRO C 273 -43.82 17.39 -13.40
N VAL C 274 -43.34 16.59 -14.34
CA VAL C 274 -43.52 15.15 -14.25
C VAL C 274 -42.28 14.49 -14.86
N SER C 275 -41.76 13.49 -14.16
CA SER C 275 -40.60 12.73 -14.62
C SER C 275 -41.08 11.37 -15.13
N VAL C 276 -40.60 10.98 -16.31
CA VAL C 276 -41.01 9.72 -16.95
C VAL C 276 -39.75 8.92 -17.26
N VAL C 277 -39.59 7.77 -16.59
CA VAL C 277 -38.49 6.88 -16.90
C VAL C 277 -38.70 6.32 -18.30
N SER C 278 -37.69 6.44 -19.15
CA SER C 278 -37.87 6.21 -20.57
C SER C 278 -36.99 5.10 -21.13
N ASP C 279 -36.34 4.31 -20.27
CA ASP C 279 -35.39 3.31 -20.72
C ASP C 279 -35.92 1.88 -20.58
N SER C 280 -37.24 1.71 -20.44
CA SER C 280 -37.79 0.38 -20.21
C SER C 280 -37.35 -0.60 -21.28
N TYR C 281 -37.31 -0.16 -22.53
CA TYR C 281 -36.96 -1.05 -23.64
C TYR C 281 -35.83 -0.47 -24.48
N ASP C 282 -35.91 0.81 -24.83
CA ASP C 282 -34.85 1.43 -25.64
C ASP C 282 -34.91 2.94 -25.42
N ILE C 283 -34.03 3.45 -24.57
CA ILE C 283 -34.03 4.86 -24.21
C ILE C 283 -33.83 5.73 -25.43
N TYR C 284 -32.99 5.29 -26.37
CA TYR C 284 -32.69 6.13 -27.52
C TYR C 284 -33.88 6.20 -28.47
N ASN C 285 -34.60 5.08 -28.64
CA ASN C 285 -35.83 5.10 -29.42
C ASN C 285 -36.90 5.96 -28.76
N ALA C 286 -37.03 5.86 -27.43
CA ALA C 286 -38.06 6.65 -26.74
C ALA C 286 -37.81 8.14 -26.91
N CYS C 287 -36.56 8.59 -26.82
CA CYS C 287 -36.26 10.01 -26.98
C CYS C 287 -36.44 10.46 -28.43
N GLU C 288 -35.95 9.66 -29.39
CA GLU C 288 -35.99 10.10 -30.78
C GLU C 288 -37.39 9.96 -31.38
N LYS C 289 -38.01 8.80 -31.19
CA LYS C 289 -39.25 8.47 -31.90
C LYS C 289 -40.52 8.74 -31.10
N ILE C 290 -40.52 8.52 -29.79
CA ILE C 290 -41.76 8.69 -29.04
C ILE C 290 -41.89 10.13 -28.55
N TRP C 291 -40.93 10.57 -27.72
CA TRP C 291 -40.94 11.95 -27.28
C TRP C 291 -40.68 12.90 -28.45
N GLY C 292 -39.68 12.58 -29.28
CA GLY C 292 -39.24 13.51 -30.31
C GLY C 292 -40.13 13.59 -31.53
N GLU C 293 -41.05 12.64 -31.72
CA GLU C 293 -41.87 12.63 -32.92
C GLU C 293 -43.35 12.37 -32.58
N ASP C 294 -43.64 11.18 -32.07
CA ASP C 294 -45.03 10.76 -31.89
C ASP C 294 -45.76 11.64 -30.86
N LEU C 295 -45.13 11.95 -29.74
CA LEU C 295 -45.78 12.75 -28.70
C LEU C 295 -45.22 14.16 -28.60
N ARG C 296 -44.42 14.60 -29.57
CA ARG C 296 -43.77 15.90 -29.49
C ARG C 296 -44.76 17.03 -29.24
N HIS C 297 -45.96 16.94 -29.86
CA HIS C 297 -46.95 18.00 -29.73
C HIS C 297 -47.48 18.13 -28.31
N LEU C 298 -47.32 17.09 -27.47
CA LEU C 298 -47.73 17.17 -26.08
C LEU C 298 -46.63 17.69 -25.17
N ILE C 299 -45.41 17.84 -25.68
CA ILE C 299 -44.30 18.35 -24.91
C ILE C 299 -44.06 19.83 -25.18
N VAL C 300 -44.03 20.21 -26.46
CA VAL C 300 -43.78 21.61 -26.82
C VAL C 300 -44.89 22.54 -26.35
N SER C 301 -46.01 21.99 -25.89
CA SER C 301 -47.12 22.80 -25.39
C SER C 301 -47.11 22.95 -23.87
N ARG C 302 -46.19 22.28 -23.18
CA ARG C 302 -46.15 22.36 -21.72
C ARG C 302 -45.52 23.67 -21.28
N SER C 303 -45.92 24.12 -20.09
CA SER C 303 -45.46 25.41 -19.60
C SER C 303 -44.07 25.29 -18.96
N THR C 304 -43.44 26.44 -18.77
CA THR C 304 -42.12 26.49 -18.15
C THR C 304 -42.16 26.00 -16.70
N GLN C 305 -43.34 26.09 -16.07
CA GLN C 305 -43.52 25.61 -14.70
C GLN C 305 -43.82 24.12 -14.63
N ALA C 306 -44.05 23.45 -15.75
CA ALA C 306 -44.46 22.05 -15.76
C ALA C 306 -43.72 21.27 -16.85
N PRO C 307 -42.38 21.26 -16.80
CA PRO C 307 -41.63 20.57 -17.86
C PRO C 307 -41.78 19.07 -17.79
N LEU C 308 -41.47 18.41 -18.91
CA LEU C 308 -41.25 16.98 -18.91
C LEU C 308 -39.81 16.70 -18.51
N ILE C 309 -39.62 15.75 -17.60
CA ILE C 309 -38.29 15.38 -17.13
C ILE C 309 -38.03 13.95 -17.57
N ILE C 310 -37.18 13.79 -18.58
CA ILE C 310 -36.88 12.47 -19.12
C ILE C 310 -35.82 11.82 -18.24
N ARG C 311 -36.08 10.59 -17.79
CA ARG C 311 -35.16 9.89 -16.89
C ARG C 311 -34.61 8.63 -17.55
N PRO C 312 -33.39 8.66 -18.09
CA PRO C 312 -32.70 7.41 -18.37
C PRO C 312 -32.31 6.73 -17.07
N ASP C 313 -32.18 5.40 -17.11
CA ASP C 313 -31.89 4.67 -15.87
C ASP C 313 -30.96 3.47 -16.08
N SER C 314 -30.12 3.47 -17.10
CA SER C 314 -29.27 2.32 -17.37
C SER C 314 -28.20 2.73 -18.38
N GLY C 315 -27.15 1.91 -18.46
CA GLY C 315 -26.01 2.22 -19.31
C GLY C 315 -24.98 3.07 -18.59
N ASN C 316 -23.92 3.39 -19.32
CA ASN C 316 -22.89 4.25 -18.77
C ASN C 316 -23.49 5.61 -18.47
N PRO C 317 -23.45 6.08 -17.22
CA PRO C 317 -24.18 7.32 -16.88
C PRO C 317 -23.79 8.51 -17.73
N LEU C 318 -22.50 8.74 -17.94
CA LEU C 318 -22.08 9.88 -18.77
C LEU C 318 -22.47 9.66 -20.22
N ASP C 319 -22.13 8.50 -20.80
CA ASP C 319 -22.39 8.26 -22.20
C ASP C 319 -23.89 8.35 -22.51
N THR C 320 -24.73 7.88 -21.59
CA THR C 320 -26.17 7.91 -21.83
C THR C 320 -26.72 9.33 -21.78
N VAL C 321 -26.25 10.12 -20.81
CA VAL C 321 -26.70 11.50 -20.71
C VAL C 321 -26.30 12.27 -21.95
N LEU C 322 -25.09 12.03 -22.46
CA LEU C 322 -24.65 12.76 -23.65
C LEU C 322 -25.43 12.32 -24.89
N LYS C 323 -25.74 11.04 -25.01
CA LYS C 323 -26.52 10.60 -26.16
C LYS C 323 -27.97 11.05 -26.06
N VAL C 324 -28.52 11.12 -24.84
CA VAL C 324 -29.90 11.59 -24.68
C VAL C 324 -29.99 13.07 -25.01
N LEU C 325 -29.08 13.88 -24.45
CA LEU C 325 -29.09 15.31 -24.73
C LEU C 325 -28.97 15.59 -26.22
N GLU C 326 -28.10 14.84 -26.91
CA GLU C 326 -27.92 15.08 -28.34
C GLU C 326 -29.18 14.74 -29.12
N ILE C 327 -29.82 13.61 -28.79
CA ILE C 327 -31.06 13.23 -29.47
C ILE C 327 -32.13 14.29 -29.24
N LEU C 328 -32.29 14.73 -27.99
CA LEU C 328 -33.31 15.73 -27.69
C LEU C 328 -33.00 17.05 -28.37
N GLY C 329 -31.71 17.39 -28.53
CA GLY C 329 -31.37 18.64 -29.19
C GLY C 329 -31.65 18.62 -30.68
N LYS C 330 -31.69 17.42 -31.27
CA LYS C 330 -32.05 17.30 -32.68
C LYS C 330 -33.53 17.52 -32.91
N LYS C 331 -34.38 17.09 -31.99
CA LYS C 331 -35.83 17.11 -32.17
C LYS C 331 -36.51 18.35 -31.60
N PHE C 332 -35.84 19.07 -30.70
CA PHE C 332 -36.42 20.24 -30.06
C PHE C 332 -35.50 21.43 -30.25
N PRO C 333 -36.05 22.66 -30.20
CA PRO C 333 -35.20 23.85 -30.42
C PRO C 333 -34.25 24.11 -29.27
N VAL C 334 -32.95 24.00 -29.55
CA VAL C 334 -31.91 24.29 -28.57
C VAL C 334 -31.49 25.74 -28.72
N THR C 335 -31.41 26.46 -27.60
CA THR C 335 -30.89 27.81 -27.57
C THR C 335 -29.54 27.82 -26.88
N GLU C 336 -28.94 29.00 -26.85
CA GLU C 336 -27.63 29.21 -26.24
C GLU C 336 -27.77 30.26 -25.15
N ASN C 337 -27.35 29.93 -23.94
CA ASN C 337 -27.51 30.87 -22.83
C ASN C 337 -26.43 31.95 -22.90
N SER C 338 -26.44 32.86 -21.91
CA SER C 338 -25.53 34.00 -21.94
C SER C 338 -24.07 33.61 -21.77
N LYS C 339 -23.79 32.38 -21.29
CA LYS C 339 -22.42 31.90 -21.18
C LYS C 339 -21.95 31.12 -22.41
N GLY C 340 -22.84 30.92 -23.39
CA GLY C 340 -22.48 30.20 -24.58
C GLY C 340 -22.76 28.71 -24.55
N TYR C 341 -23.45 28.22 -23.52
CA TYR C 341 -23.74 26.79 -23.39
C TYR C 341 -25.15 26.48 -23.87
N LYS C 342 -25.32 25.26 -24.38
CA LYS C 342 -26.57 24.88 -25.02
C LYS C 342 -27.64 24.59 -23.97
N LEU C 343 -28.87 25.00 -24.27
CA LEU C 343 -29.96 24.91 -23.31
C LEU C 343 -31.20 24.37 -24.00
N LEU C 344 -31.73 23.26 -23.49
CA LEU C 344 -32.99 22.72 -23.98
C LEU C 344 -34.12 23.71 -23.71
N PRO C 345 -35.24 23.60 -24.44
CA PRO C 345 -36.37 24.47 -24.17
C PRO C 345 -36.87 24.29 -22.76
N PRO C 346 -37.49 25.33 -22.17
CA PRO C 346 -37.81 25.28 -20.74
C PRO C 346 -38.87 24.26 -20.36
N TYR C 347 -39.51 23.58 -21.31
CA TYR C 347 -40.49 22.55 -21.01
C TYR C 347 -39.87 21.15 -21.03
N LEU C 348 -38.55 21.03 -21.17
CA LEU C 348 -37.91 19.72 -21.29
C LEU C 348 -36.63 19.70 -20.46
N ARG C 349 -36.51 18.70 -19.59
CA ARG C 349 -35.33 18.54 -18.75
C ARG C 349 -34.99 17.05 -18.69
N VAL C 350 -33.82 16.77 -18.11
CA VAL C 350 -33.33 15.41 -17.93
C VAL C 350 -32.90 15.26 -16.48
N ILE C 351 -33.10 14.07 -15.92
CA ILE C 351 -32.53 13.71 -14.63
C ILE C 351 -31.83 12.37 -14.77
N GLN C 352 -30.58 12.30 -14.35
CA GLN C 352 -29.84 11.04 -14.29
C GLN C 352 -29.91 10.54 -12.86
N GLY C 353 -30.58 9.40 -12.66
CA GLY C 353 -30.76 8.87 -11.33
C GLY C 353 -30.28 7.44 -11.19
N ASP C 354 -29.29 7.05 -11.99
CA ASP C 354 -28.75 5.70 -11.95
C ASP C 354 -27.24 5.76 -11.83
N GLY C 355 -26.70 5.03 -10.86
CA GLY C 355 -25.25 4.96 -10.67
C GLY C 355 -24.59 6.29 -10.35
N VAL C 356 -25.26 7.15 -9.59
CA VAL C 356 -24.75 8.47 -9.27
C VAL C 356 -24.18 8.47 -7.87
N ASP C 357 -22.90 8.80 -7.76
CA ASP C 357 -22.27 9.12 -6.48
C ASP C 357 -21.40 10.36 -6.69
N ILE C 358 -20.63 10.76 -5.68
CA ILE C 358 -19.89 12.02 -5.82
C ILE C 358 -18.89 11.94 -6.97
N ASN C 359 -18.29 10.76 -7.20
CA ASN C 359 -17.30 10.64 -8.26
C ASN C 359 -17.95 10.70 -9.65
N THR C 360 -19.01 9.93 -9.86
CA THR C 360 -19.64 9.95 -11.18
C THR C 360 -20.38 11.24 -11.44
N LEU C 361 -20.93 11.87 -10.38
CA LEU C 361 -21.51 13.20 -10.52
C LEU C 361 -20.50 14.17 -11.13
N GLN C 362 -19.30 14.22 -10.56
CA GLN C 362 -18.24 15.05 -11.11
C GLN C 362 -17.95 14.69 -12.56
N GLU C 363 -17.88 13.40 -12.87
CA GLU C 363 -17.57 12.97 -14.24
C GLU C 363 -18.67 13.36 -15.22
N ILE C 364 -19.92 13.41 -14.77
CA ILE C 364 -21.02 13.71 -15.68
C ILE C 364 -21.07 15.20 -16.00
N VAL C 365 -20.95 16.06 -14.97
CA VAL C 365 -21.05 17.49 -15.24
C VAL C 365 -19.83 17.96 -16.02
N GLU C 366 -18.66 17.35 -15.78
CA GLU C 366 -17.49 17.70 -16.57
C GLU C 366 -17.67 17.27 -18.02
N GLY C 367 -18.24 16.09 -18.25
CA GLY C 367 -18.46 15.63 -19.62
C GLY C 367 -19.47 16.47 -20.36
N MET C 368 -20.54 16.87 -19.68
CA MET C 368 -21.50 17.80 -20.27
C MET C 368 -20.84 19.13 -20.62
N LYS C 369 -20.03 19.65 -19.70
CA LYS C 369 -19.36 20.94 -19.95
C LYS C 369 -18.45 20.88 -21.17
N GLN C 370 -17.75 19.75 -21.36
CA GLN C 370 -16.87 19.65 -22.52
C GLN C 370 -17.67 19.59 -23.82
N LYS C 371 -18.89 19.05 -23.78
CA LYS C 371 -19.78 19.05 -24.94
C LYS C 371 -20.59 20.34 -25.04
N MET C 372 -20.31 21.32 -24.16
CA MET C 372 -20.96 22.64 -24.16
C MET C 372 -22.45 22.55 -23.83
N TRP C 373 -22.83 21.55 -23.05
CA TRP C 373 -24.18 21.46 -22.51
C TRP C 373 -24.23 22.14 -21.15
N SER C 374 -25.24 22.98 -20.94
CA SER C 374 -25.38 23.68 -19.66
C SER C 374 -25.92 22.73 -18.60
N ILE C 375 -25.43 22.89 -17.37
CA ILE C 375 -25.93 22.08 -16.25
C ILE C 375 -27.37 22.42 -15.90
N GLU C 376 -27.90 23.52 -16.44
CA GLU C 376 -29.32 23.81 -16.30
C GLU C 376 -30.19 22.67 -16.82
N ASN C 377 -29.71 21.93 -17.82
CA ASN C 377 -30.52 20.92 -18.47
C ASN C 377 -30.74 19.70 -17.59
N ILE C 378 -29.91 19.49 -16.57
CA ILE C 378 -29.78 18.20 -15.91
C ILE C 378 -30.00 18.37 -14.41
N ALA C 379 -30.55 17.32 -13.80
CA ALA C 379 -30.56 17.15 -12.35
C ALA C 379 -30.11 15.73 -12.05
N PHE C 380 -29.83 15.44 -10.79
CA PHE C 380 -29.31 14.13 -10.45
C PHE C 380 -30.14 13.50 -9.35
N GLY C 381 -30.35 12.19 -9.46
CA GLY C 381 -30.96 11.42 -8.39
C GLY C 381 -29.96 10.42 -7.83
N SER C 382 -29.81 10.37 -6.53
CA SER C 382 -28.85 9.44 -5.95
C SER C 382 -29.54 8.66 -4.84
N GLY C 383 -29.23 7.37 -4.77
CA GLY C 383 -29.86 6.50 -3.80
C GLY C 383 -28.84 5.90 -2.86
N GLY C 384 -28.38 4.69 -3.20
CA GLY C 384 -27.37 4.04 -2.37
C GLY C 384 -26.13 4.89 -2.18
N GLY C 385 -25.66 5.55 -3.24
CA GLY C 385 -24.44 6.33 -3.14
C GLY C 385 -24.58 7.52 -2.22
N LEU C 386 -25.81 8.01 -2.05
CA LEU C 386 -26.07 9.16 -1.21
C LEU C 386 -26.26 8.79 0.26
N LEU C 387 -26.96 7.67 0.54
CA LEU C 387 -27.38 7.36 1.89
C LEU C 387 -26.83 6.06 2.44
N GLN C 388 -26.29 5.17 1.62
CA GLN C 388 -25.89 3.85 2.10
C GLN C 388 -24.41 3.53 1.92
N LYS C 389 -23.81 3.90 0.78
CA LYS C 389 -22.40 3.55 0.52
C LYS C 389 -21.49 4.53 1.26
N LEU C 390 -21.52 4.43 2.59
CA LEU C 390 -20.81 5.34 3.47
C LEU C 390 -20.47 4.58 4.73
N THR C 391 -19.29 4.84 5.28
CA THR C 391 -18.84 4.17 6.49
C THR C 391 -18.22 5.19 7.43
N ARG C 392 -18.09 4.77 8.68
CA ARG C 392 -17.44 5.58 9.71
C ARG C 392 -15.99 5.89 9.34
N ASP C 393 -15.39 5.11 8.42
CA ASP C 393 -14.01 5.30 8.01
C ASP C 393 -13.81 6.45 7.03
N LEU C 394 -14.88 6.93 6.37
CA LEU C 394 -14.73 8.01 5.41
C LEU C 394 -14.20 9.27 6.08
N LEU C 395 -14.76 9.63 7.23
CA LEU C 395 -14.31 10.80 7.97
C LEU C 395 -13.54 10.45 9.23
N ASN C 396 -13.28 9.17 9.50
CA ASN C 396 -12.56 8.73 10.69
C ASN C 396 -13.23 9.28 11.96
N CYS C 397 -14.54 9.11 12.05
CA CYS C 397 -15.28 9.55 13.22
C CYS C 397 -14.94 8.67 14.42
N SER C 398 -14.49 9.28 15.51
CA SER C 398 -13.94 8.53 16.62
C SER C 398 -14.30 9.17 17.95
N PHE C 399 -14.44 8.34 18.97
CA PHE C 399 -14.80 8.73 20.32
C PHE C 399 -13.73 8.19 21.26
N LYS C 400 -13.08 9.09 22.01
CA LYS C 400 -11.93 8.70 22.81
C LYS C 400 -11.94 9.45 24.13
N CYS C 401 -11.44 8.78 25.16
CA CYS C 401 -11.30 9.41 26.46
C CYS C 401 -10.00 10.21 26.51
N SER C 402 -10.09 11.47 26.93
CA SER C 402 -8.93 12.35 26.97
C SER C 402 -8.59 12.85 28.37
N TYR C 403 -9.45 12.63 29.36
CA TYR C 403 -9.22 13.21 30.69
C TYR C 403 -9.96 12.39 31.72
N VAL C 404 -9.30 12.05 32.82
CA VAL C 404 -9.91 11.35 33.93
C VAL C 404 -9.45 11.99 35.24
N VAL C 405 -10.26 11.85 36.27
CA VAL C 405 -9.89 12.21 37.63
C VAL C 405 -9.84 10.93 38.43
N THR C 406 -8.69 10.66 39.03
CA THR C 406 -8.49 9.50 39.88
C THR C 406 -7.83 9.95 41.16
N ASN C 407 -8.42 9.57 42.30
CA ASN C 407 -7.94 10.00 43.62
C ASN C 407 -7.86 11.52 43.71
N GLY C 408 -8.79 12.20 43.04
CA GLY C 408 -8.87 13.65 43.05
C GLY C 408 -7.87 14.38 42.18
N LEU C 409 -7.06 13.66 41.41
CA LEU C 409 -6.07 14.27 40.52
C LEU C 409 -6.50 14.10 39.07
N GLY C 410 -6.49 15.22 38.33
CA GLY C 410 -6.79 15.15 36.90
C GLY C 410 -5.59 14.66 36.11
N ILE C 411 -5.87 13.80 35.14
CA ILE C 411 -4.84 13.16 34.33
C ILE C 411 -5.25 13.26 32.86
N ASN C 412 -4.37 13.83 32.05
CA ASN C 412 -4.58 13.88 30.60
C ASN C 412 -4.16 12.55 29.99
N VAL C 413 -5.12 11.84 29.37
CA VAL C 413 -4.87 10.53 28.81
C VAL C 413 -5.09 10.58 27.30
N PHE C 414 -4.60 9.55 26.62
CA PHE C 414 -4.62 9.48 25.16
C PHE C 414 -4.09 8.12 24.74
N LYS C 415 -4.44 7.71 23.53
CA LYS C 415 -3.83 6.57 22.88
C LYS C 415 -2.83 7.04 21.82
N ASP C 416 -1.83 6.21 21.54
CA ASP C 416 -0.73 6.59 20.67
C ASP C 416 -0.09 5.36 20.08
N PRO C 417 -0.84 4.60 19.24
CA PRO C 417 -0.33 3.32 18.72
C PRO C 417 0.93 3.52 17.90
N VAL C 418 1.92 2.68 18.17
CA VAL C 418 3.25 2.88 17.59
C VAL C 418 3.21 2.74 16.06
N ALA C 419 2.35 1.87 15.52
CA ALA C 419 2.31 1.60 14.09
C ALA C 419 1.23 2.36 13.33
N ASP C 420 0.61 3.37 13.95
CA ASP C 420 -0.36 4.21 13.24
C ASP C 420 -0.46 5.57 13.92
N PRO C 421 0.37 6.55 13.53
CA PRO C 421 0.28 7.87 14.14
C PRO C 421 -1.05 8.57 13.88
N ASN C 422 -1.79 8.19 12.83
CA ASN C 422 -3.08 8.82 12.56
C ASN C 422 -4.10 8.57 13.66
N LYS C 423 -3.91 7.51 14.45
CA LYS C 423 -4.87 7.13 15.48
C LYS C 423 -4.55 7.73 16.84
N ARG C 424 -3.57 8.61 16.93
CA ARG C 424 -3.27 9.27 18.19
C ARG C 424 -4.43 10.17 18.62
N SER C 425 -4.74 10.13 19.90
CA SER C 425 -5.88 10.82 20.51
C SER C 425 -5.40 12.11 21.18
N LYS C 426 -6.33 13.06 21.33
CA LYS C 426 -6.01 14.33 21.98
C LYS C 426 -5.96 14.18 23.49
N LYS C 427 -5.21 15.07 24.14
CA LYS C 427 -4.95 15.02 25.58
C LYS C 427 -5.73 16.10 26.32
N GLY C 428 -6.30 15.74 27.46
CA GLY C 428 -6.84 16.71 28.38
C GLY C 428 -8.20 17.27 27.97
N ARG C 429 -8.62 18.28 28.72
CA ARG C 429 -9.88 18.96 28.43
C ARG C 429 -9.74 19.83 27.19
N LEU C 430 -10.74 19.78 26.32
CA LEU C 430 -10.66 20.36 25.00
C LEU C 430 -11.60 21.55 24.86
N SER C 431 -11.31 22.38 23.86
CA SER C 431 -12.18 23.48 23.49
C SER C 431 -11.94 23.82 22.02
N LEU C 432 -12.99 24.28 21.35
CA LEU C 432 -12.94 24.65 19.96
C LEU C 432 -12.95 26.16 19.85
N HIS C 433 -12.08 26.71 19.01
CA HIS C 433 -11.95 28.15 18.87
C HIS C 433 -11.78 28.51 17.39
N ARG C 434 -12.20 29.72 17.05
CA ARG C 434 -12.01 30.28 15.72
C ARG C 434 -10.93 31.34 15.77
N THR C 435 -9.96 31.25 14.88
CA THR C 435 -8.88 32.23 14.83
C THR C 435 -9.36 33.50 14.12
N PRO C 436 -8.66 34.62 14.29
CA PRO C 436 -9.05 35.85 13.58
C PRO C 436 -9.13 35.67 12.07
N ALA C 437 -8.22 34.92 11.47
CA ALA C 437 -8.24 34.71 10.02
C ALA C 437 -9.32 33.72 9.58
N GLY C 438 -10.05 33.11 10.51
CA GLY C 438 -11.12 32.20 10.15
C GLY C 438 -10.80 30.74 10.24
N ASN C 439 -9.59 30.37 10.69
CA ASN C 439 -9.28 28.96 10.88
C ASN C 439 -9.90 28.47 12.18
N PHE C 440 -9.74 27.17 12.45
CA PHE C 440 -10.23 26.55 13.66
C PHE C 440 -9.09 25.83 14.36
N VAL C 441 -9.06 25.92 15.68
CA VAL C 441 -8.02 25.27 16.48
C VAL C 441 -8.67 24.60 17.68
N THR C 442 -8.31 23.34 17.91
CA THR C 442 -8.73 22.62 19.11
C THR C 442 -7.61 22.75 20.12
N LEU C 443 -7.89 23.41 21.25
CA LEU C 443 -6.92 23.55 22.32
C LEU C 443 -7.03 22.38 23.27
N GLU C 444 -5.89 21.80 23.62
CA GLU C 444 -5.78 20.61 24.43
C GLU C 444 -5.29 20.97 25.82
N GLU C 445 -5.28 19.96 26.71
CA GLU C 445 -4.72 20.10 28.05
C GLU C 445 -5.36 21.23 28.83
N GLY C 446 -6.60 21.58 28.49
CA GLY C 446 -7.30 22.64 29.19
C GLY C 446 -6.83 24.04 28.87
N LYS C 447 -5.92 24.20 27.91
CA LYS C 447 -5.32 25.50 27.65
C LYS C 447 -6.31 26.54 27.13
N GLY C 448 -7.50 26.13 26.72
CA GLY C 448 -8.52 27.09 26.34
C GLY C 448 -9.06 27.92 27.48
N ASP C 449 -8.78 27.53 28.73
CA ASP C 449 -9.30 28.25 29.88
C ASP C 449 -8.75 29.67 29.95
N LEU C 450 -7.45 29.84 29.67
CA LEU C 450 -6.80 31.15 29.78
C LEU C 450 -7.08 32.00 28.53
N GLU C 451 -8.37 32.26 28.30
CA GLU C 451 -8.83 33.09 27.19
C GLU C 451 -8.22 32.61 25.88
N GLU C 452 -7.76 33.55 25.04
CA GLU C 452 -7.04 33.26 23.80
C GLU C 452 -7.92 32.60 22.75
N TYR C 453 -7.83 33.06 21.51
CA TYR C 453 -8.60 32.53 20.39
C TYR C 453 -10.11 32.66 20.59
N GLY C 454 -10.55 33.53 21.49
CA GLY C 454 -11.96 33.76 21.67
C GLY C 454 -12.66 32.72 22.53
N GLN C 455 -13.99 32.77 22.48
CA GLN C 455 -14.82 31.92 23.31
C GLN C 455 -14.89 30.51 22.75
N ASP C 456 -15.08 29.54 23.65
CA ASP C 456 -15.23 28.15 23.25
C ASP C 456 -16.48 27.99 22.39
N LEU C 457 -16.30 27.39 21.20
CA LEU C 457 -17.42 27.18 20.29
C LEU C 457 -18.32 26.03 20.73
N LEU C 458 -17.93 25.23 21.72
CA LEU C 458 -18.80 24.18 22.23
C LEU C 458 -19.78 24.78 23.24
N HIS C 459 -21.04 24.37 23.17
CA HIS C 459 -22.06 24.78 24.11
C HIS C 459 -22.70 23.55 24.73
N THR C 460 -23.15 23.69 25.97
CA THR C 460 -23.85 22.60 26.65
C THR C 460 -25.18 22.33 25.96
N VAL C 461 -25.34 21.13 25.41
CA VAL C 461 -26.59 20.73 24.77
C VAL C 461 -27.36 19.70 25.59
N PHE C 462 -26.72 19.02 26.53
CA PHE C 462 -27.39 18.03 27.36
C PHE C 462 -26.77 18.07 28.74
N LYS C 463 -27.62 18.02 29.77
CA LYS C 463 -27.09 17.99 31.14
C LYS C 463 -28.12 17.37 32.06
N ASN C 464 -27.75 16.24 32.68
CA ASN C 464 -28.56 15.61 33.72
C ASN C 464 -29.98 15.30 33.25
N GLY C 465 -30.10 14.80 32.01
CA GLY C 465 -31.36 14.30 31.50
C GLY C 465 -32.18 15.28 30.69
N LYS C 466 -31.72 16.51 30.51
CA LYS C 466 -32.45 17.53 29.77
C LYS C 466 -31.61 17.99 28.58
N VAL C 467 -32.29 18.23 27.46
CA VAL C 467 -31.69 18.91 26.33
C VAL C 467 -31.73 20.40 26.60
N THR C 468 -30.55 21.03 26.73
CA THR C 468 -30.46 22.41 27.19
C THR C 468 -30.34 23.42 26.06
N LYS C 469 -30.11 22.98 24.83
CA LYS C 469 -30.04 23.91 23.71
C LYS C 469 -30.35 23.16 22.43
N SER C 470 -31.41 23.57 21.74
CA SER C 470 -31.80 22.97 20.48
C SER C 470 -31.66 23.98 19.35
N TYR C 471 -31.64 23.45 18.14
CA TYR C 471 -31.52 24.25 16.93
C TYR C 471 -32.63 23.83 15.97
N SER C 472 -33.23 24.81 15.31
CA SER C 472 -34.18 24.51 14.25
C SER C 472 -33.45 24.08 12.99
N PHE C 473 -34.17 23.40 12.11
CA PHE C 473 -33.58 23.01 10.84
C PHE C 473 -33.22 24.21 9.98
N ASP C 474 -33.86 25.37 10.21
CA ASP C 474 -33.49 26.57 9.47
C ASP C 474 -32.13 27.09 9.91
N GLU C 475 -31.86 27.13 11.22
CA GLU C 475 -30.54 27.53 11.69
C GLU C 475 -29.46 26.61 11.14
N ILE C 476 -29.73 25.30 11.14
CA ILE C 476 -28.76 24.32 10.66
C ILE C 476 -28.43 24.55 9.20
N ARG C 477 -29.48 24.73 8.38
CA ARG C 477 -29.27 25.00 6.96
C ARG C 477 -28.45 26.27 6.75
N LYS C 478 -28.68 27.28 7.58
CA LYS C 478 -27.94 28.53 7.46
C LYS C 478 -26.47 28.35 7.82
N ASN C 479 -26.19 27.58 8.87
CA ASN C 479 -24.80 27.36 9.25
C ASN C 479 -24.04 26.57 8.19
N ALA C 480 -24.75 25.76 7.41
CA ALA C 480 -24.13 24.84 6.47
C ALA C 480 -24.08 25.38 5.04
N GLN C 481 -24.43 26.64 4.82
CA GLN C 481 -24.44 27.21 3.48
C GLN C 481 -23.04 27.21 2.87
N LEU C 482 -23.01 27.12 1.54
CA LEU C 482 -21.77 27.26 0.78
C LEU C 482 -21.27 28.71 0.85
N ASN C 483 -20.02 28.90 0.44
CA ASN C 483 -19.26 30.15 0.59
C ASN C 483 -18.95 30.42 2.06
N PHE D 9 -45.05 4.91 13.64
CA PHE D 9 -44.84 4.49 12.25
C PHE D 9 -46.14 4.56 11.45
N ASN D 10 -46.04 5.09 10.23
CA ASN D 10 -47.21 5.28 9.37
C ASN D 10 -46.87 4.71 8.00
N ILE D 11 -47.48 3.57 7.66
CA ILE D 11 -47.16 2.90 6.40
C ILE D 11 -47.49 3.79 5.19
N LEU D 12 -48.44 4.71 5.35
CA LEU D 12 -48.78 5.64 4.27
C LEU D 12 -47.68 6.65 4.02
N LEU D 13 -46.74 6.80 4.96
CA LEU D 13 -45.58 7.66 4.81
C LEU D 13 -44.28 6.86 4.72
N ALA D 14 -44.37 5.58 4.38
CA ALA D 14 -43.23 4.68 4.35
C ALA D 14 -42.96 4.19 2.93
N THR D 15 -43.06 5.10 1.97
CA THR D 15 -42.90 4.75 0.57
C THR D 15 -42.14 5.87 -0.13
N ASP D 16 -41.57 5.55 -1.28
CA ASP D 16 -40.98 6.57 -2.12
C ASP D 16 -42.06 7.56 -2.55
N SER D 17 -41.70 8.85 -2.54
CA SER D 17 -42.69 9.90 -2.81
C SER D 17 -43.43 9.66 -4.12
N TYR D 18 -42.73 9.28 -5.19
CA TYR D 18 -43.41 9.21 -6.47
C TYR D 18 -44.44 8.08 -6.53
N LYS D 19 -44.37 7.10 -5.62
CA LYS D 19 -45.39 6.05 -5.61
C LYS D 19 -46.76 6.56 -5.19
N VAL D 20 -46.81 7.73 -4.52
CA VAL D 20 -48.08 8.35 -4.17
C VAL D 20 -48.91 8.66 -5.42
N THR D 21 -48.24 8.87 -6.55
CA THR D 21 -48.91 9.29 -7.78
C THR D 21 -49.06 8.16 -8.81
N HIS D 22 -48.69 6.93 -8.47
CA HIS D 22 -48.73 5.84 -9.44
C HIS D 22 -50.14 5.33 -9.70
N TYR D 23 -51.07 5.45 -8.75
CA TYR D 23 -52.41 4.91 -8.96
C TYR D 23 -53.10 5.53 -10.18
N LYS D 24 -52.75 6.77 -10.52
CA LYS D 24 -53.26 7.43 -11.71
C LYS D 24 -52.42 7.18 -12.95
N GLN D 25 -51.37 6.35 -12.87
CA GLN D 25 -50.50 6.12 -14.01
C GLN D 25 -50.65 4.73 -14.61
N TYR D 26 -51.18 3.76 -13.85
CA TYR D 26 -51.41 2.43 -14.39
C TYR D 26 -52.49 2.50 -15.48
N PRO D 27 -52.53 1.52 -16.38
CA PRO D 27 -53.61 1.47 -17.35
C PRO D 27 -54.95 1.56 -16.65
N PRO D 28 -55.87 2.38 -17.17
CA PRO D 28 -57.21 2.45 -16.57
C PRO D 28 -57.84 1.07 -16.47
N ASN D 29 -58.59 0.86 -15.39
CA ASN D 29 -59.30 -0.39 -15.12
C ASN D 29 -58.33 -1.58 -14.98
N THR D 30 -57.20 -1.32 -14.31
CA THR D 30 -56.27 -2.36 -13.93
C THR D 30 -56.74 -2.99 -12.62
N SER D 31 -56.80 -4.33 -12.58
CA SER D 31 -57.32 -5.01 -11.41
C SER D 31 -56.27 -5.78 -10.61
N LYS D 32 -55.14 -6.13 -11.22
CA LYS D 32 -54.14 -6.93 -10.55
C LYS D 32 -52.75 -6.44 -10.92
N VAL D 33 -51.89 -6.31 -9.93
CA VAL D 33 -50.47 -6.01 -10.10
C VAL D 33 -49.70 -7.04 -9.29
N TYR D 34 -48.83 -7.79 -9.96
CA TYR D 34 -48.10 -8.91 -9.37
C TYR D 34 -46.62 -8.63 -9.55
N SER D 35 -45.87 -8.62 -8.44
CA SER D 35 -44.46 -8.27 -8.47
C SER D 35 -43.64 -9.31 -7.72
N TYR D 36 -42.33 -9.30 -7.95
CA TYR D 36 -41.45 -10.31 -7.37
C TYR D 36 -40.11 -9.68 -7.00
N PHE D 37 -39.43 -10.35 -6.08
CA PHE D 37 -38.12 -9.94 -5.61
C PHE D 37 -37.10 -11.00 -6.01
N GLU D 38 -35.92 -10.57 -6.44
CA GLU D 38 -34.83 -11.46 -6.78
C GLU D 38 -33.50 -10.76 -6.51
N CYS D 39 -32.46 -11.57 -6.31
CA CYS D 39 -31.08 -11.07 -6.34
C CYS D 39 -30.56 -11.33 -7.75
N ARG D 40 -30.69 -10.32 -8.59
CA ARG D 40 -30.47 -10.45 -10.03
C ARG D 40 -29.07 -10.98 -10.33
N GLU D 41 -28.98 -11.84 -11.35
CA GLU D 41 -27.71 -12.35 -11.85
C GLU D 41 -26.78 -11.24 -12.31
N LYS D 53 -18.23 -14.51 -7.44
CA LYS D 53 -18.52 -14.01 -6.10
C LYS D 53 -20.02 -13.90 -5.86
N TYR D 54 -20.45 -14.34 -4.67
CA TYR D 54 -21.84 -14.22 -4.23
C TYR D 54 -22.80 -14.86 -5.22
N GLU D 55 -22.55 -16.14 -5.51
CA GLU D 55 -23.38 -16.87 -6.45
C GLU D 55 -24.62 -17.48 -5.81
N GLU D 56 -24.71 -17.47 -4.48
CA GLU D 56 -25.90 -17.92 -3.78
C GLU D 56 -26.18 -16.97 -2.63
N THR D 57 -27.47 -16.79 -2.32
CA THR D 57 -27.89 -15.83 -1.30
C THR D 57 -28.67 -16.55 -0.20
N VAL D 58 -28.49 -16.08 1.03
CA VAL D 58 -29.30 -16.53 2.16
C VAL D 58 -30.52 -15.63 2.25
N PHE D 59 -31.70 -16.22 2.18
CA PHE D 59 -32.93 -15.44 2.30
C PHE D 59 -33.27 -15.28 3.78
N TYR D 60 -33.16 -14.06 4.30
CA TYR D 60 -33.43 -13.79 5.70
C TYR D 60 -33.93 -12.36 5.84
N GLY D 61 -34.90 -12.16 6.72
CA GLY D 61 -35.29 -10.83 7.18
C GLY D 61 -36.71 -10.43 6.84
N LEU D 62 -37.38 -11.14 5.93
CA LEU D 62 -38.74 -10.76 5.56
C LEU D 62 -39.70 -10.90 6.73
N GLN D 63 -39.54 -11.96 7.52
CA GLN D 63 -40.45 -12.19 8.64
C GLN D 63 -40.40 -11.03 9.63
N TYR D 64 -39.23 -10.41 9.78
CA TYR D 64 -39.13 -9.21 10.61
C TYR D 64 -39.97 -8.08 10.04
N ILE D 65 -39.88 -7.87 8.73
CA ILE D 65 -40.61 -6.77 8.10
C ILE D 65 -42.12 -7.02 8.16
N LEU D 66 -42.55 -8.27 7.97
CA LEU D 66 -43.97 -8.57 7.97
C LEU D 66 -44.59 -8.25 9.32
N ASN D 67 -43.93 -8.65 10.40
CA ASN D 67 -44.52 -8.50 11.73
C ASN D 67 -44.42 -7.06 12.22
N LYS D 68 -43.28 -6.40 12.00
CA LYS D 68 -43.10 -5.06 12.55
C LYS D 68 -43.90 -4.01 11.78
N TYR D 69 -44.05 -4.18 10.47
CA TYR D 69 -44.55 -3.10 9.63
C TYR D 69 -45.85 -3.39 8.91
N LEU D 70 -46.11 -4.63 8.50
CA LEU D 70 -47.21 -4.92 7.58
C LEU D 70 -48.43 -5.60 8.20
N LYS D 71 -48.30 -6.29 9.32
CA LYS D 71 -49.41 -7.09 9.81
C LYS D 71 -50.36 -6.27 10.69
N GLY D 72 -51.60 -6.77 10.79
CA GLY D 72 -52.58 -6.15 11.64
C GLY D 72 -53.20 -4.90 11.04
N LYS D 73 -53.73 -4.06 11.90
CA LYS D 73 -54.40 -2.83 11.48
C LYS D 73 -53.34 -1.76 11.32
N VAL D 74 -52.87 -1.57 10.07
CA VAL D 74 -51.83 -0.60 9.80
C VAL D 74 -52.38 0.69 9.20
N VAL D 75 -53.65 0.71 8.82
CA VAL D 75 -54.32 1.92 8.35
C VAL D 75 -55.28 2.38 9.44
N THR D 76 -55.21 3.65 9.80
CA THR D 76 -56.19 4.26 10.71
C THR D 76 -56.61 5.60 10.15
N LYS D 77 -57.77 6.08 10.63
CA LYS D 77 -58.27 7.39 10.23
C LYS D 77 -57.22 8.48 10.41
N GLU D 78 -56.45 8.40 11.49
CA GLU D 78 -55.49 9.44 11.80
C GLU D 78 -54.26 9.38 10.90
N LYS D 79 -53.84 8.18 10.51
CA LYS D 79 -52.68 8.07 9.62
C LYS D 79 -53.02 8.55 8.22
N ILE D 80 -54.24 8.29 7.75
CA ILE D 80 -54.67 8.82 6.47
C ILE D 80 -54.61 10.35 6.49
N GLN D 81 -55.15 10.95 7.54
CA GLN D 81 -55.11 12.40 7.67
C GLN D 81 -53.69 12.93 7.76
N GLU D 82 -52.84 12.28 8.56
CA GLU D 82 -51.45 12.70 8.70
C GLU D 82 -50.72 12.64 7.37
N ALA D 83 -50.94 11.56 6.60
CA ALA D 83 -50.29 11.44 5.30
C ALA D 83 -50.81 12.48 4.32
N LYS D 84 -52.12 12.71 4.31
CA LYS D 84 -52.69 13.68 3.37
C LYS D 84 -52.18 15.08 3.63
N ASP D 85 -51.99 15.44 4.91
CA ASP D 85 -51.45 16.76 5.23
C ASP D 85 -50.02 16.91 4.73
N VAL D 86 -49.20 15.86 4.88
CA VAL D 86 -47.82 15.95 4.43
C VAL D 86 -47.75 16.03 2.91
N TYR D 87 -48.43 15.12 2.21
CA TYR D 87 -48.29 15.07 0.76
C TYR D 87 -48.88 16.29 0.07
N LYS D 88 -49.78 17.03 0.73
CA LYS D 88 -50.31 18.26 0.15
C LYS D 88 -49.24 19.35 0.10
N GLU D 89 -48.38 19.41 1.11
CA GLU D 89 -47.27 20.37 1.09
C GLU D 89 -46.09 19.81 0.32
N HIS D 90 -45.85 18.50 0.43
CA HIS D 90 -44.69 17.88 -0.21
C HIS D 90 -44.74 18.00 -1.72
N PHE D 91 -45.92 17.79 -2.31
CA PHE D 91 -46.10 17.91 -3.74
C PHE D 91 -46.62 19.28 -4.17
N GLN D 92 -46.99 20.15 -3.23
CA GLN D 92 -47.63 21.43 -3.53
C GLN D 92 -48.94 21.21 -4.29
N ASP D 93 -49.56 20.06 -4.11
CA ASP D 93 -50.69 19.63 -4.92
C ASP D 93 -51.31 18.40 -4.30
N ASP D 94 -52.62 18.23 -4.51
CA ASP D 94 -53.37 17.12 -3.92
C ASP D 94 -53.32 15.95 -4.89
N VAL D 95 -52.37 15.05 -4.68
CA VAL D 95 -52.24 13.83 -5.46
C VAL D 95 -52.48 12.58 -4.64
N PHE D 96 -52.70 12.72 -3.33
CA PHE D 96 -52.81 11.58 -2.44
C PHE D 96 -54.10 10.80 -2.71
N ASN D 97 -53.97 9.47 -2.79
CA ASN D 97 -55.11 8.58 -3.07
C ASN D 97 -55.91 8.35 -1.79
N GLU D 98 -56.52 9.43 -1.30
CA GLU D 98 -57.24 9.36 -0.03
C GLU D 98 -58.40 8.36 -0.09
N LYS D 99 -59.08 8.29 -1.24
CA LYS D 99 -60.22 7.38 -1.35
C LYS D 99 -59.77 5.93 -1.38
N GLY D 100 -58.60 5.65 -1.97
CA GLY D 100 -58.08 4.29 -1.94
C GLY D 100 -57.75 3.81 -0.55
N TRP D 101 -57.15 4.68 0.28
CA TRP D 101 -56.78 4.27 1.62
C TRP D 101 -57.98 4.20 2.56
N ASN D 102 -59.00 5.04 2.36
CA ASN D 102 -60.22 4.90 3.15
C ASN D 102 -60.98 3.63 2.78
N TYR D 103 -60.85 3.17 1.53
CA TYR D 103 -61.46 1.90 1.15
C TYR D 103 -60.86 0.74 1.93
N ILE D 104 -59.55 0.78 2.17
CA ILE D 104 -58.91 -0.29 2.93
C ILE D 104 -59.30 -0.21 4.40
N LEU D 105 -59.45 1.01 4.91
CA LEU D 105 -59.84 1.19 6.31
C LEU D 105 -61.26 0.69 6.56
N GLU D 106 -62.17 0.94 5.62
CA GLU D 106 -63.57 0.59 5.87
C GLU D 106 -63.82 -0.89 5.63
N LYS D 107 -63.37 -1.42 4.50
CA LYS D 107 -63.75 -2.77 4.10
C LYS D 107 -62.90 -3.85 4.76
N TYR D 108 -61.67 -3.53 5.16
CA TYR D 108 -60.77 -4.54 5.72
C TYR D 108 -60.27 -4.16 7.11
N ASP D 109 -60.91 -3.20 7.77
CA ASP D 109 -60.52 -2.78 9.11
C ASP D 109 -59.05 -2.35 9.15
N GLY D 110 -58.55 -1.80 8.05
CA GLY D 110 -57.18 -1.34 8.01
C GLY D 110 -56.13 -2.42 7.83
N HIS D 111 -56.54 -3.63 7.46
CA HIS D 111 -55.61 -4.69 7.09
C HIS D 111 -55.32 -4.63 5.60
N LEU D 112 -54.09 -4.92 5.22
CA LEU D 112 -53.68 -4.78 3.83
C LEU D 112 -54.19 -5.96 3.01
N PRO D 113 -54.96 -5.73 1.94
CA PRO D 113 -55.40 -6.85 1.09
C PRO D 113 -54.29 -7.26 0.12
N ILE D 114 -53.33 -8.01 0.67
CA ILE D 114 -52.09 -8.36 -0.02
C ILE D 114 -51.78 -9.82 0.30
N GLU D 115 -51.27 -10.55 -0.69
CA GLU D 115 -50.74 -11.89 -0.47
C GLU D 115 -49.26 -11.90 -0.83
N ILE D 116 -48.44 -12.45 0.06
CA ILE D 116 -47.01 -12.56 -0.15
C ILE D 116 -46.62 -14.02 -0.01
N LYS D 117 -45.98 -14.57 -1.04
CA LYS D 117 -45.39 -15.91 -1.00
C LYS D 117 -43.87 -15.81 -1.04
N ALA D 118 -43.20 -16.65 -0.25
CA ALA D 118 -41.74 -16.55 -0.11
C ALA D 118 -41.11 -17.91 0.12
N VAL D 119 -39.85 -18.04 -0.31
CA VAL D 119 -39.02 -19.18 0.04
C VAL D 119 -38.83 -19.20 1.55
N PRO D 120 -38.70 -20.38 2.17
CA PRO D 120 -38.46 -20.43 3.62
C PRO D 120 -37.20 -19.65 3.98
N GLU D 121 -37.23 -18.98 5.12
CA GLU D 121 -36.10 -18.18 5.54
C GLU D 121 -34.93 -19.08 5.90
N GLY D 122 -33.73 -18.61 5.58
CA GLY D 122 -32.52 -19.39 5.73
C GLY D 122 -32.14 -20.22 4.52
N PHE D 123 -33.06 -20.43 3.58
CA PHE D 123 -32.73 -21.17 2.36
C PHE D 123 -31.65 -20.45 1.57
N VAL D 124 -30.74 -21.23 0.99
CA VAL D 124 -29.66 -20.72 0.18
C VAL D 124 -30.00 -20.98 -1.28
N ILE D 125 -30.14 -19.89 -2.06
CA ILE D 125 -30.69 -19.94 -3.40
C ILE D 125 -29.68 -19.30 -4.36
N PRO D 126 -29.39 -19.92 -5.51
CA PRO D 126 -28.53 -19.26 -6.50
C PRO D 126 -29.14 -17.97 -7.00
N ARG D 127 -28.28 -17.05 -7.44
CA ARG D 127 -28.72 -15.76 -7.95
C ARG D 127 -29.70 -15.92 -9.11
N GLY D 128 -30.57 -14.93 -9.27
CA GLY D 128 -31.49 -14.91 -10.39
C GLY D 128 -32.74 -15.76 -10.22
N ASN D 129 -33.08 -16.11 -8.99
CA ASN D 129 -34.30 -16.85 -8.72
C ASN D 129 -35.28 -15.98 -7.94
N VAL D 130 -36.57 -16.21 -8.17
CA VAL D 130 -37.60 -15.50 -7.43
C VAL D 130 -37.51 -15.90 -5.96
N LEU D 131 -37.49 -14.91 -5.08
CA LEU D 131 -37.41 -15.15 -3.64
C LEU D 131 -38.72 -14.88 -2.93
N PHE D 132 -39.46 -13.85 -3.35
CA PHE D 132 -40.83 -13.70 -2.89
C PHE D 132 -41.61 -12.89 -3.91
N THR D 133 -42.94 -13.03 -3.84
CA THR D 133 -43.87 -12.40 -4.76
C THR D 133 -44.95 -11.68 -3.96
N VAL D 134 -45.49 -10.61 -4.54
CA VAL D 134 -46.51 -9.77 -3.91
C VAL D 134 -47.63 -9.51 -4.91
N GLU D 135 -48.88 -9.59 -4.44
CA GLU D 135 -50.02 -9.25 -5.28
C GLU D 135 -51.20 -8.87 -4.42
N ASN D 136 -52.07 -8.02 -4.96
CA ASN D 136 -53.26 -7.58 -4.24
C ASN D 136 -54.35 -8.62 -4.33
N THR D 137 -55.11 -8.75 -3.25
CA THR D 137 -56.22 -9.69 -3.19
C THR D 137 -57.57 -9.03 -3.46
N ASP D 138 -57.58 -7.70 -3.60
CA ASP D 138 -58.78 -6.96 -3.92
C ASP D 138 -58.48 -6.12 -5.15
N PRO D 139 -59.31 -6.21 -6.20
CA PRO D 139 -59.01 -5.46 -7.44
C PRO D 139 -59.00 -3.94 -7.25
N GLU D 140 -59.70 -3.42 -6.25
CA GLU D 140 -59.63 -1.98 -5.97
C GLU D 140 -58.24 -1.55 -5.51
N CYS D 141 -57.43 -2.49 -5.01
CA CYS D 141 -56.14 -2.17 -4.41
C CYS D 141 -54.98 -2.59 -5.29
N TYR D 142 -55.17 -2.52 -6.62
CA TYR D 142 -54.09 -2.80 -7.57
C TYR D 142 -52.85 -1.97 -7.27
N TRP D 143 -53.05 -0.72 -6.82
CA TRP D 143 -51.97 0.22 -6.57
C TRP D 143 -51.15 -0.15 -5.34
N LEU D 144 -51.64 -1.04 -4.50
CA LEU D 144 -50.99 -1.32 -3.22
C LEU D 144 -49.78 -2.24 -3.37
N THR D 145 -49.72 -3.05 -4.42
CA THR D 145 -48.63 -4.00 -4.55
C THR D 145 -47.29 -3.29 -4.61
N ASN D 146 -47.17 -2.27 -5.47
CA ASN D 146 -45.91 -1.57 -5.61
C ASN D 146 -45.79 -0.38 -4.67
N TRP D 147 -46.86 -0.03 -3.94
CA TRP D 147 -46.71 0.95 -2.87
C TRP D 147 -45.74 0.43 -1.81
N ILE D 148 -45.83 -0.85 -1.48
CA ILE D 148 -45.04 -1.40 -0.38
C ILE D 148 -43.74 -2.00 -0.91
N GLU D 149 -43.39 -1.67 -2.16
CA GLU D 149 -42.08 -2.07 -2.67
C GLU D 149 -40.96 -1.54 -1.77
N THR D 150 -41.05 -0.26 -1.40
CA THR D 150 -39.94 0.37 -0.68
C THR D 150 -39.66 -0.35 0.63
N ILE D 151 -40.71 -0.65 1.39
CA ILE D 151 -40.51 -1.32 2.67
C ILE D 151 -40.01 -2.74 2.47
N LEU D 152 -40.53 -3.44 1.44
CA LEU D 152 -40.18 -4.84 1.24
C LEU D 152 -38.78 -5.01 0.66
N VAL D 153 -38.35 -4.08 -0.21
CA VAL D 153 -37.04 -4.25 -0.84
C VAL D 153 -35.90 -3.94 0.12
N GLN D 154 -36.19 -3.28 1.25
CA GLN D 154 -35.19 -3.16 2.31
C GLN D 154 -34.81 -4.51 2.92
N SER D 155 -35.50 -5.58 2.55
CA SER D 155 -35.01 -6.91 2.92
C SER D 155 -33.67 -7.22 2.26
N TRP D 156 -33.21 -6.40 1.30
CA TRP D 156 -31.88 -6.58 0.75
C TRP D 156 -30.82 -6.57 1.84
N TYR D 157 -31.01 -5.76 2.88
CA TYR D 157 -29.96 -5.61 3.89
C TYR D 157 -29.76 -6.91 4.68
N PRO D 158 -30.77 -7.45 5.38
CA PRO D 158 -30.52 -8.72 6.09
C PRO D 158 -30.13 -9.85 5.16
N ILE D 159 -30.62 -9.85 3.93
CA ILE D 159 -30.18 -10.86 2.96
C ILE D 159 -28.69 -10.72 2.69
N THR D 160 -28.23 -9.47 2.50
CA THR D 160 -26.85 -9.24 2.11
C THR D 160 -25.89 -9.45 3.28
N VAL D 161 -26.26 -8.99 4.48
CA VAL D 161 -25.42 -9.26 5.64
C VAL D 161 -25.27 -10.75 5.87
N ALA D 162 -26.39 -11.49 5.79
CA ALA D 162 -26.36 -12.93 6.01
C ALA D 162 -25.56 -13.65 4.93
N THR D 163 -25.71 -13.24 3.68
CA THR D 163 -24.95 -13.85 2.61
C THR D 163 -23.46 -13.54 2.74
N ASN D 164 -23.12 -12.28 3.02
CA ASN D 164 -21.73 -11.89 3.14
C ASN D 164 -21.06 -12.56 4.32
N SER D 165 -21.75 -12.59 5.47
CA SER D 165 -21.22 -13.28 6.64
C SER D 165 -21.02 -14.76 6.37
N ARG D 166 -21.90 -15.38 5.58
CA ARG D 166 -21.78 -16.79 5.27
C ARG D 166 -20.62 -17.05 4.32
N GLU D 167 -20.41 -16.14 3.35
CA GLU D 167 -19.24 -16.27 2.48
C GLU D 167 -17.94 -16.16 3.27
N GLN D 168 -17.92 -15.33 4.31
CA GLN D 168 -16.76 -15.28 5.19
C GLN D 168 -16.64 -16.55 6.03
N LYS D 169 -17.77 -17.18 6.35
CA LYS D 169 -17.72 -18.46 7.03
C LYS D 169 -17.12 -19.54 6.14
N LYS D 170 -17.35 -19.47 4.82
CA LYS D 170 -16.74 -20.42 3.90
C LYS D 170 -15.22 -20.26 3.87
N ILE D 171 -14.74 -19.01 3.85
CA ILE D 171 -13.29 -18.77 3.81
C ILE D 171 -12.64 -19.28 5.09
N LEU D 172 -13.23 -18.95 6.23
CA LEU D 172 -12.71 -19.42 7.51
C LEU D 172 -12.73 -20.94 7.58
N ALA D 173 -13.82 -21.56 7.13
CA ALA D 173 -13.93 -23.01 7.22
C ALA D 173 -12.88 -23.68 6.36
N LYS D 174 -12.60 -23.12 5.17
CA LYS D 174 -11.62 -23.70 4.27
C LYS D 174 -10.22 -23.66 4.86
N TYR D 175 -9.80 -22.50 5.37
CA TYR D 175 -8.43 -22.36 5.89
C TYR D 175 -8.27 -23.03 7.25
N LEU D 176 -9.31 -23.02 8.08
CA LEU D 176 -9.28 -23.79 9.31
C LEU D 176 -9.09 -25.27 9.01
N LEU D 177 -9.70 -25.75 7.92
CA LEU D 177 -9.61 -27.16 7.56
C LEU D 177 -8.23 -27.49 7.02
N GLU D 178 -7.67 -26.62 6.19
CA GLU D 178 -6.37 -26.90 5.58
C GLU D 178 -5.22 -26.81 6.59
N THR D 179 -5.34 -25.95 7.60
CA THR D 179 -4.24 -25.74 8.52
C THR D 179 -4.41 -26.47 9.85
N SER D 180 -5.55 -27.13 10.06
CA SER D 180 -5.76 -27.83 11.33
C SER D 180 -6.58 -29.11 11.17
N GLY D 181 -7.35 -29.21 10.09
CA GLY D 181 -8.13 -30.40 9.84
C GLY D 181 -9.41 -30.54 10.64
N ASN D 182 -9.73 -29.56 11.49
CA ASN D 182 -10.96 -29.54 12.26
C ASN D 182 -11.70 -28.23 11.98
N LEU D 183 -12.88 -28.09 12.61
CA LEU D 183 -13.67 -26.87 12.51
C LEU D 183 -14.16 -26.39 13.87
N ASP D 184 -13.46 -26.77 14.95
CA ASP D 184 -13.87 -26.37 16.28
C ASP D 184 -13.92 -24.85 16.40
N GLY D 185 -15.01 -24.34 16.96
CA GLY D 185 -15.13 -22.91 17.18
C GLY D 185 -15.25 -22.10 15.91
N LEU D 186 -15.62 -22.72 14.79
CA LEU D 186 -15.86 -21.95 13.57
C LEU D 186 -16.91 -20.88 13.79
N GLU D 187 -17.96 -21.20 14.54
CA GLU D 187 -19.06 -20.27 14.76
C GLU D 187 -18.69 -19.14 15.72
N TYR D 188 -17.45 -19.12 16.23
CA TYR D 188 -16.97 -18.03 17.07
C TYR D 188 -15.79 -17.29 16.45
N LYS D 189 -15.44 -17.59 15.20
CA LYS D 189 -14.25 -17.04 14.56
C LYS D 189 -14.47 -15.69 13.91
N LEU D 190 -15.71 -15.26 13.71
CA LEU D 190 -16.02 -13.94 13.13
C LEU D 190 -17.01 -13.25 14.07
N HIS D 191 -16.51 -12.29 14.84
CA HIS D 191 -17.27 -11.66 15.91
C HIS D 191 -17.76 -10.29 15.45
N ASP D 192 -19.06 -10.04 15.66
CA ASP D 192 -19.68 -8.78 15.25
C ASP D 192 -19.31 -7.68 16.24
N PHE D 193 -18.63 -6.64 15.75
CA PHE D 193 -18.35 -5.43 16.51
C PHE D 193 -18.94 -4.20 15.82
N GLY D 194 -20.02 -4.38 15.07
CA GLY D 194 -20.52 -3.34 14.21
C GLY D 194 -21.41 -2.28 14.82
N TYR D 195 -21.68 -2.34 16.13
CA TYR D 195 -22.74 -1.53 16.71
C TYR D 195 -22.49 -0.04 16.48
N ARG D 196 -21.29 0.44 16.80
CA ARG D 196 -20.99 1.85 16.59
C ARG D 196 -20.88 2.21 15.12
N GLY D 197 -20.55 1.25 14.25
CA GLY D 197 -20.26 1.52 12.86
C GLY D 197 -21.41 1.40 11.89
N VAL D 198 -22.64 1.16 12.36
CA VAL D 198 -23.81 1.15 11.49
C VAL D 198 -24.50 2.51 11.57
N SER D 199 -25.58 2.67 10.80
CA SER D 199 -26.18 3.99 10.59
C SER D 199 -27.33 4.30 11.53
N SER D 200 -27.84 3.31 12.27
CA SER D 200 -28.96 3.55 13.18
C SER D 200 -29.10 2.39 14.15
N GLN D 201 -29.86 2.64 15.22
CA GLN D 201 -30.17 1.57 16.17
C GLN D 201 -30.93 0.43 15.50
N GLU D 202 -31.90 0.74 14.65
CA GLU D 202 -32.66 -0.33 14.01
C GLU D 202 -31.78 -1.15 13.08
N THR D 203 -30.90 -0.48 12.33
CA THR D 203 -29.96 -1.21 11.47
C THR D 203 -29.10 -2.17 12.28
N ALA D 204 -28.62 -1.71 13.46
CA ALA D 204 -27.77 -2.58 14.28
C ALA D 204 -28.48 -3.87 14.63
N GLY D 205 -29.76 -3.80 15.02
CA GLY D 205 -30.49 -5.00 15.36
C GLY D 205 -30.65 -5.93 14.16
N ILE D 206 -31.09 -5.37 13.04
CA ILE D 206 -31.31 -6.17 11.83
C ILE D 206 -30.01 -6.84 11.38
N GLY D 207 -28.95 -6.05 11.24
CA GLY D 207 -27.69 -6.60 10.78
C GLY D 207 -27.10 -7.63 11.72
N ALA D 208 -27.09 -7.33 13.02
CA ALA D 208 -26.55 -8.27 13.99
C ALA D 208 -27.31 -9.59 13.97
N SER D 209 -28.64 -9.52 13.85
CA SER D 209 -29.41 -10.76 13.77
C SER D 209 -29.08 -11.53 12.49
N ALA D 210 -28.78 -10.82 11.40
CA ALA D 210 -28.44 -11.51 10.15
C ALA D 210 -27.08 -12.20 10.25
N HIS D 211 -26.12 -11.59 10.96
CA HIS D 211 -24.84 -12.25 11.20
C HIS D 211 -25.01 -13.52 12.03
N LEU D 212 -25.96 -13.50 12.97
CA LEU D 212 -26.16 -14.63 13.88
C LEU D 212 -26.79 -15.84 13.19
N VAL D 213 -27.23 -15.69 11.93
CA VAL D 213 -27.63 -16.83 11.13
C VAL D 213 -26.45 -17.78 10.93
N ASN D 214 -25.23 -17.24 10.88
CA ASN D 214 -24.05 -18.05 10.58
C ASN D 214 -23.09 -18.21 11.75
N PHE D 215 -23.07 -17.27 12.70
CA PHE D 215 -22.12 -17.28 13.79
C PHE D 215 -22.85 -17.10 15.12
N LYS D 216 -22.10 -17.20 16.22
CA LYS D 216 -22.67 -17.01 17.54
C LYS D 216 -22.01 -15.89 18.35
N GLY D 217 -20.96 -15.25 17.83
CA GLY D 217 -20.27 -14.22 18.55
C GLY D 217 -20.71 -12.85 18.09
N THR D 218 -21.29 -12.08 19.02
CA THR D 218 -21.73 -10.73 18.72
C THR D 218 -21.55 -9.86 19.96
N ASP D 219 -21.22 -8.59 19.71
CA ASP D 219 -21.26 -7.54 20.72
C ASP D 219 -22.36 -6.53 20.45
N THR D 220 -23.13 -6.73 19.37
CA THR D 220 -24.25 -5.84 19.04
C THR D 220 -25.51 -6.45 19.63
N VAL D 221 -25.71 -6.19 20.93
CA VAL D 221 -26.72 -6.93 21.68
C VAL D 221 -28.13 -6.63 21.19
N ALA D 222 -28.32 -5.52 20.45
CA ALA D 222 -29.62 -5.22 19.86
C ALA D 222 -30.13 -6.35 18.98
N GLY D 223 -29.21 -7.11 18.36
CA GLY D 223 -29.64 -8.24 17.57
C GLY D 223 -30.30 -9.34 18.37
N LEU D 224 -29.97 -9.44 19.66
CA LEU D 224 -30.56 -10.47 20.51
C LEU D 224 -32.04 -10.20 20.72
N ALA D 225 -32.39 -8.96 21.05
CA ALA D 225 -33.79 -8.62 21.29
C ALA D 225 -34.63 -8.86 20.04
N LEU D 226 -34.06 -8.59 18.86
CA LEU D 226 -34.82 -8.75 17.63
C LEU D 226 -35.12 -10.21 17.37
N ILE D 227 -34.14 -11.10 17.61
CA ILE D 227 -34.36 -12.51 17.37
C ILE D 227 -35.40 -13.08 18.33
N LYS D 228 -35.32 -12.70 19.60
CA LYS D 228 -36.29 -13.18 20.57
C LYS D 228 -37.70 -12.68 20.23
N LYS D 229 -37.83 -11.43 19.77
CA LYS D 229 -39.16 -10.87 19.54
C LYS D 229 -39.81 -11.42 18.27
N TYR D 230 -39.03 -11.61 17.20
CA TYR D 230 -39.62 -11.89 15.90
C TYR D 230 -39.38 -13.30 15.39
N TYR D 231 -38.34 -13.99 15.85
CA TYR D 231 -38.01 -15.31 15.35
C TYR D 231 -38.06 -16.38 16.43
N GLY D 232 -37.33 -16.20 17.53
CA GLY D 232 -37.36 -17.15 18.62
C GLY D 232 -36.32 -18.24 18.49
N THR D 233 -35.69 -18.60 19.62
CA THR D 233 -34.68 -19.65 19.63
C THR D 233 -34.91 -20.54 20.85
N LYS D 234 -34.51 -21.82 20.71
CA LYS D 234 -34.59 -22.74 21.83
C LYS D 234 -33.65 -22.33 22.96
N ASP D 235 -32.41 -21.97 22.62
CA ASP D 235 -31.45 -21.52 23.61
C ASP D 235 -31.92 -20.21 24.25
N PRO D 236 -31.40 -19.87 25.44
CA PRO D 236 -31.82 -18.60 26.07
C PRO D 236 -31.45 -17.37 25.27
N VAL D 237 -30.25 -17.35 24.69
CA VAL D 237 -29.84 -16.25 23.81
C VAL D 237 -29.15 -16.80 22.58
N PRO D 238 -29.29 -16.11 21.44
CA PRO D 238 -28.67 -16.59 20.20
C PRO D 238 -27.20 -16.25 20.05
N GLY D 239 -26.67 -15.31 20.82
CA GLY D 239 -25.29 -14.86 20.63
C GLY D 239 -24.61 -14.58 21.94
N TYR D 240 -23.28 -14.69 21.93
CA TYR D 240 -22.47 -14.63 23.14
C TYR D 240 -21.28 -13.70 22.94
N SER D 241 -20.73 -13.24 24.06
CA SER D 241 -19.53 -12.41 24.06
C SER D 241 -18.72 -12.70 25.32
N VAL D 242 -17.58 -12.04 25.43
CA VAL D 242 -16.66 -12.25 26.56
C VAL D 242 -16.26 -10.88 27.09
N PRO D 243 -15.81 -10.81 28.35
CA PRO D 243 -15.30 -9.54 28.86
C PRO D 243 -14.08 -9.10 28.05
N ALA D 244 -13.97 -7.78 27.84
CA ALA D 244 -12.89 -7.24 27.02
C ALA D 244 -12.65 -5.79 27.41
N ALA D 245 -11.40 -5.37 27.26
CA ALA D 245 -11.04 -3.99 27.53
C ALA D 245 -11.18 -3.15 26.26
N GLU D 246 -11.22 -1.83 26.46
CA GLU D 246 -11.07 -0.87 25.37
C GLU D 246 -9.94 0.07 25.71
N HIS D 247 -9.60 0.95 24.78
CA HIS D 247 -8.44 1.82 25.02
C HIS D 247 -8.66 2.71 26.24
N SER D 248 -9.90 3.12 26.49
CA SER D 248 -10.15 4.04 27.59
C SER D 248 -9.90 3.40 28.95
N THR D 249 -10.25 2.12 29.10
CA THR D 249 -9.98 1.46 30.38
C THR D 249 -8.51 1.13 30.54
N ILE D 250 -7.75 1.11 29.45
CA ILE D 250 -6.29 0.98 29.55
C ILE D 250 -5.64 2.34 29.76
N THR D 251 -5.95 3.31 28.88
CA THR D 251 -5.28 4.60 28.94
C THR D 251 -5.61 5.38 30.20
N ALA D 252 -6.75 5.11 30.85
CA ALA D 252 -7.13 5.84 32.05
C ALA D 252 -6.13 5.63 33.19
N TRP D 253 -5.34 4.56 33.15
CA TRP D 253 -4.32 4.33 34.17
C TRP D 253 -3.10 5.23 34.02
N GLY D 254 -2.93 5.89 32.89
CA GLY D 254 -1.69 6.61 32.62
C GLY D 254 -0.70 5.75 31.87
N LYS D 255 0.15 6.41 31.07
CA LYS D 255 1.00 5.65 30.14
C LYS D 255 2.06 4.84 30.88
N ASP D 256 2.47 5.27 32.06
CA ASP D 256 3.48 4.52 32.81
C ASP D 256 2.90 3.27 33.50
N HIS D 257 1.59 3.04 33.39
CA HIS D 257 0.93 2.00 34.17
C HIS D 257 0.10 1.06 33.30
N GLU D 258 0.59 0.77 32.09
CA GLU D 258 -0.14 -0.16 31.23
C GLU D 258 -0.13 -1.56 31.82
N LYS D 259 0.98 -1.95 32.45
CA LYS D 259 1.04 -3.26 33.11
C LYS D 259 0.03 -3.36 34.24
N ASP D 260 -0.11 -2.29 35.04
CA ASP D 260 -1.07 -2.30 36.13
C ASP D 260 -2.50 -2.47 35.61
N ALA D 261 -2.82 -1.79 34.51
CA ALA D 261 -4.13 -1.95 33.89
C ALA D 261 -4.36 -3.39 33.43
N PHE D 262 -3.38 -3.95 32.70
CA PHE D 262 -3.48 -5.35 32.28
C PHE D 262 -3.67 -6.27 33.48
N GLU D 263 -2.90 -6.06 34.54
CA GLU D 263 -2.95 -6.93 35.70
C GLU D 263 -4.29 -6.82 36.41
N HIS D 264 -4.75 -5.57 36.63
CA HIS D 264 -6.03 -5.34 37.30
C HIS D 264 -7.17 -6.01 36.56
N ILE D 265 -7.15 -5.95 35.23
CA ILE D 265 -8.24 -6.50 34.44
C ILE D 265 -8.17 -8.02 34.38
N VAL D 266 -6.99 -8.59 34.16
CA VAL D 266 -6.89 -10.03 33.95
C VAL D 266 -7.22 -10.80 35.22
N THR D 267 -6.78 -10.30 36.38
CA THR D 267 -7.04 -11.00 37.63
C THR D 267 -8.51 -10.98 38.02
N GLN D 268 -9.31 -10.11 37.42
CA GLN D 268 -10.75 -10.10 37.67
C GLN D 268 -11.53 -11.07 36.78
N PHE D 269 -10.90 -11.66 35.76
CA PHE D 269 -11.59 -12.54 34.81
C PHE D 269 -10.75 -13.80 34.60
N SER D 270 -10.66 -14.63 35.64
CA SER D 270 -9.83 -15.82 35.60
C SER D 270 -10.56 -17.04 35.05
N SER D 271 -11.88 -17.11 35.18
CA SER D 271 -12.65 -18.28 34.78
C SER D 271 -13.43 -18.08 33.48
N VAL D 272 -13.38 -16.89 32.89
CA VAL D 272 -14.02 -16.64 31.60
C VAL D 272 -12.92 -16.19 30.64
N PRO D 273 -13.13 -16.34 29.33
CA PRO D 273 -12.19 -15.75 28.37
C PRO D 273 -12.16 -14.25 28.54
N VAL D 274 -10.98 -13.66 28.39
CA VAL D 274 -10.84 -12.22 28.49
C VAL D 274 -10.00 -11.73 27.31
N SER D 275 -10.36 -10.57 26.79
CA SER D 275 -9.68 -9.97 25.66
C SER D 275 -9.18 -8.59 26.06
N VAL D 276 -7.93 -8.28 25.73
CA VAL D 276 -7.31 -7.04 26.17
C VAL D 276 -6.64 -6.39 24.97
N VAL D 277 -7.14 -5.22 24.58
CA VAL D 277 -6.50 -4.47 23.50
C VAL D 277 -5.13 -4.02 23.97
N SER D 278 -4.10 -4.33 23.18
CA SER D 278 -2.74 -4.19 23.67
C SER D 278 -1.92 -3.15 22.90
N ASP D 279 -2.55 -2.35 22.05
CA ASP D 279 -1.84 -1.42 21.18
C ASP D 279 -2.03 0.05 21.57
N SER D 280 -2.35 0.32 22.85
CA SER D 280 -2.55 1.72 23.26
C SER D 280 -1.30 2.55 23.02
N TYR D 281 -0.12 1.97 23.26
CA TYR D 281 1.13 2.70 23.09
C TYR D 281 2.15 1.96 22.25
N ASP D 282 2.31 0.65 22.45
CA ASP D 282 3.31 -0.12 21.71
C ASP D 282 2.90 -1.60 21.78
N ILE D 283 2.25 -2.08 20.72
CA ILE D 283 1.77 -3.46 20.71
C ILE D 283 2.93 -4.43 20.87
N TYR D 284 4.08 -4.10 20.29
CA TYR D 284 5.21 -5.03 20.32
C TYR D 284 5.82 -5.12 21.71
N ASN D 285 5.99 -3.98 22.38
CA ASN D 285 6.45 -3.99 23.76
C ASN D 285 5.45 -4.71 24.66
N ALA D 286 4.15 -4.48 24.46
CA ALA D 286 3.15 -5.15 25.30
C ALA D 286 3.24 -6.66 25.18
N CYS D 287 3.44 -7.17 23.96
CA CYS D 287 3.48 -8.62 23.79
C CYS D 287 4.81 -9.19 24.29
N GLU D 288 5.92 -8.52 23.98
CA GLU D 288 7.22 -9.08 24.31
C GLU D 288 7.55 -8.88 25.79
N LYS D 289 7.31 -7.69 26.32
CA LYS D 289 7.73 -7.39 27.68
C LYS D 289 6.60 -7.63 28.69
N ILE D 290 5.40 -7.09 28.44
CA ILE D 290 4.36 -7.16 29.45
C ILE D 290 3.73 -8.54 29.48
N TRP D 291 3.06 -8.94 28.40
CA TRP D 291 2.49 -10.29 28.37
C TRP D 291 3.58 -11.36 28.38
N GLY D 292 4.68 -11.11 27.67
CA GLY D 292 5.70 -12.14 27.51
C GLY D 292 6.60 -12.34 28.71
N GLU D 293 6.69 -11.35 29.60
CA GLU D 293 7.59 -11.47 30.74
C GLU D 293 6.91 -11.06 32.04
N ASP D 294 6.50 -9.79 32.15
CA ASP D 294 6.04 -9.27 33.44
C ASP D 294 4.78 -9.96 33.93
N LEU D 295 3.82 -10.23 33.03
CA LEU D 295 2.56 -10.84 33.40
C LEU D 295 2.39 -12.24 32.81
N ARG D 296 3.50 -12.86 32.41
CA ARG D 296 3.43 -14.20 31.83
C ARG D 296 2.79 -15.20 32.77
N HIS D 297 3.00 -15.03 34.08
CA HIS D 297 2.44 -15.96 35.06
C HIS D 297 0.92 -15.97 35.04
N LEU D 298 0.28 -14.84 34.72
CA LEU D 298 -1.18 -14.80 34.64
C LEU D 298 -1.72 -15.48 33.39
N ILE D 299 -0.87 -15.79 32.42
CA ILE D 299 -1.31 -16.35 31.14
C ILE D 299 -1.17 -17.87 31.13
N VAL D 300 -0.02 -18.39 31.58
CA VAL D 300 0.23 -19.83 31.48
C VAL D 300 -0.62 -20.61 32.48
N SER D 301 -1.20 -19.95 33.47
CA SER D 301 -2.07 -20.61 34.43
C SER D 301 -3.50 -20.77 33.94
N ARG D 302 -3.86 -20.14 32.83
CA ARG D 302 -5.26 -20.10 32.44
C ARG D 302 -5.68 -21.40 31.79
N SER D 303 -6.98 -21.66 31.87
CA SER D 303 -7.60 -22.92 31.45
C SER D 303 -7.32 -23.29 30.00
N THR D 304 -8.37 -23.25 29.19
CA THR D 304 -8.38 -23.64 27.80
C THR D 304 -9.74 -23.18 27.28
N GLN D 305 -10.72 -23.25 28.18
CA GLN D 305 -12.00 -22.58 28.01
C GLN D 305 -11.97 -21.12 28.42
N ALA D 306 -10.85 -20.64 28.99
CA ALA D 306 -10.75 -19.26 29.45
C ALA D 306 -9.39 -18.66 29.10
N PRO D 307 -9.06 -18.58 27.82
CA PRO D 307 -7.75 -18.05 27.43
C PRO D 307 -7.70 -16.52 27.50
N LEU D 308 -6.47 -16.00 27.46
CA LEU D 308 -6.26 -14.60 27.21
C LEU D 308 -6.25 -14.37 25.70
N ILE D 309 -7.00 -13.39 25.25
CA ILE D 309 -7.13 -13.06 23.83
C ILE D 309 -6.53 -11.67 23.63
N ILE D 310 -5.33 -11.61 23.06
CA ILE D 310 -4.66 -10.34 22.81
C ILE D 310 -5.27 -9.70 21.56
N ARG D 311 -5.65 -8.44 21.67
CA ARG D 311 -6.26 -7.74 20.54
C ARG D 311 -5.32 -6.65 20.02
N PRO D 312 -4.66 -6.87 18.89
CA PRO D 312 -4.06 -5.74 18.17
C PRO D 312 -5.15 -4.95 17.46
N ASP D 313 -4.89 -3.65 17.27
CA ASP D 313 -5.93 -2.79 16.72
C ASP D 313 -5.39 -1.69 15.81
N SER D 314 -4.21 -1.85 15.22
CA SER D 314 -3.63 -0.79 14.39
C SER D 314 -2.50 -1.35 13.54
N GLY D 315 -2.16 -0.60 12.49
CA GLY D 315 -1.17 -1.04 11.53
C GLY D 315 -1.75 -1.97 10.49
N ASN D 316 -0.89 -2.41 9.58
CA ASN D 316 -1.30 -3.34 8.54
C ASN D 316 -1.85 -4.62 9.17
N PRO D 317 -3.09 -5.01 8.87
CA PRO D 317 -3.69 -6.15 9.59
C PRO D 317 -2.88 -7.43 9.52
N LEU D 318 -2.47 -7.85 8.32
CA LEU D 318 -1.70 -9.08 8.20
C LEU D 318 -0.32 -8.92 8.84
N ASP D 319 0.41 -7.86 8.49
CA ASP D 319 1.77 -7.71 8.96
C ASP D 319 1.83 -7.61 10.48
N THR D 320 0.86 -6.93 11.08
CA THR D 320 0.81 -6.85 12.53
C THR D 320 0.53 -8.21 13.15
N VAL D 321 -0.41 -8.97 12.58
CA VAL D 321 -0.75 -10.28 13.12
C VAL D 321 0.46 -11.21 13.10
N LEU D 322 1.21 -11.20 12.00
CA LEU D 322 2.39 -12.05 11.91
C LEU D 322 3.47 -11.62 12.90
N LYS D 323 3.62 -10.32 13.14
CA LYS D 323 4.63 -9.87 14.10
C LYS D 323 4.25 -10.22 15.53
N VAL D 324 2.97 -10.06 15.88
CA VAL D 324 2.51 -10.45 17.20
C VAL D 324 2.69 -11.95 17.42
N LEU D 325 2.29 -12.75 16.43
CA LEU D 325 2.45 -14.21 16.54
C LEU D 325 3.92 -14.59 16.71
N GLU D 326 4.82 -13.98 15.92
CA GLU D 326 6.24 -14.26 16.06
C GLU D 326 6.74 -13.92 17.45
N ILE D 327 6.38 -12.74 17.96
CA ILE D 327 6.79 -12.36 19.31
C ILE D 327 6.26 -13.36 20.33
N LEU D 328 4.96 -13.68 20.27
CA LEU D 328 4.39 -14.63 21.22
C LEU D 328 5.01 -16.01 21.08
N GLY D 329 5.37 -16.41 19.85
CA GLY D 329 5.99 -17.71 19.66
C GLY D 329 7.33 -17.86 20.35
N LYS D 330 8.03 -16.75 20.58
CA LYS D 330 9.31 -16.78 21.26
C LYS D 330 9.18 -16.74 22.78
N LYS D 331 7.98 -16.49 23.31
CA LYS D 331 7.78 -16.39 24.75
C LYS D 331 6.91 -17.50 25.32
N PHE D 332 6.25 -18.29 24.48
CA PHE D 332 5.34 -19.34 24.90
C PHE D 332 5.58 -20.57 24.05
N PRO D 333 5.29 -21.77 24.56
CA PRO D 333 5.56 -23.00 23.80
C PRO D 333 4.65 -23.17 22.59
N VAL D 334 5.21 -23.08 21.40
CA VAL D 334 4.47 -23.31 20.15
C VAL D 334 4.69 -24.75 19.72
N THR D 335 3.60 -25.49 19.58
CA THR D 335 3.66 -26.86 19.04
C THR D 335 3.31 -26.84 17.55
N GLU D 336 3.49 -27.99 16.91
CA GLU D 336 3.21 -28.16 15.49
C GLU D 336 2.11 -29.19 15.36
N ASN D 337 1.00 -28.80 14.73
CA ASN D 337 -0.22 -29.59 14.82
C ASN D 337 -0.21 -30.71 13.78
N SER D 338 -1.37 -31.37 13.65
CA SER D 338 -1.48 -32.56 12.81
C SER D 338 -1.10 -32.26 11.37
N LYS D 339 -1.46 -31.08 10.86
CA LYS D 339 -1.20 -30.71 9.47
C LYS D 339 0.15 -30.04 9.26
N GLY D 340 0.92 -29.82 10.32
CA GLY D 340 2.22 -29.20 10.20
C GLY D 340 2.24 -27.70 10.38
N TYR D 341 1.23 -27.13 11.03
CA TYR D 341 1.13 -25.69 11.23
C TYR D 341 1.33 -25.35 12.70
N LYS D 342 1.85 -24.14 12.94
CA LYS D 342 2.20 -23.73 14.30
C LYS D 342 0.94 -23.37 15.09
N LEU D 343 0.97 -23.69 16.39
CA LEU D 343 -0.20 -23.55 17.24
C LEU D 343 0.23 -23.04 18.61
N LEU D 344 -0.34 -21.91 19.02
CA LEU D 344 -0.06 -21.37 20.34
C LEU D 344 -0.62 -22.32 21.41
N PRO D 345 -0.13 -22.20 22.65
CA PRO D 345 -0.74 -22.96 23.73
C PRO D 345 -2.20 -22.59 23.89
N PRO D 346 -3.04 -23.51 24.37
CA PRO D 346 -4.49 -23.27 24.36
C PRO D 346 -4.96 -22.11 25.22
N TYR D 347 -4.12 -21.60 26.12
CA TYR D 347 -4.51 -20.51 27.00
C TYR D 347 -4.24 -19.14 26.40
N LEU D 348 -3.79 -19.07 25.14
CA LEU D 348 -3.40 -17.80 24.53
C LEU D 348 -3.89 -17.74 23.10
N ARG D 349 -4.64 -16.70 22.77
CA ARG D 349 -5.21 -16.53 21.44
C ARG D 349 -5.09 -15.07 21.02
N VAL D 350 -5.31 -14.81 19.74
CA VAL D 350 -5.29 -13.46 19.19
C VAL D 350 -6.58 -13.21 18.43
N ILE D 351 -7.02 -11.96 18.43
CA ILE D 351 -8.13 -11.53 17.59
C ILE D 351 -7.73 -10.25 16.87
N GLN D 352 -7.85 -10.27 15.55
CA GLN D 352 -7.67 -9.07 14.72
C GLN D 352 -9.05 -8.46 14.49
N GLY D 353 -9.30 -7.31 15.11
CA GLY D 353 -10.58 -6.65 14.98
C GLY D 353 -10.51 -5.27 14.37
N ASP D 354 -9.52 -5.02 13.51
CA ASP D 354 -9.34 -3.73 12.86
C ASP D 354 -9.14 -3.93 11.37
N GLY D 355 -9.89 -3.18 10.57
CA GLY D 355 -9.77 -3.25 9.12
C GLY D 355 -10.15 -4.57 8.50
N VAL D 356 -11.10 -5.29 9.09
CA VAL D 356 -11.48 -6.63 8.63
C VAL D 356 -12.78 -6.52 7.82
N ASP D 357 -12.69 -6.85 6.54
CA ASP D 357 -13.83 -7.17 5.69
C ASP D 357 -13.52 -8.47 4.97
N ILE D 358 -14.44 -8.92 4.11
CA ILE D 358 -14.27 -10.24 3.50
C ILE D 358 -12.98 -10.30 2.68
N ASN D 359 -12.59 -9.19 2.06
CA ASN D 359 -11.38 -9.18 1.23
C ASN D 359 -10.11 -9.26 2.07
N THR D 360 -10.03 -8.45 3.13
CA THR D 360 -8.83 -8.51 3.98
C THR D 360 -8.84 -9.76 4.86
N LEU D 361 -10.02 -10.25 5.25
CA LEU D 361 -10.09 -11.53 5.94
C LEU D 361 -9.43 -12.62 5.10
N GLN D 362 -9.72 -12.65 3.80
CA GLN D 362 -9.06 -13.59 2.90
C GLN D 362 -7.55 -13.43 2.93
N GLU D 363 -7.07 -12.18 2.80
CA GLU D 363 -5.63 -11.94 2.71
C GLU D 363 -4.90 -12.32 3.99
N ILE D 364 -5.55 -12.22 5.15
CA ILE D 364 -4.89 -12.53 6.41
C ILE D 364 -4.76 -14.04 6.60
N VAL D 365 -5.83 -14.81 6.34
CA VAL D 365 -5.71 -16.24 6.55
C VAL D 365 -4.76 -16.87 5.55
N GLU D 366 -4.73 -16.33 4.33
CA GLU D 366 -3.77 -16.82 3.34
C GLU D 366 -2.34 -16.47 3.73
N GLY D 367 -2.12 -15.23 4.20
CA GLY D 367 -0.79 -14.85 4.65
C GLY D 367 -0.33 -15.64 5.87
N MET D 368 -1.27 -15.97 6.76
CA MET D 368 -0.93 -16.80 7.90
C MET D 368 -0.57 -18.22 7.48
N LYS D 369 -1.29 -18.76 6.49
CA LYS D 369 -1.03 -20.11 6.01
C LYS D 369 0.35 -20.20 5.34
N GLN D 370 0.71 -19.22 4.51
CA GLN D 370 2.02 -19.23 3.87
C GLN D 370 3.15 -19.13 4.87
N LYS D 371 2.90 -18.57 6.05
CA LYS D 371 3.88 -18.52 7.13
C LYS D 371 3.70 -19.64 8.13
N MET D 372 2.96 -20.69 7.76
CA MET D 372 2.85 -21.93 8.54
C MET D 372 2.17 -21.73 9.89
N TRP D 373 1.34 -20.69 10.02
CA TRP D 373 0.59 -20.43 11.24
C TRP D 373 -0.83 -20.97 11.08
N SER D 374 -1.30 -21.69 12.08
CA SER D 374 -2.63 -22.28 12.03
C SER D 374 -3.69 -21.23 12.32
N ILE D 375 -4.84 -21.35 11.64
CA ILE D 375 -5.96 -20.45 11.86
C ILE D 375 -6.63 -20.68 13.22
N GLU D 376 -6.36 -21.81 13.88
CA GLU D 376 -6.81 -21.99 15.25
C GLU D 376 -6.31 -20.90 16.19
N ASN D 377 -5.18 -20.26 15.86
CA ASN D 377 -4.60 -19.22 16.72
C ASN D 377 -5.42 -17.92 16.72
N ILE D 378 -6.21 -17.66 15.69
CA ILE D 378 -6.72 -16.31 15.47
C ILE D 378 -8.24 -16.32 15.33
N ALA D 379 -8.85 -15.23 15.77
CA ALA D 379 -10.25 -14.91 15.49
C ALA D 379 -10.31 -13.52 14.87
N PHE D 380 -11.47 -13.17 14.33
CA PHE D 380 -11.61 -11.92 13.62
C PHE D 380 -12.82 -11.15 14.13
N GLY D 381 -12.62 -9.88 14.44
CA GLY D 381 -13.71 -8.97 14.75
C GLY D 381 -13.92 -8.03 13.58
N SER D 382 -15.17 -7.93 13.15
CA SER D 382 -15.52 -7.06 12.03
C SER D 382 -16.68 -6.18 12.43
N GLY D 383 -16.61 -4.92 12.02
CA GLY D 383 -17.64 -3.97 12.36
C GLY D 383 -18.29 -3.37 11.14
N GLY D 384 -17.77 -2.23 10.69
CA GLY D 384 -18.31 -1.60 9.49
C GLY D 384 -18.28 -2.51 8.28
N GLY D 385 -17.18 -3.25 8.09
CA GLY D 385 -17.10 -4.16 6.97
C GLY D 385 -18.17 -5.24 7.00
N LEU D 386 -18.65 -5.59 8.19
CA LEU D 386 -19.62 -6.66 8.33
C LEU D 386 -21.05 -6.17 8.16
N LEU D 387 -21.36 -5.00 8.70
CA LEU D 387 -22.74 -4.55 8.82
C LEU D 387 -23.04 -3.25 8.08
N GLN D 388 -22.04 -2.50 7.64
CA GLN D 388 -22.27 -1.20 7.01
C GLN D 388 -21.76 -1.10 5.58
N LYS D 389 -20.58 -1.62 5.28
CA LYS D 389 -19.96 -1.53 3.95
C LYS D 389 -20.60 -2.51 2.97
N LEU D 390 -21.90 -2.31 2.73
CA LEU D 390 -22.69 -3.18 1.86
C LEU D 390 -23.79 -2.34 1.23
N THR D 391 -24.16 -2.67 -0.01
CA THR D 391 -25.19 -1.93 -0.72
C THR D 391 -26.12 -2.89 -1.42
N ARG D 392 -27.26 -2.36 -1.84
CA ARG D 392 -28.24 -3.15 -2.59
C ARG D 392 -27.67 -3.65 -3.92
N ASP D 393 -26.61 -3.01 -4.42
CA ASP D 393 -25.96 -3.39 -5.68
C ASP D 393 -25.11 -4.64 -5.57
N LEU D 394 -24.71 -5.02 -4.36
CA LEU D 394 -23.80 -6.15 -4.22
C LEU D 394 -24.42 -7.43 -4.76
N LEU D 395 -25.69 -7.68 -4.41
CA LEU D 395 -26.40 -8.84 -4.91
C LEU D 395 -27.47 -8.47 -5.93
N ASN D 396 -27.54 -7.20 -6.32
CA ASN D 396 -28.52 -6.69 -7.30
C ASN D 396 -29.94 -7.03 -6.87
N CYS D 397 -30.23 -6.79 -5.59
CA CYS D 397 -31.57 -6.99 -5.07
C CYS D 397 -32.54 -6.05 -5.76
N SER D 398 -33.65 -6.61 -6.27
CA SER D 398 -34.54 -5.85 -7.14
C SER D 398 -35.97 -6.36 -7.02
N PHE D 399 -36.91 -5.42 -7.03
CA PHE D 399 -38.34 -5.69 -6.92
C PHE D 399 -39.00 -5.17 -8.18
N LYS D 400 -39.65 -6.06 -8.94
CA LYS D 400 -40.13 -5.72 -10.27
C LYS D 400 -41.50 -6.33 -10.54
N CYS D 401 -42.35 -5.58 -11.21
CA CYS D 401 -43.68 -6.07 -11.59
C CYS D 401 -43.55 -6.98 -12.82
N SER D 402 -44.13 -8.17 -12.74
CA SER D 402 -44.01 -9.13 -13.83
C SER D 402 -45.34 -9.51 -14.48
N TYR D 403 -46.48 -9.14 -13.87
CA TYR D 403 -47.78 -9.57 -14.39
C TYR D 403 -48.84 -8.58 -13.91
N VAL D 404 -49.67 -8.11 -14.85
CA VAL D 404 -50.82 -7.28 -14.52
C VAL D 404 -52.02 -7.76 -15.32
N VAL D 405 -53.21 -7.38 -14.85
CA VAL D 405 -54.47 -7.62 -15.57
C VAL D 405 -55.16 -6.28 -15.74
N THR D 406 -55.54 -5.96 -16.98
CA THR D 406 -56.22 -4.70 -17.28
C THR D 406 -57.35 -4.97 -18.26
N ASN D 407 -58.55 -4.48 -17.93
CA ASN D 407 -59.74 -4.74 -18.72
C ASN D 407 -59.93 -6.24 -18.94
N GLY D 408 -59.71 -7.01 -17.87
CA GLY D 408 -59.82 -8.46 -17.94
C GLY D 408 -58.73 -9.15 -18.74
N LEU D 409 -57.76 -8.43 -19.28
CA LEU D 409 -56.69 -9.02 -20.06
C LEU D 409 -55.42 -9.03 -19.21
N GLY D 410 -54.84 -10.21 -19.03
CA GLY D 410 -53.58 -10.35 -18.32
C GLY D 410 -52.42 -10.29 -19.30
N ILE D 411 -51.40 -9.51 -18.96
CA ILE D 411 -50.23 -9.33 -19.82
C ILE D 411 -48.98 -9.66 -19.01
N ASN D 412 -48.05 -10.40 -19.63
CA ASN D 412 -46.76 -10.68 -19.03
C ASN D 412 -45.85 -9.46 -19.22
N VAL D 413 -45.40 -8.89 -18.12
CA VAL D 413 -44.79 -7.57 -18.09
C VAL D 413 -43.33 -7.70 -17.68
N PHE D 414 -42.48 -6.81 -18.19
CA PHE D 414 -41.05 -6.86 -17.93
C PHE D 414 -40.38 -5.59 -18.44
N LYS D 415 -39.21 -5.29 -17.89
CA LYS D 415 -38.32 -4.29 -18.45
C LYS D 415 -37.16 -4.98 -19.14
N ASP D 416 -36.54 -4.28 -20.08
CA ASP D 416 -35.49 -4.86 -20.90
C ASP D 416 -34.63 -3.77 -21.54
N PRO D 417 -33.89 -3.00 -20.75
CA PRO D 417 -33.19 -1.83 -21.31
C PRO D 417 -32.14 -2.25 -22.32
N VAL D 418 -31.99 -1.42 -23.37
CA VAL D 418 -31.17 -1.81 -24.51
C VAL D 418 -29.70 -1.86 -24.14
N ALA D 419 -29.26 -1.01 -23.21
CA ALA D 419 -27.84 -0.85 -22.93
C ALA D 419 -27.35 -1.66 -21.73
N ASP D 420 -28.22 -2.42 -21.06
CA ASP D 420 -27.80 -3.22 -19.91
C ASP D 420 -28.60 -4.51 -19.87
N PRO D 421 -28.04 -5.62 -20.37
CA PRO D 421 -28.76 -6.89 -20.32
C PRO D 421 -29.00 -7.38 -18.90
N ASN D 422 -28.18 -6.96 -17.93
CA ASN D 422 -28.36 -7.42 -16.56
C ASN D 422 -29.62 -6.90 -15.91
N LYS D 423 -30.27 -5.89 -16.48
CA LYS D 423 -31.47 -5.30 -15.89
C LYS D 423 -32.76 -5.88 -16.45
N ARG D 424 -32.70 -6.82 -17.39
CA ARG D 424 -33.91 -7.48 -17.85
C ARG D 424 -34.56 -8.25 -16.71
N SER D 425 -35.86 -8.04 -16.51
CA SER D 425 -36.60 -8.74 -15.47
C SER D 425 -37.42 -9.87 -16.08
N LYS D 426 -38.05 -10.66 -15.21
CA LYS D 426 -38.79 -11.85 -15.60
C LYS D 426 -40.23 -11.51 -15.96
N LYS D 427 -40.86 -12.42 -16.72
CA LYS D 427 -42.19 -12.24 -17.29
C LYS D 427 -43.22 -13.11 -16.58
N GLY D 428 -44.40 -12.53 -16.30
CA GLY D 428 -45.54 -13.30 -15.85
C GLY D 428 -45.43 -13.83 -14.43
N ARG D 429 -46.39 -14.68 -14.08
CA ARG D 429 -46.43 -15.28 -12.74
C ARG D 429 -45.34 -16.33 -12.60
N LEU D 430 -44.74 -16.39 -11.41
CA LEU D 430 -43.50 -17.12 -11.19
C LEU D 430 -43.66 -18.21 -10.13
N SER D 431 -42.72 -19.14 -10.14
CA SER D 431 -42.65 -20.19 -9.13
C SER D 431 -41.23 -20.74 -9.09
N LEU D 432 -40.83 -21.18 -7.90
CA LEU D 432 -39.54 -21.81 -7.68
C LEU D 432 -39.75 -23.28 -7.33
N HIS D 433 -38.88 -24.17 -7.79
CA HIS D 433 -39.31 -25.57 -7.82
C HIS D 433 -38.44 -26.62 -7.14
N ARG D 434 -37.17 -26.78 -7.52
CA ARG D 434 -36.39 -27.92 -7.06
C ARG D 434 -35.24 -27.48 -6.17
N THR D 435 -34.98 -28.24 -5.11
CA THR D 435 -33.93 -27.92 -4.15
CA THR D 435 -33.93 -27.92 -4.15
C THR D 435 -32.55 -28.21 -4.74
N ASN D 439 -30.63 -28.59 -7.99
CA ASN D 439 -30.68 -27.39 -8.83
C ASN D 439 -32.01 -26.64 -8.68
N PHE D 440 -31.93 -25.31 -8.65
CA PHE D 440 -33.10 -24.45 -8.55
C PHE D 440 -33.44 -23.86 -9.91
N VAL D 441 -34.74 -23.78 -10.20
CA VAL D 441 -35.22 -23.21 -11.45
C VAL D 441 -36.45 -22.34 -11.17
N THR D 442 -36.48 -21.16 -11.76
CA THR D 442 -37.63 -20.27 -11.68
C THR D 442 -38.43 -20.37 -12.97
N LEU D 443 -39.69 -20.75 -12.87
CA LEU D 443 -40.56 -20.86 -14.03
C LEU D 443 -41.34 -19.57 -14.22
N GLU D 444 -41.40 -19.10 -15.45
CA GLU D 444 -42.01 -17.82 -15.79
C GLU D 444 -43.27 -18.02 -16.62
N GLU D 445 -43.98 -16.93 -16.87
CA GLU D 445 -45.15 -16.90 -17.75
C GLU D 445 -46.25 -17.84 -17.24
N GLY D 446 -46.25 -18.13 -15.95
CA GLY D 446 -47.25 -19.00 -15.37
C GLY D 446 -47.12 -20.46 -15.74
N LYS D 447 -45.99 -20.87 -16.31
CA LYS D 447 -45.77 -22.24 -16.74
C LYS D 447 -45.50 -23.21 -15.59
N GLY D 448 -45.46 -22.73 -14.36
CA GLY D 448 -45.20 -23.61 -13.22
C GLY D 448 -46.41 -24.38 -12.74
N ASP D 449 -46.57 -25.62 -13.21
CA ASP D 449 -47.59 -26.53 -12.75
C ASP D 449 -46.94 -27.69 -11.97
N LEU D 450 -47.77 -28.45 -11.26
CA LEU D 450 -47.26 -29.48 -10.38
C LEU D 450 -46.50 -30.56 -11.15
N GLU D 451 -46.88 -30.84 -12.39
CA GLU D 451 -46.17 -31.81 -13.20
C GLU D 451 -44.89 -31.25 -13.81
N GLU D 452 -44.61 -29.97 -13.62
CA GLU D 452 -43.36 -29.37 -14.09
C GLU D 452 -42.22 -29.66 -13.10
N GLY D 454 -42.42 -30.29 -10.01
CA GLY D 454 -42.30 -30.39 -8.57
C GLY D 454 -43.18 -29.39 -7.82
N GLN D 455 -43.07 -29.39 -6.51
CA GLN D 455 -43.84 -28.47 -5.68
C GLN D 455 -43.22 -27.07 -5.73
N ASP D 456 -44.08 -26.06 -5.74
CA ASP D 456 -43.62 -24.68 -5.67
C ASP D 456 -43.01 -24.41 -4.30
N LEU D 457 -41.73 -24.02 -4.27
CA LEU D 457 -41.06 -23.77 -3.01
C LEU D 457 -41.50 -22.48 -2.33
N LEU D 458 -42.24 -21.62 -3.04
CA LEU D 458 -42.78 -20.42 -2.43
C LEU D 458 -44.00 -20.78 -1.58
N HIS D 459 -44.02 -20.28 -0.34
CA HIS D 459 -45.13 -20.51 0.59
C HIS D 459 -45.77 -19.19 0.97
N THR D 460 -47.09 -19.20 1.13
CA THR D 460 -47.79 -18.00 1.56
C THR D 460 -47.36 -17.65 2.99
N VAL D 461 -46.73 -16.49 3.16
CA VAL D 461 -46.32 -16.03 4.47
C VAL D 461 -47.16 -14.88 4.97
N PHE D 462 -47.92 -14.22 4.10
CA PHE D 462 -48.72 -13.06 4.48
C PHE D 462 -49.96 -13.04 3.60
N LYS D 463 -51.10 -12.79 4.22
CA LYS D 463 -52.36 -12.71 3.47
C LYS D 463 -53.33 -11.86 4.27
N ASN D 464 -53.76 -10.74 3.68
CA ASN D 464 -54.86 -9.93 4.23
C ASN D 464 -54.59 -9.50 5.67
N GLY D 465 -53.35 -9.12 5.97
CA GLY D 465 -53.01 -8.59 7.27
C GLY D 465 -52.50 -9.59 8.29
N LYS D 466 -52.45 -10.87 7.96
CA LYS D 466 -52.00 -11.90 8.89
C LYS D 466 -50.74 -12.57 8.38
N VAL D 467 -49.81 -12.81 9.29
CA VAL D 467 -48.68 -13.70 9.01
C VAL D 467 -49.19 -15.13 9.07
N THR D 468 -49.09 -15.84 7.95
CA THR D 468 -49.66 -17.18 7.84
C THR D 468 -48.65 -18.29 8.04
N LYS D 469 -47.36 -18.00 7.93
CA LYS D 469 -46.32 -19.00 8.12
C LYS D 469 -45.11 -18.32 8.74
N SER D 470 -44.62 -18.86 9.85
CA SER D 470 -43.50 -18.30 10.58
C SER D 470 -42.39 -19.33 10.71
N TYR D 471 -41.15 -18.85 10.84
CA TYR D 471 -39.99 -19.70 11.01
C TYR D 471 -39.22 -19.27 12.26
N SER D 472 -38.79 -20.25 13.04
CA SER D 472 -37.95 -19.96 14.20
C SER D 472 -36.51 -19.76 13.74
N PHE D 473 -35.70 -19.14 14.61
CA PHE D 473 -34.32 -18.87 14.25
C PHE D 473 -33.51 -20.16 14.14
N ASP D 474 -33.93 -21.22 14.85
CA ASP D 474 -33.23 -22.49 14.76
C ASP D 474 -33.42 -23.14 13.39
N GLU D 475 -34.63 -23.10 12.83
CA GLU D 475 -34.84 -23.61 11.48
C GLU D 475 -34.06 -22.78 10.47
N ILE D 476 -33.98 -21.46 10.69
CA ILE D 476 -33.24 -20.60 9.78
C ILE D 476 -31.76 -20.98 9.77
N ARG D 477 -31.17 -21.12 10.97
CA ARG D 477 -29.78 -21.54 11.07
C ARG D 477 -29.54 -22.90 10.43
N LYS D 478 -30.47 -23.84 10.63
CA LYS D 478 -30.32 -25.14 9.98
C LYS D 478 -30.35 -25.00 8.47
N ASN D 479 -31.31 -24.23 7.94
CA ASN D 479 -31.43 -24.07 6.49
C ASN D 479 -30.21 -23.41 5.88
N ALA D 480 -29.54 -22.53 6.61
CA ALA D 480 -28.43 -21.75 6.07
C ALA D 480 -27.06 -22.37 6.32
N GLN D 481 -26.99 -23.56 6.91
CA GLN D 481 -25.69 -24.12 7.27
C GLN D 481 -24.87 -24.46 6.02
N LEU D 482 -23.59 -24.73 6.22
CA LEU D 482 -22.66 -25.01 5.13
C LEU D 482 -22.72 -26.49 4.72
N ASN D 483 -21.83 -26.88 3.83
CA ASN D 483 -21.71 -28.26 3.34
C ASN D 483 -22.99 -28.71 2.66
#